data_6XFK
# 
_entry.id   6XFK 
# 
_audit_conform.dict_name       mmcif_pdbx.dic 
_audit_conform.dict_version    5.398 
_audit_conform.dict_location   http://mmcif.pdb.org/dictionaries/ascii/mmcif_pdbx.dic 
# 
loop_
_database_2.database_id 
_database_2.database_code 
_database_2.pdbx_database_accession 
_database_2.pdbx_DOI 
PDB   6XFK         pdb_00006xfk 10.2210/pdb6xfk/pdb 
WWPDB D_1000250090 ?            ?                   
# 
loop_
_pdbx_audit_revision_history.ordinal 
_pdbx_audit_revision_history.data_content_type 
_pdbx_audit_revision_history.major_revision 
_pdbx_audit_revision_history.minor_revision 
_pdbx_audit_revision_history.revision_date 
1 'Structure model' 1 0 2020-09-16 
2 'Structure model' 1 1 2021-02-17 
3 'Structure model' 1 2 2023-10-18 
4 'Structure model' 1 3 2024-11-06 
# 
_pdbx_audit_revision_details.ordinal             1 
_pdbx_audit_revision_details.revision_ordinal    1 
_pdbx_audit_revision_details.data_content_type   'Structure model' 
_pdbx_audit_revision_details.provider            repository 
_pdbx_audit_revision_details.type                'Initial release' 
_pdbx_audit_revision_details.description         ? 
_pdbx_audit_revision_details.details             ? 
# 
loop_
_pdbx_audit_revision_group.ordinal 
_pdbx_audit_revision_group.revision_ordinal 
_pdbx_audit_revision_group.data_content_type 
_pdbx_audit_revision_group.group 
1 2 'Structure model' 'Database references'    
2 3 'Structure model' 'Data collection'        
3 3 'Structure model' 'Database references'    
4 3 'Structure model' 'Refinement description' 
5 4 'Structure model' 'Structure summary'      
# 
loop_
_pdbx_audit_revision_category.ordinal 
_pdbx_audit_revision_category.revision_ordinal 
_pdbx_audit_revision_category.data_content_type 
_pdbx_audit_revision_category.category 
1 2 'Structure model' citation                      
2 3 'Structure model' chem_comp_atom                
3 3 'Structure model' chem_comp_bond                
4 3 'Structure model' database_2                    
5 3 'Structure model' pdbx_initial_refinement_model 
6 4 'Structure model' pdbx_entry_details            
7 4 'Structure model' pdbx_modification_feature     
# 
loop_
_pdbx_audit_revision_item.ordinal 
_pdbx_audit_revision_item.revision_ordinal 
_pdbx_audit_revision_item.data_content_type 
_pdbx_audit_revision_item.item 
1 2 'Structure model' '_citation.journal_volume'                     
2 2 'Structure model' '_citation.page_first'                         
3 2 'Structure model' '_citation.page_last'                          
4 2 'Structure model' '_citation.year'                               
5 3 'Structure model' '_database_2.pdbx_DOI'                         
6 3 'Structure model' '_database_2.pdbx_database_accession'          
7 4 'Structure model' '_pdbx_entry_details.has_protein_modification' 
# 
_pdbx_database_status.status_code                     REL 
_pdbx_database_status.status_code_sf                  REL 
_pdbx_database_status.status_code_mr                  ? 
_pdbx_database_status.entry_id                        6XFK 
_pdbx_database_status.recvd_initial_deposition_date   2020-06-15 
_pdbx_database_status.SG_entry                        N 
_pdbx_database_status.deposit_site                    RCSB 
_pdbx_database_status.process_site                    RCSB 
_pdbx_database_status.status_code_cs                  ? 
_pdbx_database_status.status_code_nmr_data            ? 
_pdbx_database_status.methods_development_category    ? 
_pdbx_database_status.pdb_format_compatible           Y 
# 
loop_
_audit_author.name 
_audit_author.pdbx_ordinal 
_audit_author.identifier_ORCID 
'Majewski, D.D.'    1 0000-0002-0137-1810 
'Okon, M.'          2 ?                   
'Heinkel, F.'       3 ?                   
'Robb, C.S.'        4 ?                   
'Vuckovic, M.'      5 ?                   
'McIntosh, L.P.'    6 0000-0002-6749-7272 
'Strynadka, N.C.J.' 7 0000-0002-4058-9425 
# 
_citation.abstract                  ? 
_citation.abstract_id_CAS           ? 
_citation.book_id_ISBN              ? 
_citation.book_publisher            ? 
_citation.book_publisher_city       ? 
_citation.book_title                ? 
_citation.coordinate_linkage        ? 
_citation.country                   UK 
_citation.database_id_Medline       ? 
_citation.details                   ? 
_citation.id                        primary 
_citation.journal_abbrev            Structure 
_citation.journal_id_ASTM           STRUE6 
_citation.journal_id_CSD            2005 
_citation.journal_id_ISSN           0969-2126 
_citation.journal_full              ? 
_citation.journal_issue             ? 
_citation.journal_volume            29 
_citation.language                  ? 
_citation.page_first                125 
_citation.page_last                 138.e5 
_citation.title                     
;Characterization of the Pilotin-Secretin Complex from the Salmonella enterica Type III Secretion System Using Hybrid Structural Methods.
;
_citation.year                      2021 
_citation.database_id_CSD           ? 
_citation.pdbx_database_id_DOI      10.1016/j.str.2020.08.006 
_citation.pdbx_database_id_PubMed   32877645 
_citation.unpublished_flag          ? 
# 
loop_
_citation_author.citation_id 
_citation_author.name 
_citation_author.ordinal 
_citation_author.identifier_ORCID 
primary 'Majewski, D.D.'    1 ? 
primary 'Okon, M.'          2 ? 
primary 'Heinkel, F.'       3 ? 
primary 'Robb, C.S.'        4 ? 
primary 'Vuckovic, M.'      5 ? 
primary 'McIntosh, L.P.'    6 ? 
primary 'Strynadka, N.C.J.' 7 ? 
# 
loop_
_entity.id 
_entity.type 
_entity.src_method 
_entity.pdbx_description 
_entity.formula_weight 
_entity.pdbx_number_of_molecules 
_entity.pdbx_ec 
_entity.pdbx_mutation 
_entity.pdbx_fragment 
_entity.details 
1 polymer     man 'Type 3 secretion system pilotin'  8090.240 1  ? ? ? ? 
2 polymer     syn 'Type 3 secretion system secretin' 2023.296 1  ? ? ? ? 
3 non-polymer syn 'SULFATE ION'                      96.063   2  ? ? ? ? 
4 water       nat water                              18.015   69 ? ? ? ? 
# 
loop_
_entity_name_com.entity_id 
_entity_name_com.name 
1 'Invasion lipoprotein invH'  
2 'T3SS secretin,Protein InvG' 
# 
loop_
_entity_poly.entity_id 
_entity_poly.type 
_entity_poly.nstd_linkage 
_entity_poly.nstd_monomer 
_entity_poly.pdbx_seq_one_letter_code 
_entity_poly.pdbx_seq_one_letter_code_can 
_entity_poly.pdbx_strand_id 
_entity_poly.pdbx_target_identifier 
1 'polypeptide(L)' no no GSHMFCEKYKQTKEQALTFFQEHPQYMRSKEDEEQLMTEFKKVLLEPGSKNLSIYQTLLAAHERLQAL 
GSHMFCEKYKQTKEQALTFFQEHPQYMRSKEDEEQLMTEFKKVLLEPGSKNLSIYQTLLAAHERLQAL A ? 
2 'polypeptide(L)' no no DDKLQKWVRVYLDRGQ                                                     DDKLQKWVRVYLDRGQ B ? 
# 
loop_
_pdbx_entity_nonpoly.entity_id 
_pdbx_entity_nonpoly.name 
_pdbx_entity_nonpoly.comp_id 
3 'SULFATE ION' SO4 
4 water         HOH 
# 
loop_
_entity_poly_seq.entity_id 
_entity_poly_seq.num 
_entity_poly_seq.mon_id 
_entity_poly_seq.hetero 
1 1  GLY n 
1 2  SER n 
1 3  HIS n 
1 4  MET n 
1 5  PHE n 
1 6  CYS n 
1 7  GLU n 
1 8  LYS n 
1 9  TYR n 
1 10 LYS n 
1 11 GLN n 
1 12 THR n 
1 13 LYS n 
1 14 GLU n 
1 15 GLN n 
1 16 ALA n 
1 17 LEU n 
1 18 THR n 
1 19 PHE n 
1 20 PHE n 
1 21 GLN n 
1 22 GLU n 
1 23 HIS n 
1 24 PRO n 
1 25 GLN n 
1 26 TYR n 
1 27 MET n 
1 28 ARG n 
1 29 SER n 
1 30 LYS n 
1 31 GLU n 
1 32 ASP n 
1 33 GLU n 
1 34 GLU n 
1 35 GLN n 
1 36 LEU n 
1 37 MET n 
1 38 THR n 
1 39 GLU n 
1 40 PHE n 
1 41 LYS n 
1 42 LYS n 
1 43 VAL n 
1 44 LEU n 
1 45 LEU n 
1 46 GLU n 
1 47 PRO n 
1 48 GLY n 
1 49 SER n 
1 50 LYS n 
1 51 ASN n 
1 52 LEU n 
1 53 SER n 
1 54 ILE n 
1 55 TYR n 
1 56 GLN n 
1 57 THR n 
1 58 LEU n 
1 59 LEU n 
1 60 ALA n 
1 61 ALA n 
1 62 HIS n 
1 63 GLU n 
1 64 ARG n 
1 65 LEU n 
1 66 GLN n 
1 67 ALA n 
1 68 LEU n 
2 1  ASP n 
2 2  ASP n 
2 3  LYS n 
2 4  LEU n 
2 5  GLN n 
2 6  LYS n 
2 7  TRP n 
2 8  VAL n 
2 9  ARG n 
2 10 VAL n 
2 11 TYR n 
2 12 LEU n 
2 13 ASP n 
2 14 ARG n 
2 15 GLY n 
2 16 GLN n 
# 
_entity_src_gen.entity_id                          1 
_entity_src_gen.pdbx_src_id                        1 
_entity_src_gen.pdbx_alt_source_flag               sample 
_entity_src_gen.pdbx_seq_type                      'Biological sequence' 
_entity_src_gen.pdbx_beg_seq_num                   1 
_entity_src_gen.pdbx_end_seq_num                   68 
_entity_src_gen.gene_src_common_name               ? 
_entity_src_gen.gene_src_genus                     ? 
_entity_src_gen.pdbx_gene_src_gene                 'invH, sctG, STM2900' 
_entity_src_gen.gene_src_species                   ? 
_entity_src_gen.gene_src_strain                    'LT2 / SGSC1412 / ATCC 700720' 
_entity_src_gen.gene_src_tissue                    ? 
_entity_src_gen.gene_src_tissue_fraction           ? 
_entity_src_gen.gene_src_details                   ? 
_entity_src_gen.pdbx_gene_src_fragment             ? 
_entity_src_gen.pdbx_gene_src_scientific_name      'Salmonella typhimurium (strain LT2 / SGSC1412 / ATCC 700720)' 
_entity_src_gen.pdbx_gene_src_ncbi_taxonomy_id     99287 
_entity_src_gen.pdbx_gene_src_variant              ? 
_entity_src_gen.pdbx_gene_src_cell_line            ? 
_entity_src_gen.pdbx_gene_src_atcc                 ? 
_entity_src_gen.pdbx_gene_src_organ                ? 
_entity_src_gen.pdbx_gene_src_organelle            ? 
_entity_src_gen.pdbx_gene_src_cell                 ? 
_entity_src_gen.pdbx_gene_src_cellular_location    ? 
_entity_src_gen.host_org_common_name               ? 
_entity_src_gen.pdbx_host_org_scientific_name      'Escherichia coli BL21(DE3)' 
_entity_src_gen.pdbx_host_org_ncbi_taxonomy_id     469008 
_entity_src_gen.host_org_genus                     ? 
_entity_src_gen.pdbx_host_org_gene                 ? 
_entity_src_gen.pdbx_host_org_organ                ? 
_entity_src_gen.host_org_species                   ? 
_entity_src_gen.pdbx_host_org_tissue               ? 
_entity_src_gen.pdbx_host_org_tissue_fraction      ? 
_entity_src_gen.pdbx_host_org_strain               ? 
_entity_src_gen.pdbx_host_org_variant              ? 
_entity_src_gen.pdbx_host_org_cell_line            ? 
_entity_src_gen.pdbx_host_org_atcc                 ? 
_entity_src_gen.pdbx_host_org_culture_collection   ? 
_entity_src_gen.pdbx_host_org_cell                 ? 
_entity_src_gen.pdbx_host_org_organelle            ? 
_entity_src_gen.pdbx_host_org_cellular_location    ? 
_entity_src_gen.pdbx_host_org_vector_type          ? 
_entity_src_gen.pdbx_host_org_vector               ? 
_entity_src_gen.host_org_details                   ? 
_entity_src_gen.expression_system_id               ? 
_entity_src_gen.plasmid_name                       ? 
_entity_src_gen.plasmid_details                    ? 
_entity_src_gen.pdbx_description                   ? 
# 
_pdbx_entity_src_syn.entity_id              2 
_pdbx_entity_src_syn.pdbx_src_id            1 
_pdbx_entity_src_syn.pdbx_alt_source_flag   sample 
_pdbx_entity_src_syn.pdbx_beg_seq_num       1 
_pdbx_entity_src_syn.pdbx_end_seq_num       16 
_pdbx_entity_src_syn.organism_scientific    'Salmonella typhimurium (strain LT2 / SGSC1412 / ATCC 700720)' 
_pdbx_entity_src_syn.organism_common_name   ? 
_pdbx_entity_src_syn.ncbi_taxonomy_id       99287 
_pdbx_entity_src_syn.details                ? 
# 
loop_
_chem_comp.id 
_chem_comp.type 
_chem_comp.mon_nstd_flag 
_chem_comp.name 
_chem_comp.pdbx_synonyms 
_chem_comp.formula 
_chem_comp.formula_weight 
ALA 'L-peptide linking' y ALANINE         ? 'C3 H7 N O2'     89.093  
ARG 'L-peptide linking' y ARGININE        ? 'C6 H15 N4 O2 1' 175.209 
ASN 'L-peptide linking' y ASPARAGINE      ? 'C4 H8 N2 O3'    132.118 
ASP 'L-peptide linking' y 'ASPARTIC ACID' ? 'C4 H7 N O4'     133.103 
CYS 'L-peptide linking' y CYSTEINE        ? 'C3 H7 N O2 S'   121.158 
GLN 'L-peptide linking' y GLUTAMINE       ? 'C5 H10 N2 O3'   146.144 
GLU 'L-peptide linking' y 'GLUTAMIC ACID' ? 'C5 H9 N O4'     147.129 
GLY 'peptide linking'   y GLYCINE         ? 'C2 H5 N O2'     75.067  
HIS 'L-peptide linking' y HISTIDINE       ? 'C6 H10 N3 O2 1' 156.162 
HOH non-polymer         . WATER           ? 'H2 O'           18.015  
ILE 'L-peptide linking' y ISOLEUCINE      ? 'C6 H13 N O2'    131.173 
LEU 'L-peptide linking' y LEUCINE         ? 'C6 H13 N O2'    131.173 
LYS 'L-peptide linking' y LYSINE          ? 'C6 H15 N2 O2 1' 147.195 
MET 'L-peptide linking' y METHIONINE      ? 'C5 H11 N O2 S'  149.211 
PHE 'L-peptide linking' y PHENYLALANINE   ? 'C9 H11 N O2'    165.189 
PRO 'L-peptide linking' y PROLINE         ? 'C5 H9 N O2'     115.130 
SER 'L-peptide linking' y SERINE          ? 'C3 H7 N O3'     105.093 
SO4 non-polymer         . 'SULFATE ION'   ? 'O4 S -2'        96.063  
THR 'L-peptide linking' y THREONINE       ? 'C4 H9 N O3'     119.119 
TRP 'L-peptide linking' y TRYPTOPHAN      ? 'C11 H12 N2 O2'  204.225 
TYR 'L-peptide linking' y TYROSINE        ? 'C9 H11 N O3'    181.189 
VAL 'L-peptide linking' y VALINE          ? 'C5 H11 N O2'    117.146 
# 
loop_
_pdbx_poly_seq_scheme.asym_id 
_pdbx_poly_seq_scheme.entity_id 
_pdbx_poly_seq_scheme.seq_id 
_pdbx_poly_seq_scheme.mon_id 
_pdbx_poly_seq_scheme.ndb_seq_num 
_pdbx_poly_seq_scheme.pdb_seq_num 
_pdbx_poly_seq_scheme.auth_seq_num 
_pdbx_poly_seq_scheme.pdb_mon_id 
_pdbx_poly_seq_scheme.auth_mon_id 
_pdbx_poly_seq_scheme.pdb_strand_id 
_pdbx_poly_seq_scheme.pdb_ins_code 
_pdbx_poly_seq_scheme.hetero 
A 1 1  GLY 1  80  ?   ?   ?   A . n 
A 1 2  SER 2  81  ?   ?   ?   A . n 
A 1 3  HIS 3  82  ?   ?   ?   A . n 
A 1 4  MET 4  83  ?   ?   ?   A . n 
A 1 5  PHE 5  84  84  PHE PHE A . n 
A 1 6  CYS 6  85  85  CYS CYS A . n 
A 1 7  GLU 7  86  86  GLU GLU A . n 
A 1 8  LYS 8  87  87  LYS LYS A . n 
A 1 9  TYR 9  88  88  TYR TYR A . n 
A 1 10 LYS 10 89  89  LYS LYS A . n 
A 1 11 GLN 11 90  90  GLN GLN A . n 
A 1 12 THR 12 91  91  THR THR A . n 
A 1 13 LYS 13 92  92  LYS LYS A . n 
A 1 14 GLU 14 93  93  GLU GLU A . n 
A 1 15 GLN 15 94  94  GLN GLN A . n 
A 1 16 ALA 16 95  95  ALA ALA A . n 
A 1 17 LEU 17 96  96  LEU LEU A . n 
A 1 18 THR 18 97  97  THR THR A . n 
A 1 19 PHE 19 98  98  PHE PHE A . n 
A 1 20 PHE 20 99  99  PHE PHE A . n 
A 1 21 GLN 21 100 100 GLN GLN A . n 
A 1 22 GLU 22 101 101 GLU GLU A . n 
A 1 23 HIS 23 102 102 HIS HIS A . n 
A 1 24 PRO 24 103 103 PRO PRO A . n 
A 1 25 GLN 25 104 104 GLN GLN A . n 
A 1 26 TYR 26 105 105 TYR TYR A . n 
A 1 27 MET 27 106 106 MET MET A . n 
A 1 28 ARG 28 107 107 ARG ARG A . n 
A 1 29 SER 29 108 108 SER SER A . n 
A 1 30 LYS 30 109 109 LYS LYS A . n 
A 1 31 GLU 31 110 110 GLU GLU A . n 
A 1 32 ASP 32 111 111 ASP ASP A . n 
A 1 33 GLU 33 112 112 GLU GLU A . n 
A 1 34 GLU 34 113 113 GLU GLU A . n 
A 1 35 GLN 35 114 114 GLN GLN A . n 
A 1 36 LEU 36 115 115 LEU LEU A . n 
A 1 37 MET 37 116 116 MET MET A . n 
A 1 38 THR 38 117 117 THR THR A . n 
A 1 39 GLU 39 118 118 GLU GLU A . n 
A 1 40 PHE 40 119 119 PHE PHE A . n 
A 1 41 LYS 41 120 120 LYS LYS A . n 
A 1 42 LYS 42 121 121 LYS LYS A . n 
A 1 43 VAL 43 122 122 VAL VAL A . n 
A 1 44 LEU 44 123 123 LEU LEU A . n 
A 1 45 LEU 45 124 124 LEU LEU A . n 
A 1 46 GLU 46 125 125 GLU GLU A . n 
A 1 47 PRO 47 126 126 PRO PRO A . n 
A 1 48 GLY 48 127 127 GLY GLY A . n 
A 1 49 SER 49 128 128 SER SER A . n 
A 1 50 LYS 50 129 129 LYS LYS A . n 
A 1 51 ASN 51 130 130 ASN ASN A . n 
A 1 52 LEU 52 131 131 LEU LEU A . n 
A 1 53 SER 53 132 132 SER SER A . n 
A 1 54 ILE 54 133 133 ILE ILE A . n 
A 1 55 TYR 55 134 134 TYR TYR A . n 
A 1 56 GLN 56 135 135 GLN GLN A . n 
A 1 57 THR 57 136 136 THR THR A . n 
A 1 58 LEU 58 137 137 LEU LEU A . n 
A 1 59 LEU 59 138 138 LEU LEU A . n 
A 1 60 ALA 60 139 139 ALA ALA A . n 
A 1 61 ALA 61 140 140 ALA ALA A . n 
A 1 62 HIS 62 141 141 HIS HIS A . n 
A 1 63 GLU 63 142 142 GLU GLU A . n 
A 1 64 ARG 64 143 143 ARG ARG A . n 
A 1 65 LEU 65 144 144 LEU LEU A . n 
A 1 66 GLN 66 145 145 GLN GLN A . n 
A 1 67 ALA 67 146 146 ALA ALA A . n 
A 1 68 LEU 68 147 ?   ?   ?   A . n 
B 2 1  ASP 1  543 ?   ?   ?   B . n 
B 2 2  ASP 2  544 ?   ?   ?   B . n 
B 2 3  LYS 3  545 ?   ?   ?   B . n 
B 2 4  LEU 4  546 546 LEU LEU B . n 
B 2 5  GLN 5  547 547 GLN GLN B . n 
B 2 6  LYS 6  548 548 LYS LYS B . n 
B 2 7  TRP 7  549 549 TRP TRP B . n 
B 2 8  VAL 8  550 550 VAL VAL B . n 
B 2 9  ARG 9  551 551 ARG ARG B . n 
B 2 10 VAL 10 552 552 VAL VAL B . n 
B 2 11 TYR 11 553 553 TYR TYR B . n 
B 2 12 LEU 12 554 554 LEU LEU B . n 
B 2 13 ASP 13 555 555 ASP ASP B . n 
B 2 14 ARG 14 556 556 ARG ARG B . n 
B 2 15 GLY 15 557 ?   ?   ?   B . n 
B 2 16 GLN 16 558 ?   ?   ?   B . n 
# 
loop_
_pdbx_nonpoly_scheme.asym_id 
_pdbx_nonpoly_scheme.entity_id 
_pdbx_nonpoly_scheme.mon_id 
_pdbx_nonpoly_scheme.ndb_seq_num 
_pdbx_nonpoly_scheme.pdb_seq_num 
_pdbx_nonpoly_scheme.auth_seq_num 
_pdbx_nonpoly_scheme.pdb_mon_id 
_pdbx_nonpoly_scheme.auth_mon_id 
_pdbx_nonpoly_scheme.pdb_strand_id 
_pdbx_nonpoly_scheme.pdb_ins_code 
C 3 SO4 1  201 1  SO4 SO4 A . 
D 3 SO4 1  202 2  SO4 SO4 A . 
E 4 HOH 1  301 3  HOH HOH A . 
E 4 HOH 2  302 7  HOH HOH A . 
E 4 HOH 3  303 17 HOH HOH A . 
E 4 HOH 4  304 27 HOH HOH A . 
E 4 HOH 5  305 21 HOH HOH A . 
E 4 HOH 6  306 10 HOH HOH A . 
E 4 HOH 7  307 13 HOH HOH A . 
E 4 HOH 8  308 16 HOH HOH A . 
E 4 HOH 9  309 32 HOH HOH A . 
E 4 HOH 10 310 42 HOH HOH A . 
E 4 HOH 11 311 22 HOH HOH A . 
E 4 HOH 12 312 28 HOH HOH A . 
E 4 HOH 13 313 3  HOH HOH A . 
E 4 HOH 14 314 2  HOH HOH A . 
E 4 HOH 15 315 32 HOH HOH A . 
E 4 HOH 16 316 33 HOH HOH A . 
E 4 HOH 17 317 8  HOH HOH A . 
E 4 HOH 18 318 4  HOH HOH A . 
E 4 HOH 19 319 6  HOH HOH A . 
E 4 HOH 20 320 1  HOH HOH A . 
E 4 HOH 21 321 20 HOH HOH A . 
E 4 HOH 22 322 17 HOH HOH A . 
E 4 HOH 23 323 19 HOH HOH A . 
E 4 HOH 24 324 15 HOH HOH A . 
E 4 HOH 25 325 10 HOH HOH A . 
E 4 HOH 26 326 30 HOH HOH A . 
E 4 HOH 27 327 5  HOH HOH A . 
E 4 HOH 28 328 24 HOH HOH A . 
E 4 HOH 29 329 7  HOH HOH A . 
E 4 HOH 30 330 31 HOH HOH A . 
E 4 HOH 31 331 21 HOH HOH A . 
E 4 HOH 32 332 13 HOH HOH A . 
E 4 HOH 33 333 2  HOH HOH A . 
E 4 HOH 34 334 9  HOH HOH A . 
E 4 HOH 35 335 12 HOH HOH A . 
E 4 HOH 36 336 35 HOH HOH A . 
E 4 HOH 37 337 29 HOH HOH A . 
E 4 HOH 38 338 22 HOH HOH A . 
E 4 HOH 39 339 26 HOH HOH A . 
E 4 HOH 40 340 45 HOH HOH A . 
E 4 HOH 41 341 29 HOH HOH A . 
E 4 HOH 42 342 16 HOH HOH A . 
E 4 HOH 43 343 28 HOH HOH A . 
E 4 HOH 44 344 26 HOH HOH A . 
E 4 HOH 45 345 18 HOH HOH A . 
E 4 HOH 46 346 14 HOH HOH A . 
E 4 HOH 47 347 30 HOH HOH A . 
E 4 HOH 48 348 12 HOH HOH A . 
E 4 HOH 49 349 24 HOH HOH A . 
E 4 HOH 50 350 11 HOH HOH A . 
E 4 HOH 51 351 34 HOH HOH A . 
E 4 HOH 52 352 18 HOH HOH A . 
E 4 HOH 53 353 19 HOH HOH A . 
E 4 HOH 54 354 25 HOH HOH A . 
E 4 HOH 55 355 37 HOH HOH A . 
E 4 HOH 56 356 20 HOH HOH A . 
E 4 HOH 57 357 9  HOH HOH A . 
E 4 HOH 58 358 23 HOH HOH A . 
E 4 HOH 59 359 14 HOH HOH A . 
E 4 HOH 60 360 39 HOH HOH A . 
E 4 HOH 61 361 46 HOH HOH A . 
F 4 HOH 1  601 15 HOH HOH B . 
F 4 HOH 2  602 27 HOH HOH B . 
F 4 HOH 3  603 6  HOH HOH B . 
F 4 HOH 4  604 11 HOH HOH B . 
F 4 HOH 5  605 23 HOH HOH B . 
F 4 HOH 6  606 5  HOH HOH B . 
F 4 HOH 7  607 1  HOH HOH B . 
F 4 HOH 8  608 31 HOH HOH B . 
# 
loop_
_pdbx_unobs_or_zero_occ_atoms.id 
_pdbx_unobs_or_zero_occ_atoms.PDB_model_num 
_pdbx_unobs_or_zero_occ_atoms.polymer_flag 
_pdbx_unobs_or_zero_occ_atoms.occupancy_flag 
_pdbx_unobs_or_zero_occ_atoms.auth_asym_id 
_pdbx_unobs_or_zero_occ_atoms.auth_comp_id 
_pdbx_unobs_or_zero_occ_atoms.auth_seq_id 
_pdbx_unobs_or_zero_occ_atoms.PDB_ins_code 
_pdbx_unobs_or_zero_occ_atoms.auth_atom_id 
_pdbx_unobs_or_zero_occ_atoms.label_alt_id 
_pdbx_unobs_or_zero_occ_atoms.label_asym_id 
_pdbx_unobs_or_zero_occ_atoms.label_comp_id 
_pdbx_unobs_or_zero_occ_atoms.label_seq_id 
_pdbx_unobs_or_zero_occ_atoms.label_atom_id 
1  1 Y 1 A LYS 89  ? CG  ? A LYS 10 CG  
2  1 Y 1 A LYS 89  ? CD  ? A LYS 10 CD  
3  1 Y 1 A LYS 89  ? CE  ? A LYS 10 CE  
4  1 Y 1 A LYS 89  ? NZ  ? A LYS 10 NZ  
5  1 Y 1 A LYS 92  ? CG  ? A LYS 13 CG  
6  1 Y 1 A LYS 92  ? CD  ? A LYS 13 CD  
7  1 Y 1 A LYS 92  ? CE  ? A LYS 13 CE  
8  1 Y 1 A LYS 92  ? NZ  ? A LYS 13 NZ  
9  1 Y 1 A LYS 109 ? CG  ? A LYS 30 CG  
10 1 Y 1 A LYS 109 ? CD  ? A LYS 30 CD  
11 1 Y 1 A LYS 109 ? CE  ? A LYS 30 CE  
12 1 Y 1 A LYS 109 ? NZ  ? A LYS 30 NZ  
13 1 Y 1 A GLN 114 ? CG  ? A GLN 35 CG  
14 1 Y 1 A GLN 114 ? CD  ? A GLN 35 CD  
15 1 Y 1 A GLN 114 ? OE1 ? A GLN 35 OE1 
16 1 Y 1 A GLN 114 ? NE2 ? A GLN 35 NE2 
# 
loop_
_software.citation_id 
_software.classification 
_software.compiler_name 
_software.compiler_version 
_software.contact_author 
_software.contact_author_email 
_software.date 
_software.description 
_software.dependencies 
_software.hardware 
_software.language 
_software.location 
_software.mods 
_software.name 
_software.os 
_software.os_version 
_software.type 
_software.version 
_software.pdbx_ordinal 
? refinement        ? ? ? ? ? ? ? ? ? ? ? REFMAC      ? ? ? 5.8.0258 1 
? 'data extraction' ? ? ? ? ? ? ? ? ? ? ? PDB_EXTRACT ? ? ? 3.25     2 
? 'data reduction'  ? ? ? ? ? ? ? ? ? ? ? DIALS       ? ? ? .        3 
? 'data scaling'    ? ? ? ? ? ? ? ? ? ? ? Aimless     ? ? ? .        4 
? phasing           ? ? ? ? ? ? ? ? ? ? ? PHASER      ? ? ? .        5 
# 
_cell.angle_alpha                  90.000 
_cell.angle_alpha_esd              ? 
_cell.angle_beta                   90.000 
_cell.angle_beta_esd               ? 
_cell.angle_gamma                  120.000 
_cell.angle_gamma_esd              ? 
_cell.entry_id                     6XFK 
_cell.details                      ? 
_cell.formula_units_Z              ? 
_cell.length_a                     36.313 
_cell.length_a_esd                 ? 
_cell.length_b                     36.313 
_cell.length_b_esd                 ? 
_cell.length_c                     221.602 
_cell.length_c_esd                 ? 
_cell.volume                       ? 
_cell.volume_esd                   ? 
_cell.Z_PDB                        12 
_cell.reciprocal_angle_alpha       ? 
_cell.reciprocal_angle_beta        ? 
_cell.reciprocal_angle_gamma       ? 
_cell.reciprocal_angle_alpha_esd   ? 
_cell.reciprocal_angle_beta_esd    ? 
_cell.reciprocal_angle_gamma_esd   ? 
_cell.reciprocal_length_a          ? 
_cell.reciprocal_length_b          ? 
_cell.reciprocal_length_c          ? 
_cell.reciprocal_length_a_esd      ? 
_cell.reciprocal_length_b_esd      ? 
_cell.reciprocal_length_c_esd      ? 
_cell.pdbx_unique_axis             ? 
# 
_symmetry.entry_id                         6XFK 
_symmetry.cell_setting                     ? 
_symmetry.Int_Tables_number                179 
_symmetry.space_group_name_Hall            ? 
_symmetry.space_group_name_H-M             'P 65 2 2' 
_symmetry.pdbx_full_space_group_name_H-M   ? 
# 
_exptl.absorpt_coefficient_mu     ? 
_exptl.absorpt_correction_T_max   ? 
_exptl.absorpt_correction_T_min   ? 
_exptl.absorpt_correction_type    ? 
_exptl.absorpt_process_details    ? 
_exptl.entry_id                   6XFK 
_exptl.crystals_number            1 
_exptl.details                    ? 
_exptl.method                     'X-RAY DIFFRACTION' 
_exptl.method_details             ? 
# 
_exptl_crystal.colour                      ? 
_exptl_crystal.density_diffrn              ? 
_exptl_crystal.density_Matthews            2.09 
_exptl_crystal.density_method              ? 
_exptl_crystal.density_percent_sol         41.01 
_exptl_crystal.description                 ? 
_exptl_crystal.F_000                       ? 
_exptl_crystal.id                          1 
_exptl_crystal.preparation                 ? 
_exptl_crystal.size_max                    ? 
_exptl_crystal.size_mid                    ? 
_exptl_crystal.size_min                    ? 
_exptl_crystal.size_rad                    ? 
_exptl_crystal.colour_lustre               ? 
_exptl_crystal.colour_modifier             ? 
_exptl_crystal.colour_primary              ? 
_exptl_crystal.density_meas                ? 
_exptl_crystal.density_meas_esd            ? 
_exptl_crystal.density_meas_gt             ? 
_exptl_crystal.density_meas_lt             ? 
_exptl_crystal.density_meas_temp           ? 
_exptl_crystal.density_meas_temp_esd       ? 
_exptl_crystal.density_meas_temp_gt        ? 
_exptl_crystal.density_meas_temp_lt        ? 
_exptl_crystal.pdbx_crystal_image_url      ? 
_exptl_crystal.pdbx_crystal_image_format   ? 
_exptl_crystal.pdbx_mosaicity              ? 
_exptl_crystal.pdbx_mosaicity_esd          ? 
# 
_exptl_crystal_grow.apparatus       ? 
_exptl_crystal_grow.atmosphere      ? 
_exptl_crystal_grow.crystal_id      1 
_exptl_crystal_grow.details         ? 
_exptl_crystal_grow.method          'VAPOR DIFFUSION, HANGING DROP' 
_exptl_crystal_grow.method_ref      ? 
_exptl_crystal_grow.pH              4.0 
_exptl_crystal_grow.pressure        ? 
_exptl_crystal_grow.pressure_esd    ? 
_exptl_crystal_grow.seeding         ? 
_exptl_crystal_grow.seeding_ref     ? 
_exptl_crystal_grow.temp            291 
_exptl_crystal_grow.temp_details    ? 
_exptl_crystal_grow.temp_esd        ? 
_exptl_crystal_grow.time            ? 
_exptl_crystal_grow.pdbx_details    '0.5 M lithium sulfate, 8.3% PEG 6000, 100 mM sodium acetate' 
_exptl_crystal_grow.pdbx_pH_range   ? 
# 
_diffrn.ambient_environment              ? 
_diffrn.ambient_temp                     100 
_diffrn.ambient_temp_details             ? 
_diffrn.ambient_temp_esd                 ? 
_diffrn.crystal_id                       1 
_diffrn.crystal_support                  ? 
_diffrn.crystal_treatment                ? 
_diffrn.details                          ? 
_diffrn.id                               1 
_diffrn.ambient_pressure                 ? 
_diffrn.ambient_pressure_esd             ? 
_diffrn.ambient_pressure_gt              ? 
_diffrn.ambient_pressure_lt              ? 
_diffrn.ambient_temp_gt                  ? 
_diffrn.ambient_temp_lt                  ? 
_diffrn.pdbx_serial_crystal_experiment   N 
# 
_diffrn_detector.details                      ? 
_diffrn_detector.detector                     PIXEL 
_diffrn_detector.diffrn_id                    1 
_diffrn_detector.type                         'DECTRIS PILATUS3 6M' 
_diffrn_detector.area_resol_mean              ? 
_diffrn_detector.dtime                        ? 
_diffrn_detector.pdbx_frames_total            ? 
_diffrn_detector.pdbx_collection_time_total   ? 
_diffrn_detector.pdbx_collection_date         2020-03-07 
_diffrn_detector.pdbx_frequency               ? 
# 
_diffrn_radiation.collimation                      ? 
_diffrn_radiation.diffrn_id                        1 
_diffrn_radiation.filter_edge                      ? 
_diffrn_radiation.inhomogeneity                    ? 
_diffrn_radiation.monochromator                    ? 
_diffrn_radiation.polarisn_norm                    ? 
_diffrn_radiation.polarisn_ratio                   ? 
_diffrn_radiation.probe                            ? 
_diffrn_radiation.type                             ? 
_diffrn_radiation.xray_symbol                      ? 
_diffrn_radiation.wavelength_id                    1 
_diffrn_radiation.pdbx_monochromatic_or_laue_m_l   M 
_diffrn_radiation.pdbx_wavelength_list             ? 
_diffrn_radiation.pdbx_wavelength                  ? 
_diffrn_radiation.pdbx_diffrn_protocol             'SINGLE WAVELENGTH' 
_diffrn_radiation.pdbx_analyzer                    ? 
_diffrn_radiation.pdbx_scattering_type             x-ray 
# 
_diffrn_radiation_wavelength.id           1 
_diffrn_radiation_wavelength.wavelength   1.00 
_diffrn_radiation_wavelength.wt           1.0 
# 
_diffrn_source.current                     ? 
_diffrn_source.details                     ? 
_diffrn_source.diffrn_id                   1 
_diffrn_source.power                       ? 
_diffrn_source.size                        ? 
_diffrn_source.source                      SYNCHROTRON 
_diffrn_source.target                      ? 
_diffrn_source.type                        'ALS BEAMLINE 5.0.2' 
_diffrn_source.voltage                     ? 
_diffrn_source.take-off_angle              ? 
_diffrn_source.pdbx_wavelength_list        1.00 
_diffrn_source.pdbx_wavelength             ? 
_diffrn_source.pdbx_synchrotron_beamline   5.0.2 
_diffrn_source.pdbx_synchrotron_site       ALS 
# 
_reflns.B_iso_Wilson_estimate            ? 
_reflns.entry_id                         6XFK 
_reflns.data_reduction_details           ? 
_reflns.data_reduction_method            ? 
_reflns.d_resolution_high                1.85 
_reflns.d_resolution_low                 36.93 
_reflns.details                          ? 
_reflns.limit_h_max                      ? 
_reflns.limit_h_min                      ? 
_reflns.limit_k_max                      ? 
_reflns.limit_k_min                      ? 
_reflns.limit_l_max                      ? 
_reflns.limit_l_min                      ? 
_reflns.number_all                       ? 
_reflns.number_obs                       8226 
_reflns.observed_criterion               ? 
_reflns.observed_criterion_F_max         ? 
_reflns.observed_criterion_F_min         ? 
_reflns.observed_criterion_I_max         ? 
_reflns.observed_criterion_I_min         ? 
_reflns.observed_criterion_sigma_F       ? 
_reflns.observed_criterion_sigma_I       ? 
_reflns.percent_possible_obs             99.5 
_reflns.R_free_details                   ? 
_reflns.Rmerge_F_all                     ? 
_reflns.Rmerge_F_obs                     ? 
_reflns.Friedel_coverage                 ? 
_reflns.number_gt                        ? 
_reflns.threshold_expression             ? 
_reflns.pdbx_redundancy                  16.5 
_reflns.pdbx_Rmerge_I_obs                ? 
_reflns.pdbx_Rmerge_I_all                ? 
_reflns.pdbx_Rsym_value                  ? 
_reflns.pdbx_netI_over_av_sigmaI         ? 
_reflns.pdbx_netI_over_sigmaI            16.8 
_reflns.pdbx_res_netI_over_av_sigmaI_2   ? 
_reflns.pdbx_res_netI_over_sigmaI_2      ? 
_reflns.pdbx_chi_squared                 ? 
_reflns.pdbx_scaling_rejects             ? 
_reflns.pdbx_d_res_high_opt              ? 
_reflns.pdbx_d_res_low_opt               ? 
_reflns.pdbx_d_res_opt_method            ? 
_reflns.phase_calculation_details        ? 
_reflns.pdbx_Rrim_I_all                  ? 
_reflns.pdbx_Rpim_I_all                  ? 
_reflns.pdbx_d_opt                       ? 
_reflns.pdbx_number_measured_all         ? 
_reflns.pdbx_diffrn_id                   1 
_reflns.pdbx_ordinal                     1 
_reflns.pdbx_CC_half                     1 
_reflns.pdbx_CC_star                     ? 
_reflns.pdbx_R_split                     ? 
# 
_reflns_shell.d_res_high                  1.85 
_reflns_shell.d_res_low                   1.92 
_reflns_shell.meanI_over_sigI_all         ? 
_reflns_shell.meanI_over_sigI_obs         ? 
_reflns_shell.number_measured_all         ? 
_reflns_shell.number_measured_obs         ? 
_reflns_shell.number_possible             ? 
_reflns_shell.number_unique_all           ? 
_reflns_shell.number_unique_obs           788 
_reflns_shell.percent_possible_all        ? 
_reflns_shell.percent_possible_obs        ? 
_reflns_shell.Rmerge_F_all                ? 
_reflns_shell.Rmerge_F_obs                ? 
_reflns_shell.Rmerge_I_all                ? 
_reflns_shell.Rmerge_I_obs                ? 
_reflns_shell.meanI_over_sigI_gt          ? 
_reflns_shell.meanI_over_uI_all           ? 
_reflns_shell.meanI_over_uI_gt            ? 
_reflns_shell.number_measured_gt          ? 
_reflns_shell.number_unique_gt            ? 
_reflns_shell.percent_possible_gt         ? 
_reflns_shell.Rmerge_F_gt                 ? 
_reflns_shell.Rmerge_I_gt                 ? 
_reflns_shell.pdbx_redundancy             ? 
_reflns_shell.pdbx_Rsym_value             ? 
_reflns_shell.pdbx_chi_squared            ? 
_reflns_shell.pdbx_netI_over_sigmaI_all   ? 
_reflns_shell.pdbx_netI_over_sigmaI_obs   ? 
_reflns_shell.pdbx_Rrim_I_all             ? 
_reflns_shell.pdbx_Rpim_I_all             ? 
_reflns_shell.pdbx_rejects                ? 
_reflns_shell.pdbx_ordinal                1 
_reflns_shell.pdbx_diffrn_id              1 
_reflns_shell.pdbx_CC_half                0.908 
_reflns_shell.pdbx_CC_star                ? 
_reflns_shell.pdbx_R_split                ? 
# 
_refine.aniso_B[1][1]                            -0.5000 
_refine.aniso_B[1][2]                            -0.2500 
_refine.aniso_B[1][3]                            0.0000 
_refine.aniso_B[2][2]                            -0.5000 
_refine.aniso_B[2][3]                            0.0000 
_refine.aniso_B[3][3]                            1.6300 
_refine.B_iso_max                                139.600 
_refine.B_iso_mean                               43.5580 
_refine.B_iso_min                                27.510 
_refine.correlation_coeff_Fo_to_Fc               0.9480 
_refine.correlation_coeff_Fo_to_Fc_free          0.9430 
_refine.details                                  'HYDROGENS HAVE BEEN ADDED IN THE RIDING POSITIONS U VALUES      : WITH TLS ADDED' 
_refine.diff_density_max                         ? 
_refine.diff_density_max_esd                     ? 
_refine.diff_density_min                         ? 
_refine.diff_density_min_esd                     ? 
_refine.diff_density_rms                         ? 
_refine.diff_density_rms_esd                     ? 
_refine.entry_id                                 6XFK 
_refine.pdbx_refine_id                           'X-RAY DIFFRACTION' 
_refine.ls_abs_structure_details                 ? 
_refine.ls_abs_structure_Flack                   ? 
_refine.ls_abs_structure_Flack_esd               ? 
_refine.ls_abs_structure_Rogers                  ? 
_refine.ls_abs_structure_Rogers_esd              ? 
_refine.ls_d_res_high                            1.8500 
_refine.ls_d_res_low                             36.9300 
_refine.ls_extinction_coef                       ? 
_refine.ls_extinction_coef_esd                   ? 
_refine.ls_extinction_expression                 ? 
_refine.ls_extinction_method                     ? 
_refine.ls_goodness_of_fit_all                   ? 
_refine.ls_goodness_of_fit_all_esd               ? 
_refine.ls_goodness_of_fit_obs                   ? 
_refine.ls_goodness_of_fit_obs_esd               ? 
_refine.ls_hydrogen_treatment                    ? 
_refine.ls_matrix_type                           ? 
_refine.ls_number_constraints                    ? 
_refine.ls_number_parameters                     ? 
_refine.ls_number_reflns_all                     ? 
_refine.ls_number_reflns_obs                     7768 
_refine.ls_number_reflns_R_free                  420 
_refine.ls_number_reflns_R_work                  ? 
_refine.ls_number_restraints                     ? 
_refine.ls_percent_reflns_obs                    99.4800 
_refine.ls_percent_reflns_R_free                 5.1000 
_refine.ls_R_factor_all                          ? 
_refine.ls_R_factor_obs                          0.2189 
_refine.ls_R_factor_R_free                       0.2465 
_refine.ls_R_factor_R_free_error                 ? 
_refine.ls_R_factor_R_free_error_details         ? 
_refine.ls_R_factor_R_work                       0.2175 
_refine.ls_R_Fsqd_factor_obs                     ? 
_refine.ls_R_I_factor_obs                        ? 
_refine.ls_redundancy_reflns_all                 ? 
_refine.ls_redundancy_reflns_obs                 ? 
_refine.ls_restrained_S_all                      ? 
_refine.ls_restrained_S_obs                      ? 
_refine.ls_shift_over_esd_max                    ? 
_refine.ls_shift_over_esd_mean                   ? 
_refine.ls_structure_factor_coef                 ? 
_refine.ls_weighting_details                     ? 
_refine.ls_weighting_scheme                      ? 
_refine.ls_wR_factor_all                         ? 
_refine.ls_wR_factor_obs                         ? 
_refine.ls_wR_factor_R_free                      ? 
_refine.ls_wR_factor_R_work                      ? 
_refine.occupancy_max                            ? 
_refine.occupancy_min                            ? 
_refine.solvent_model_details                    MASK 
_refine.solvent_model_param_bsol                 ? 
_refine.solvent_model_param_ksol                 ? 
_refine.pdbx_R_complete                          ? 
_refine.ls_R_factor_gt                           ? 
_refine.ls_goodness_of_fit_gt                    ? 
_refine.ls_goodness_of_fit_ref                   ? 
_refine.ls_shift_over_su_max                     ? 
_refine.ls_shift_over_su_max_lt                  ? 
_refine.ls_shift_over_su_mean                    ? 
_refine.ls_shift_over_su_mean_lt                 ? 
_refine.pdbx_ls_sigma_I                          ? 
_refine.pdbx_ls_sigma_F                          0.000 
_refine.pdbx_ls_sigma_Fsqd                       ? 
_refine.pdbx_data_cutoff_high_absF               ? 
_refine.pdbx_data_cutoff_high_rms_absF           ? 
_refine.pdbx_data_cutoff_low_absF                ? 
_refine.pdbx_isotropic_thermal_model             ? 
_refine.pdbx_ls_cross_valid_method               THROUGHOUT 
_refine.pdbx_method_to_determine_struct          'MOLECULAR REPLACEMENT' 
_refine.pdbx_starting_model                      6XFJ 
_refine.pdbx_stereochemistry_target_values       'MAXIMUM LIKELIHOOD' 
_refine.pdbx_R_Free_selection_details            RANDOM 
_refine.pdbx_stereochem_target_val_spec_case     ? 
_refine.pdbx_overall_ESU_R                       0.1550 
_refine.pdbx_overall_ESU_R_Free                  0.1400 
_refine.pdbx_solvent_vdw_probe_radii             1.2000 
_refine.pdbx_solvent_ion_probe_radii             0.8000 
_refine.pdbx_solvent_shrinkage_radii             0.8000 
_refine.pdbx_real_space_R                        ? 
_refine.pdbx_density_correlation                 ? 
_refine.pdbx_pd_number_of_powder_patterns        ? 
_refine.pdbx_pd_number_of_points                 ? 
_refine.pdbx_pd_meas_number_of_points            ? 
_refine.pdbx_pd_proc_ls_prof_R_factor            ? 
_refine.pdbx_pd_proc_ls_prof_wR_factor           ? 
_refine.pdbx_pd_Marquardt_correlation_coeff      ? 
_refine.pdbx_pd_Fsqrd_R_factor                   ? 
_refine.pdbx_pd_ls_matrix_band_width             ? 
_refine.pdbx_overall_phase_error                 ? 
_refine.pdbx_overall_SU_R_free_Cruickshank_DPI   ? 
_refine.pdbx_overall_SU_R_free_Blow_DPI          ? 
_refine.pdbx_overall_SU_R_Blow_DPI               ? 
_refine.pdbx_TLS_residual_ADP_flag               ? 
_refine.pdbx_diffrn_id                           1 
_refine.overall_SU_B                             6.7940 
_refine.overall_SU_ML                            0.1010 
_refine.overall_SU_R_Cruickshank_DPI             ? 
_refine.overall_SU_R_free                        ? 
_refine.overall_FOM_free_R_set                   ? 
_refine.overall_FOM_work_R_set                   ? 
_refine.pdbx_average_fsc_overall                 ? 
_refine.pdbx_average_fsc_work                    ? 
_refine.pdbx_average_fsc_free                    ? 
# 
_refine_hist.pdbx_refine_id                   'X-RAY DIFFRACTION' 
_refine_hist.cycle_id                         final 
_refine_hist.details                          ? 
_refine_hist.d_res_high                       1.8500 
_refine_hist.d_res_low                        36.9300 
_refine_hist.number_atoms_solvent             69 
_refine_hist.number_atoms_total               697 
_refine_hist.number_reflns_all                ? 
_refine_hist.number_reflns_obs                ? 
_refine_hist.number_reflns_R_free             ? 
_refine_hist.number_reflns_R_work             ? 
_refine_hist.R_factor_all                     ? 
_refine_hist.R_factor_obs                     ? 
_refine_hist.R_factor_R_free                  ? 
_refine_hist.R_factor_R_work                  ? 
_refine_hist.pdbx_number_residues_total       74 
_refine_hist.pdbx_B_iso_mean_ligand           59.76 
_refine_hist.pdbx_B_iso_mean_solvent          64.57 
_refine_hist.pdbx_number_atoms_protein        618 
_refine_hist.pdbx_number_atoms_nucleic_acid   0 
_refine_hist.pdbx_number_atoms_ligand         10 
_refine_hist.pdbx_number_atoms_lipid          ? 
_refine_hist.pdbx_number_atoms_carb           ? 
_refine_hist.pdbx_pseudo_atom_details         ? 
# 
loop_
_refine_ls_restr.pdbx_refine_id 
_refine_ls_restr.criterion 
_refine_ls_restr.dev_ideal 
_refine_ls_restr.dev_ideal_target 
_refine_ls_restr.number 
_refine_ls_restr.rejects 
_refine_ls_restr.type 
_refine_ls_restr.weight 
_refine_ls_restr.pdbx_restraint_function 
'X-RAY DIFFRACTION' ? 0.014  0.013  650  ? r_bond_refined_d       ? ? 
'X-RAY DIFFRACTION' ? 0.001  0.017  587  ? r_bond_other_d         ? ? 
'X-RAY DIFFRACTION' ? 1.766  1.658  876  ? r_angle_refined_deg    ? ? 
'X-RAY DIFFRACTION' ? 1.449  1.583  1360 ? r_angle_other_deg      ? ? 
'X-RAY DIFFRACTION' ? 5.247  5.000  74   ? r_dihedral_angle_1_deg ? ? 
'X-RAY DIFFRACTION' ? 28.538 22.250 40   ? r_dihedral_angle_2_deg ? ? 
'X-RAY DIFFRACTION' ? 15.793 15.000 120  ? r_dihedral_angle_3_deg ? ? 
'X-RAY DIFFRACTION' ? 22.869 15.000 5    ? r_dihedral_angle_4_deg ? ? 
'X-RAY DIFFRACTION' ? 0.095  0.200  79   ? r_chiral_restr         ? ? 
'X-RAY DIFFRACTION' ? 0.012  0.020  708  ? r_gen_planes_refined   ? ? 
'X-RAY DIFFRACTION' ? 0.002  0.020  143  ? r_gen_planes_other     ? ? 
# 
_refine_ls_shell.pdbx_refine_id                   'X-RAY DIFFRACTION' 
_refine_ls_shell.d_res_high                       1.8500 
_refine_ls_shell.d_res_low                        1.8980 
_refine_ls_shell.number_reflns_all                571 
_refine_ls_shell.number_reflns_obs                ? 
_refine_ls_shell.number_reflns_R_free             27 
_refine_ls_shell.number_reflns_R_work             544 
_refine_ls_shell.percent_reflns_obs               99.6500 
_refine_ls_shell.percent_reflns_R_free            ? 
_refine_ls_shell.R_factor_all                     ? 
_refine_ls_shell.R_factor_obs                     ? 
_refine_ls_shell.R_factor_R_free                  0.3420 
_refine_ls_shell.R_factor_R_free_error            0.0000 
_refine_ls_shell.R_factor_R_work                  0.2540 
_refine_ls_shell.redundancy_reflns_all            ? 
_refine_ls_shell.redundancy_reflns_obs            ? 
_refine_ls_shell.wR_factor_all                    ? 
_refine_ls_shell.wR_factor_obs                    ? 
_refine_ls_shell.wR_factor_R_free                 ? 
_refine_ls_shell.wR_factor_R_work                 ? 
_refine_ls_shell.pdbx_R_complete                  ? 
_refine_ls_shell.pdbx_total_number_of_bins_used   20 
_refine_ls_shell.pdbx_phase_error                 ? 
_refine_ls_shell.pdbx_fsc_work                    ? 
_refine_ls_shell.pdbx_fsc_free                    ? 
# 
_struct.entry_id                     6XFK 
_struct.title                        'Crystal structure of the type III secretion system pilotin-secretin complex InvH-InvG' 
_struct.pdbx_model_details           ? 
_struct.pdbx_formula_weight          ? 
_struct.pdbx_formula_weight_method   ? 
_struct.pdbx_model_type_details      ? 
_struct.pdbx_CASP_flag               N 
# 
_struct_keywords.entry_id        6XFK 
_struct_keywords.text            'pilotin, secretin, chaperone, type III secretion, PROTEIN TRANSPORT' 
_struct_keywords.pdbx_keywords   'PROTEIN TRANSPORT' 
# 
loop_
_struct_asym.id 
_struct_asym.pdbx_blank_PDB_chainid_flag 
_struct_asym.pdbx_modified 
_struct_asym.entity_id 
_struct_asym.details 
A N N 1 ? 
B N N 2 ? 
C N N 3 ? 
D N N 3 ? 
E N N 4 ? 
F N N 4 ? 
# 
loop_
_struct_ref.id 
_struct_ref.db_name 
_struct_ref.db_code 
_struct_ref.pdbx_db_accession 
_struct_ref.pdbx_db_isoform 
_struct_ref.entity_id 
_struct_ref.pdbx_seq_one_letter_code 
_struct_ref.pdbx_align_begin 
1 UNP INVH_SALTY P0CL43 ? 1 FCEKYKQTKEQALTFFQEHPQYMRSKEDEEQLMTEFKKVLLEPGSKNLSIYQTLLAAHERLQAL 84  
2 UNP SCTC_SALTY P35672 ? 2 DDKLQKWVRVYLDRGQ                                                 543 
# 
loop_
_struct_ref_seq.align_id 
_struct_ref_seq.ref_id 
_struct_ref_seq.pdbx_PDB_id_code 
_struct_ref_seq.pdbx_strand_id 
_struct_ref_seq.seq_align_beg 
_struct_ref_seq.pdbx_seq_align_beg_ins_code 
_struct_ref_seq.seq_align_end 
_struct_ref_seq.pdbx_seq_align_end_ins_code 
_struct_ref_seq.pdbx_db_accession 
_struct_ref_seq.db_align_beg 
_struct_ref_seq.pdbx_db_align_beg_ins_code 
_struct_ref_seq.db_align_end 
_struct_ref_seq.pdbx_db_align_end_ins_code 
_struct_ref_seq.pdbx_auth_seq_align_beg 
_struct_ref_seq.pdbx_auth_seq_align_end 
1 1 6XFK A 5 ? 68 ? P0CL43 84  ? 147 ? 84  147 
2 2 6XFK B 1 ? 16 ? P35672 543 ? 558 ? 543 558 
# 
loop_
_struct_ref_seq_dif.align_id 
_struct_ref_seq_dif.pdbx_pdb_id_code 
_struct_ref_seq_dif.mon_id 
_struct_ref_seq_dif.pdbx_pdb_strand_id 
_struct_ref_seq_dif.seq_num 
_struct_ref_seq_dif.pdbx_pdb_ins_code 
_struct_ref_seq_dif.pdbx_seq_db_name 
_struct_ref_seq_dif.pdbx_seq_db_accession_code 
_struct_ref_seq_dif.db_mon_id 
_struct_ref_seq_dif.pdbx_seq_db_seq_num 
_struct_ref_seq_dif.details 
_struct_ref_seq_dif.pdbx_auth_seq_num 
_struct_ref_seq_dif.pdbx_ordinal 
1 6XFK GLY A 1 ? UNP P0CL43 ? ? 'expression tag' 80 1 
1 6XFK SER A 2 ? UNP P0CL43 ? ? 'expression tag' 81 2 
1 6XFK HIS A 3 ? UNP P0CL43 ? ? 'expression tag' 82 3 
1 6XFK MET A 4 ? UNP P0CL43 ? ? 'expression tag' 83 4 
# 
_pdbx_struct_assembly.id                   1 
_pdbx_struct_assembly.details              author_and_software_defined_assembly 
_pdbx_struct_assembly.method_details       PISA 
_pdbx_struct_assembly.oligomeric_details   dimeric 
_pdbx_struct_assembly.oligomeric_count     2 
# 
loop_
_pdbx_struct_assembly_prop.biol_id 
_pdbx_struct_assembly_prop.type 
_pdbx_struct_assembly_prop.value 
_pdbx_struct_assembly_prop.details 
1 'ABSA (A^2)' 1780 ? 
1 MORE         -39  ? 
1 'SSA (A^2)'  4870 ? 
# 
_pdbx_struct_assembly_gen.assembly_id       1 
_pdbx_struct_assembly_gen.oper_expression   1 
_pdbx_struct_assembly_gen.asym_id_list      A,B,C,D,E,F 
# 
_pdbx_struct_assembly_auth_evidence.id                     1 
_pdbx_struct_assembly_auth_evidence.assembly_id            1 
_pdbx_struct_assembly_auth_evidence.experimental_support   'isothermal titration calorimetry' 
_pdbx_struct_assembly_auth_evidence.details                ? 
# 
_pdbx_struct_oper_list.id                   1 
_pdbx_struct_oper_list.type                 'identity operation' 
_pdbx_struct_oper_list.name                 1_555 
_pdbx_struct_oper_list.symmetry_operation   x,y,z 
_pdbx_struct_oper_list.matrix[1][1]         1.0000000000 
_pdbx_struct_oper_list.matrix[1][2]         0.0000000000 
_pdbx_struct_oper_list.matrix[1][3]         0.0000000000 
_pdbx_struct_oper_list.vector[1]            0.0000000000 
_pdbx_struct_oper_list.matrix[2][1]         0.0000000000 
_pdbx_struct_oper_list.matrix[2][2]         1.0000000000 
_pdbx_struct_oper_list.matrix[2][3]         0.0000000000 
_pdbx_struct_oper_list.vector[2]            0.0000000000 
_pdbx_struct_oper_list.matrix[3][1]         0.0000000000 
_pdbx_struct_oper_list.matrix[3][2]         0.0000000000 
_pdbx_struct_oper_list.matrix[3][3]         1.0000000000 
_pdbx_struct_oper_list.vector[3]            0.0000000000 
# 
loop_
_struct_conf.conf_type_id 
_struct_conf.id 
_struct_conf.pdbx_PDB_helix_id 
_struct_conf.beg_label_comp_id 
_struct_conf.beg_label_asym_id 
_struct_conf.beg_label_seq_id 
_struct_conf.pdbx_beg_PDB_ins_code 
_struct_conf.end_label_comp_id 
_struct_conf.end_label_asym_id 
_struct_conf.end_label_seq_id 
_struct_conf.pdbx_end_PDB_ins_code 
_struct_conf.beg_auth_comp_id 
_struct_conf.beg_auth_asym_id 
_struct_conf.beg_auth_seq_id 
_struct_conf.end_auth_comp_id 
_struct_conf.end_auth_asym_id 
_struct_conf.end_auth_seq_id 
_struct_conf.pdbx_PDB_helix_class 
_struct_conf.details 
_struct_conf.pdbx_PDB_helix_length 
HELX_P HELX_P1 AA1 PHE A 5  ? HIS A 23 ? PHE A 84  HIS A 102 1 ? 19 
HELX_P HELX_P2 AA2 PRO A 24 ? SER A 29 ? PRO A 103 SER A 108 1 ? 6  
HELX_P HELX_P3 AA3 SER A 29 ? LEU A 45 ? SER A 108 LEU A 124 1 ? 17 
HELX_P HELX_P4 AA4 GLY A 48 ? LEU A 52 ? GLY A 127 LEU A 131 5 ? 5  
HELX_P HELX_P5 AA5 SER A 53 ? ALA A 67 ? SER A 132 ALA A 146 1 ? 15 
HELX_P HELX_P6 AA6 GLN B 5  ? ARG B 14 ? GLN B 547 ARG B 556 1 ? 10 
# 
_struct_conf_type.id          HELX_P 
_struct_conf_type.criteria    ? 
_struct_conf_type.reference   ? 
# 
_struct_conn.id                            disulf1 
_struct_conn.conn_type_id                  disulf 
_struct_conn.pdbx_leaving_atom_flag        ? 
_struct_conn.pdbx_PDB_id                   ? 
_struct_conn.ptnr1_label_asym_id           A 
_struct_conn.ptnr1_label_comp_id           CYS 
_struct_conn.ptnr1_label_seq_id            6 
_struct_conn.ptnr1_label_atom_id           SG 
_struct_conn.pdbx_ptnr1_label_alt_id       ? 
_struct_conn.pdbx_ptnr1_PDB_ins_code       ? 
_struct_conn.pdbx_ptnr1_standard_comp_id   ? 
_struct_conn.ptnr1_symmetry                1_555 
_struct_conn.ptnr2_label_asym_id           A 
_struct_conn.ptnr2_label_comp_id           CYS 
_struct_conn.ptnr2_label_seq_id            6 
_struct_conn.ptnr2_label_atom_id           SG 
_struct_conn.pdbx_ptnr2_label_alt_id       ? 
_struct_conn.pdbx_ptnr2_PDB_ins_code       ? 
_struct_conn.ptnr1_auth_asym_id            A 
_struct_conn.ptnr1_auth_comp_id            CYS 
_struct_conn.ptnr1_auth_seq_id             85 
_struct_conn.ptnr2_auth_asym_id            A 
_struct_conn.ptnr2_auth_comp_id            CYS 
_struct_conn.ptnr2_auth_seq_id             85 
_struct_conn.ptnr2_symmetry                10_665 
_struct_conn.pdbx_ptnr3_label_atom_id      ? 
_struct_conn.pdbx_ptnr3_label_seq_id       ? 
_struct_conn.pdbx_ptnr3_label_comp_id      ? 
_struct_conn.pdbx_ptnr3_label_asym_id      ? 
_struct_conn.pdbx_ptnr3_label_alt_id       ? 
_struct_conn.pdbx_ptnr3_PDB_ins_code       ? 
_struct_conn.details                       ? 
_struct_conn.pdbx_dist_value               2.832 
_struct_conn.pdbx_value_order              ? 
_struct_conn.pdbx_role                     ? 
# 
_struct_conn_type.id          disulf 
_struct_conn_type.criteria    ? 
_struct_conn_type.reference   ? 
# 
_pdbx_modification_feature.ordinal                            1 
_pdbx_modification_feature.label_comp_id                      CYS 
_pdbx_modification_feature.label_asym_id                      A 
_pdbx_modification_feature.label_seq_id                       6 
_pdbx_modification_feature.label_alt_id                       ? 
_pdbx_modification_feature.modified_residue_label_comp_id     CYS 
_pdbx_modification_feature.modified_residue_label_asym_id     A 
_pdbx_modification_feature.modified_residue_label_seq_id      6 
_pdbx_modification_feature.modified_residue_label_alt_id      ? 
_pdbx_modification_feature.auth_comp_id                       CYS 
_pdbx_modification_feature.auth_asym_id                       A 
_pdbx_modification_feature.auth_seq_id                        85 
_pdbx_modification_feature.PDB_ins_code                       ? 
_pdbx_modification_feature.symmetry                           1_555 
_pdbx_modification_feature.modified_residue_auth_comp_id      CYS 
_pdbx_modification_feature.modified_residue_auth_asym_id      A 
_pdbx_modification_feature.modified_residue_auth_seq_id       85 
_pdbx_modification_feature.modified_residue_PDB_ins_code      ? 
_pdbx_modification_feature.modified_residue_symmetry          10_665 
_pdbx_modification_feature.comp_id_linking_atom               SG 
_pdbx_modification_feature.modified_residue_id_linking_atom   SG 
_pdbx_modification_feature.modified_residue_id                . 
_pdbx_modification_feature.ref_pcm_id                         . 
_pdbx_modification_feature.ref_comp_id                        . 
_pdbx_modification_feature.type                               None 
_pdbx_modification_feature.category                           'Disulfide bridge' 
# 
loop_
_struct_site.id 
_struct_site.pdbx_evidence_code 
_struct_site.pdbx_auth_asym_id 
_struct_site.pdbx_auth_comp_id 
_struct_site.pdbx_auth_seq_id 
_struct_site.pdbx_auth_ins_code 
_struct_site.pdbx_num_residues 
_struct_site.details 
AC1 Software A SO4 201 ? 5 'binding site for residue SO4 A 201' 
AC2 Software A SO4 202 ? 5 'binding site for residue SO4 A 202' 
# 
loop_
_struct_site_gen.id 
_struct_site_gen.site_id 
_struct_site_gen.pdbx_num_res 
_struct_site_gen.label_comp_id 
_struct_site_gen.label_asym_id 
_struct_site_gen.label_seq_id 
_struct_site_gen.pdbx_auth_ins_code 
_struct_site_gen.auth_comp_id 
_struct_site_gen.auth_asym_id 
_struct_site_gen.auth_seq_id 
_struct_site_gen.label_atom_id 
_struct_site_gen.label_alt_id 
_struct_site_gen.symmetry 
_struct_site_gen.details 
1  AC1 5 LYS A 8  ? LYS A 87  . ? 1_555  ? 
2  AC1 5 HOH E .  ? HOH A 306 . ? 1_555  ? 
3  AC1 5 ARG B 9  ? ARG B 551 . ? 10_665 ? 
4  AC1 5 LEU B 12 ? LEU B 554 . ? 1_555  ? 
5  AC1 5 ARG B 14 ? ARG B 556 . ? 1_555  ? 
6  AC2 5 TYR A 55 ? TYR A 134 . ? 8_665  ? 
7  AC2 5 GLN A 56 ? GLN A 135 . ? 8_665  ? 
8  AC2 5 HOH E .  ? HOH A 301 . ? 1_555  ? 
9  AC2 5 HOH E .  ? HOH A 312 . ? 1_555  ? 
10 AC2 5 HOH E .  ? HOH A 344 . ? 1_655  ? 
# 
_pdbx_entry_details.entry_id                   6XFK 
_pdbx_entry_details.has_ligand_of_interest     N 
_pdbx_entry_details.compound_details           ? 
_pdbx_entry_details.source_details             ? 
_pdbx_entry_details.nonpolymer_details         ? 
_pdbx_entry_details.sequence_details           ? 
_pdbx_entry_details.has_protein_modification   Y 
# 
loop_
_pdbx_validate_close_contact.id 
_pdbx_validate_close_contact.PDB_model_num 
_pdbx_validate_close_contact.auth_atom_id_1 
_pdbx_validate_close_contact.auth_asym_id_1 
_pdbx_validate_close_contact.auth_comp_id_1 
_pdbx_validate_close_contact.auth_seq_id_1 
_pdbx_validate_close_contact.PDB_ins_code_1 
_pdbx_validate_close_contact.label_alt_id_1 
_pdbx_validate_close_contact.auth_atom_id_2 
_pdbx_validate_close_contact.auth_asym_id_2 
_pdbx_validate_close_contact.auth_comp_id_2 
_pdbx_validate_close_contact.auth_seq_id_2 
_pdbx_validate_close_contact.PDB_ins_code_2 
_pdbx_validate_close_contact.label_alt_id_2 
_pdbx_validate_close_contact.dist 
1 1 O A HOH 339 ? ? O A HOH 352 ? ? 1.70 
2 1 O A HOH 304 ? ? O A HOH 327 ? ? 1.90 
3 1 O A HOH 344 ? ? O A HOH 348 ? ? 2.07 
4 1 O A HOH 341 ? ? O A HOH 352 ? ? 2.09 
5 1 O A HOH 347 ? ? O A HOH 351 ? ? 2.09 
# 
_pdbx_validate_symm_contact.id                1 
_pdbx_validate_symm_contact.PDB_model_num     1 
_pdbx_validate_symm_contact.auth_atom_id_1    O 
_pdbx_validate_symm_contact.auth_asym_id_1    A 
_pdbx_validate_symm_contact.auth_comp_id_1    HOH 
_pdbx_validate_symm_contact.auth_seq_id_1     340 
_pdbx_validate_symm_contact.PDB_ins_code_1    ? 
_pdbx_validate_symm_contact.label_alt_id_1    ? 
_pdbx_validate_symm_contact.site_symmetry_1   1_555 
_pdbx_validate_symm_contact.auth_atom_id_2    O 
_pdbx_validate_symm_contact.auth_asym_id_2    A 
_pdbx_validate_symm_contact.auth_comp_id_2    HOH 
_pdbx_validate_symm_contact.auth_seq_id_2     356 
_pdbx_validate_symm_contact.PDB_ins_code_2    ? 
_pdbx_validate_symm_contact.label_alt_id_2    ? 
_pdbx_validate_symm_contact.site_symmetry_2   8_555 
_pdbx_validate_symm_contact.dist              1.42 
# 
loop_
_pdbx_struct_special_symmetry.id 
_pdbx_struct_special_symmetry.PDB_model_num 
_pdbx_struct_special_symmetry.auth_asym_id 
_pdbx_struct_special_symmetry.auth_comp_id 
_pdbx_struct_special_symmetry.auth_seq_id 
_pdbx_struct_special_symmetry.PDB_ins_code 
_pdbx_struct_special_symmetry.label_asym_id 
_pdbx_struct_special_symmetry.label_comp_id 
_pdbx_struct_special_symmetry.label_seq_id 
1 1 A HOH 359 ? E HOH . 
2 1 B HOH 605 ? F HOH . 
# 
loop_
_pdbx_refine_tls.pdbx_refine_id 
_pdbx_refine_tls.id 
_pdbx_refine_tls.details 
_pdbx_refine_tls.method 
_pdbx_refine_tls.origin_x 
_pdbx_refine_tls.origin_y 
_pdbx_refine_tls.origin_z 
_pdbx_refine_tls.T[1][1] 
_pdbx_refine_tls.T[2][2] 
_pdbx_refine_tls.T[3][3] 
_pdbx_refine_tls.T[1][2] 
_pdbx_refine_tls.T[1][3] 
_pdbx_refine_tls.T[2][3] 
_pdbx_refine_tls.L[1][1] 
_pdbx_refine_tls.L[2][2] 
_pdbx_refine_tls.L[3][3] 
_pdbx_refine_tls.L[1][2] 
_pdbx_refine_tls.L[1][3] 
_pdbx_refine_tls.L[2][3] 
_pdbx_refine_tls.S[1][1] 
_pdbx_refine_tls.S[2][2] 
_pdbx_refine_tls.S[3][3] 
_pdbx_refine_tls.S[1][2] 
_pdbx_refine_tls.S[1][3] 
_pdbx_refine_tls.S[2][3] 
_pdbx_refine_tls.S[2][1] 
_pdbx_refine_tls.S[3][1] 
_pdbx_refine_tls.S[3][2] 
'X-RAY DIFFRACTION' 1 ? refined -0.5938 0.6412  -0.7730 0.1316 0.1687 0.0701 -0.0682 0.0332 0.0368 1.5412 3.6393 6.6850 1.0540 0.8715  0.9693  0.0121  0.0100  -0.0220 -0.0189 -0.0028 -0.2990 0.0196 0.3634 0.0409  
'X-RAY DIFFRACTION' 2 ? refined -2.2784 -5.3124 4.1929  0.1865 0.1351 0.0469 -0.0622 0.0258 0.0304 2.9957 7.8885 8.1196 0.1290 -2.8021 -0.9244 -0.2261 -0.0833 0.3095  0.0236  -0.3266 0.0690  0.0319 1.0148 -0.2635 
# 
loop_
_pdbx_refine_tls_group.pdbx_refine_id 
_pdbx_refine_tls_group.id 
_pdbx_refine_tls_group.refine_tls_id 
_pdbx_refine_tls_group.beg_auth_asym_id 
_pdbx_refine_tls_group.beg_auth_seq_id 
_pdbx_refine_tls_group.end_auth_asym_id 
_pdbx_refine_tls_group.end_auth_seq_id 
_pdbx_refine_tls_group.selection_details 
_pdbx_refine_tls_group.beg_label_asym_id 
_pdbx_refine_tls_group.beg_label_seq_id 
_pdbx_refine_tls_group.end_label_asym_id 
_pdbx_refine_tls_group.end_label_seq_id 
_pdbx_refine_tls_group.selection 
'X-RAY DIFFRACTION' 1 1 A 84  A 146 ? ? ? ? ? ? 
'X-RAY DIFFRACTION' 2 2 B 546 B 556 ? ? ? ? ? ? 
# 
loop_
_pdbx_unobs_or_zero_occ_residues.id 
_pdbx_unobs_or_zero_occ_residues.PDB_model_num 
_pdbx_unobs_or_zero_occ_residues.polymer_flag 
_pdbx_unobs_or_zero_occ_residues.occupancy_flag 
_pdbx_unobs_or_zero_occ_residues.auth_asym_id 
_pdbx_unobs_or_zero_occ_residues.auth_comp_id 
_pdbx_unobs_or_zero_occ_residues.auth_seq_id 
_pdbx_unobs_or_zero_occ_residues.PDB_ins_code 
_pdbx_unobs_or_zero_occ_residues.label_asym_id 
_pdbx_unobs_or_zero_occ_residues.label_comp_id 
_pdbx_unobs_or_zero_occ_residues.label_seq_id 
1  1 Y 1 A GLY 80  ? A GLY 1  
2  1 Y 1 A SER 81  ? A SER 2  
3  1 Y 1 A HIS 82  ? A HIS 3  
4  1 Y 1 A MET 83  ? A MET 4  
5  1 Y 1 A LEU 147 ? A LEU 68 
6  1 Y 1 B ASP 543 ? B ASP 1  
7  1 Y 1 B ASP 544 ? B ASP 2  
8  1 Y 1 B LYS 545 ? B LYS 3  
9  1 Y 1 B GLY 557 ? B GLY 15 
10 1 Y 1 B GLN 558 ? B GLN 16 
# 
loop_
_chem_comp_atom.comp_id 
_chem_comp_atom.atom_id 
_chem_comp_atom.type_symbol 
_chem_comp_atom.pdbx_aromatic_flag 
_chem_comp_atom.pdbx_stereo_config 
_chem_comp_atom.pdbx_ordinal 
ALA N    N N N 1   
ALA CA   C N S 2   
ALA C    C N N 3   
ALA O    O N N 4   
ALA CB   C N N 5   
ALA OXT  O N N 6   
ALA H    H N N 7   
ALA H2   H N N 8   
ALA HA   H N N 9   
ALA HB1  H N N 10  
ALA HB2  H N N 11  
ALA HB3  H N N 12  
ALA HXT  H N N 13  
ARG N    N N N 14  
ARG CA   C N S 15  
ARG C    C N N 16  
ARG O    O N N 17  
ARG CB   C N N 18  
ARG CG   C N N 19  
ARG CD   C N N 20  
ARG NE   N N N 21  
ARG CZ   C N N 22  
ARG NH1  N N N 23  
ARG NH2  N N N 24  
ARG OXT  O N N 25  
ARG H    H N N 26  
ARG H2   H N N 27  
ARG HA   H N N 28  
ARG HB2  H N N 29  
ARG HB3  H N N 30  
ARG HG2  H N N 31  
ARG HG3  H N N 32  
ARG HD2  H N N 33  
ARG HD3  H N N 34  
ARG HE   H N N 35  
ARG HH11 H N N 36  
ARG HH12 H N N 37  
ARG HH21 H N N 38  
ARG HH22 H N N 39  
ARG HXT  H N N 40  
ASN N    N N N 41  
ASN CA   C N S 42  
ASN C    C N N 43  
ASN O    O N N 44  
ASN CB   C N N 45  
ASN CG   C N N 46  
ASN OD1  O N N 47  
ASN ND2  N N N 48  
ASN OXT  O N N 49  
ASN H    H N N 50  
ASN H2   H N N 51  
ASN HA   H N N 52  
ASN HB2  H N N 53  
ASN HB3  H N N 54  
ASN HD21 H N N 55  
ASN HD22 H N N 56  
ASN HXT  H N N 57  
ASP N    N N N 58  
ASP CA   C N S 59  
ASP C    C N N 60  
ASP O    O N N 61  
ASP CB   C N N 62  
ASP CG   C N N 63  
ASP OD1  O N N 64  
ASP OD2  O N N 65  
ASP OXT  O N N 66  
ASP H    H N N 67  
ASP H2   H N N 68  
ASP HA   H N N 69  
ASP HB2  H N N 70  
ASP HB3  H N N 71  
ASP HD2  H N N 72  
ASP HXT  H N N 73  
CYS N    N N N 74  
CYS CA   C N R 75  
CYS C    C N N 76  
CYS O    O N N 77  
CYS CB   C N N 78  
CYS SG   S N N 79  
CYS OXT  O N N 80  
CYS H    H N N 81  
CYS H2   H N N 82  
CYS HA   H N N 83  
CYS HB2  H N N 84  
CYS HB3  H N N 85  
CYS HG   H N N 86  
CYS HXT  H N N 87  
GLN N    N N N 88  
GLN CA   C N S 89  
GLN C    C N N 90  
GLN O    O N N 91  
GLN CB   C N N 92  
GLN CG   C N N 93  
GLN CD   C N N 94  
GLN OE1  O N N 95  
GLN NE2  N N N 96  
GLN OXT  O N N 97  
GLN H    H N N 98  
GLN H2   H N N 99  
GLN HA   H N N 100 
GLN HB2  H N N 101 
GLN HB3  H N N 102 
GLN HG2  H N N 103 
GLN HG3  H N N 104 
GLN HE21 H N N 105 
GLN HE22 H N N 106 
GLN HXT  H N N 107 
GLU N    N N N 108 
GLU CA   C N S 109 
GLU C    C N N 110 
GLU O    O N N 111 
GLU CB   C N N 112 
GLU CG   C N N 113 
GLU CD   C N N 114 
GLU OE1  O N N 115 
GLU OE2  O N N 116 
GLU OXT  O N N 117 
GLU H    H N N 118 
GLU H2   H N N 119 
GLU HA   H N N 120 
GLU HB2  H N N 121 
GLU HB3  H N N 122 
GLU HG2  H N N 123 
GLU HG3  H N N 124 
GLU HE2  H N N 125 
GLU HXT  H N N 126 
GLY N    N N N 127 
GLY CA   C N N 128 
GLY C    C N N 129 
GLY O    O N N 130 
GLY OXT  O N N 131 
GLY H    H N N 132 
GLY H2   H N N 133 
GLY HA2  H N N 134 
GLY HA3  H N N 135 
GLY HXT  H N N 136 
HIS N    N N N 137 
HIS CA   C N S 138 
HIS C    C N N 139 
HIS O    O N N 140 
HIS CB   C N N 141 
HIS CG   C Y N 142 
HIS ND1  N Y N 143 
HIS CD2  C Y N 144 
HIS CE1  C Y N 145 
HIS NE2  N Y N 146 
HIS OXT  O N N 147 
HIS H    H N N 148 
HIS H2   H N N 149 
HIS HA   H N N 150 
HIS HB2  H N N 151 
HIS HB3  H N N 152 
HIS HD1  H N N 153 
HIS HD2  H N N 154 
HIS HE1  H N N 155 
HIS HE2  H N N 156 
HIS HXT  H N N 157 
HOH O    O N N 158 
HOH H1   H N N 159 
HOH H2   H N N 160 
ILE N    N N N 161 
ILE CA   C N S 162 
ILE C    C N N 163 
ILE O    O N N 164 
ILE CB   C N S 165 
ILE CG1  C N N 166 
ILE CG2  C N N 167 
ILE CD1  C N N 168 
ILE OXT  O N N 169 
ILE H    H N N 170 
ILE H2   H N N 171 
ILE HA   H N N 172 
ILE HB   H N N 173 
ILE HG12 H N N 174 
ILE HG13 H N N 175 
ILE HG21 H N N 176 
ILE HG22 H N N 177 
ILE HG23 H N N 178 
ILE HD11 H N N 179 
ILE HD12 H N N 180 
ILE HD13 H N N 181 
ILE HXT  H N N 182 
LEU N    N N N 183 
LEU CA   C N S 184 
LEU C    C N N 185 
LEU O    O N N 186 
LEU CB   C N N 187 
LEU CG   C N N 188 
LEU CD1  C N N 189 
LEU CD2  C N N 190 
LEU OXT  O N N 191 
LEU H    H N N 192 
LEU H2   H N N 193 
LEU HA   H N N 194 
LEU HB2  H N N 195 
LEU HB3  H N N 196 
LEU HG   H N N 197 
LEU HD11 H N N 198 
LEU HD12 H N N 199 
LEU HD13 H N N 200 
LEU HD21 H N N 201 
LEU HD22 H N N 202 
LEU HD23 H N N 203 
LEU HXT  H N N 204 
LYS N    N N N 205 
LYS CA   C N S 206 
LYS C    C N N 207 
LYS O    O N N 208 
LYS CB   C N N 209 
LYS CG   C N N 210 
LYS CD   C N N 211 
LYS CE   C N N 212 
LYS NZ   N N N 213 
LYS OXT  O N N 214 
LYS H    H N N 215 
LYS H2   H N N 216 
LYS HA   H N N 217 
LYS HB2  H N N 218 
LYS HB3  H N N 219 
LYS HG2  H N N 220 
LYS HG3  H N N 221 
LYS HD2  H N N 222 
LYS HD3  H N N 223 
LYS HE2  H N N 224 
LYS HE3  H N N 225 
LYS HZ1  H N N 226 
LYS HZ2  H N N 227 
LYS HZ3  H N N 228 
LYS HXT  H N N 229 
MET N    N N N 230 
MET CA   C N S 231 
MET C    C N N 232 
MET O    O N N 233 
MET CB   C N N 234 
MET CG   C N N 235 
MET SD   S N N 236 
MET CE   C N N 237 
MET OXT  O N N 238 
MET H    H N N 239 
MET H2   H N N 240 
MET HA   H N N 241 
MET HB2  H N N 242 
MET HB3  H N N 243 
MET HG2  H N N 244 
MET HG3  H N N 245 
MET HE1  H N N 246 
MET HE2  H N N 247 
MET HE3  H N N 248 
MET HXT  H N N 249 
PHE N    N N N 250 
PHE CA   C N S 251 
PHE C    C N N 252 
PHE O    O N N 253 
PHE CB   C N N 254 
PHE CG   C Y N 255 
PHE CD1  C Y N 256 
PHE CD2  C Y N 257 
PHE CE1  C Y N 258 
PHE CE2  C Y N 259 
PHE CZ   C Y N 260 
PHE OXT  O N N 261 
PHE H    H N N 262 
PHE H2   H N N 263 
PHE HA   H N N 264 
PHE HB2  H N N 265 
PHE HB3  H N N 266 
PHE HD1  H N N 267 
PHE HD2  H N N 268 
PHE HE1  H N N 269 
PHE HE2  H N N 270 
PHE HZ   H N N 271 
PHE HXT  H N N 272 
PRO N    N N N 273 
PRO CA   C N S 274 
PRO C    C N N 275 
PRO O    O N N 276 
PRO CB   C N N 277 
PRO CG   C N N 278 
PRO CD   C N N 279 
PRO OXT  O N N 280 
PRO H    H N N 281 
PRO HA   H N N 282 
PRO HB2  H N N 283 
PRO HB3  H N N 284 
PRO HG2  H N N 285 
PRO HG3  H N N 286 
PRO HD2  H N N 287 
PRO HD3  H N N 288 
PRO HXT  H N N 289 
SER N    N N N 290 
SER CA   C N S 291 
SER C    C N N 292 
SER O    O N N 293 
SER CB   C N N 294 
SER OG   O N N 295 
SER OXT  O N N 296 
SER H    H N N 297 
SER H2   H N N 298 
SER HA   H N N 299 
SER HB2  H N N 300 
SER HB3  H N N 301 
SER HG   H N N 302 
SER HXT  H N N 303 
SO4 S    S N N 304 
SO4 O1   O N N 305 
SO4 O2   O N N 306 
SO4 O3   O N N 307 
SO4 O4   O N N 308 
THR N    N N N 309 
THR CA   C N S 310 
THR C    C N N 311 
THR O    O N N 312 
THR CB   C N R 313 
THR OG1  O N N 314 
THR CG2  C N N 315 
THR OXT  O N N 316 
THR H    H N N 317 
THR H2   H N N 318 
THR HA   H N N 319 
THR HB   H N N 320 
THR HG1  H N N 321 
THR HG21 H N N 322 
THR HG22 H N N 323 
THR HG23 H N N 324 
THR HXT  H N N 325 
TRP N    N N N 326 
TRP CA   C N S 327 
TRP C    C N N 328 
TRP O    O N N 329 
TRP CB   C N N 330 
TRP CG   C Y N 331 
TRP CD1  C Y N 332 
TRP CD2  C Y N 333 
TRP NE1  N Y N 334 
TRP CE2  C Y N 335 
TRP CE3  C Y N 336 
TRP CZ2  C Y N 337 
TRP CZ3  C Y N 338 
TRP CH2  C Y N 339 
TRP OXT  O N N 340 
TRP H    H N N 341 
TRP H2   H N N 342 
TRP HA   H N N 343 
TRP HB2  H N N 344 
TRP HB3  H N N 345 
TRP HD1  H N N 346 
TRP HE1  H N N 347 
TRP HE3  H N N 348 
TRP HZ2  H N N 349 
TRP HZ3  H N N 350 
TRP HH2  H N N 351 
TRP HXT  H N N 352 
TYR N    N N N 353 
TYR CA   C N S 354 
TYR C    C N N 355 
TYR O    O N N 356 
TYR CB   C N N 357 
TYR CG   C Y N 358 
TYR CD1  C Y N 359 
TYR CD2  C Y N 360 
TYR CE1  C Y N 361 
TYR CE2  C Y N 362 
TYR CZ   C Y N 363 
TYR OH   O N N 364 
TYR OXT  O N N 365 
TYR H    H N N 366 
TYR H2   H N N 367 
TYR HA   H N N 368 
TYR HB2  H N N 369 
TYR HB3  H N N 370 
TYR HD1  H N N 371 
TYR HD2  H N N 372 
TYR HE1  H N N 373 
TYR HE2  H N N 374 
TYR HH   H N N 375 
TYR HXT  H N N 376 
VAL N    N N N 377 
VAL CA   C N S 378 
VAL C    C N N 379 
VAL O    O N N 380 
VAL CB   C N N 381 
VAL CG1  C N N 382 
VAL CG2  C N N 383 
VAL OXT  O N N 384 
VAL H    H N N 385 
VAL H2   H N N 386 
VAL HA   H N N 387 
VAL HB   H N N 388 
VAL HG11 H N N 389 
VAL HG12 H N N 390 
VAL HG13 H N N 391 
VAL HG21 H N N 392 
VAL HG22 H N N 393 
VAL HG23 H N N 394 
VAL HXT  H N N 395 
# 
loop_
_chem_comp_bond.comp_id 
_chem_comp_bond.atom_id_1 
_chem_comp_bond.atom_id_2 
_chem_comp_bond.value_order 
_chem_comp_bond.pdbx_aromatic_flag 
_chem_comp_bond.pdbx_stereo_config 
_chem_comp_bond.pdbx_ordinal 
ALA N   CA   sing N N 1   
ALA N   H    sing N N 2   
ALA N   H2   sing N N 3   
ALA CA  C    sing N N 4   
ALA CA  CB   sing N N 5   
ALA CA  HA   sing N N 6   
ALA C   O    doub N N 7   
ALA C   OXT  sing N N 8   
ALA CB  HB1  sing N N 9   
ALA CB  HB2  sing N N 10  
ALA CB  HB3  sing N N 11  
ALA OXT HXT  sing N N 12  
ARG N   CA   sing N N 13  
ARG N   H    sing N N 14  
ARG N   H2   sing N N 15  
ARG CA  C    sing N N 16  
ARG CA  CB   sing N N 17  
ARG CA  HA   sing N N 18  
ARG C   O    doub N N 19  
ARG C   OXT  sing N N 20  
ARG CB  CG   sing N N 21  
ARG CB  HB2  sing N N 22  
ARG CB  HB3  sing N N 23  
ARG CG  CD   sing N N 24  
ARG CG  HG2  sing N N 25  
ARG CG  HG3  sing N N 26  
ARG CD  NE   sing N N 27  
ARG CD  HD2  sing N N 28  
ARG CD  HD3  sing N N 29  
ARG NE  CZ   sing N N 30  
ARG NE  HE   sing N N 31  
ARG CZ  NH1  sing N N 32  
ARG CZ  NH2  doub N N 33  
ARG NH1 HH11 sing N N 34  
ARG NH1 HH12 sing N N 35  
ARG NH2 HH21 sing N N 36  
ARG NH2 HH22 sing N N 37  
ARG OXT HXT  sing N N 38  
ASN N   CA   sing N N 39  
ASN N   H    sing N N 40  
ASN N   H2   sing N N 41  
ASN CA  C    sing N N 42  
ASN CA  CB   sing N N 43  
ASN CA  HA   sing N N 44  
ASN C   O    doub N N 45  
ASN C   OXT  sing N N 46  
ASN CB  CG   sing N N 47  
ASN CB  HB2  sing N N 48  
ASN CB  HB3  sing N N 49  
ASN CG  OD1  doub N N 50  
ASN CG  ND2  sing N N 51  
ASN ND2 HD21 sing N N 52  
ASN ND2 HD22 sing N N 53  
ASN OXT HXT  sing N N 54  
ASP N   CA   sing N N 55  
ASP N   H    sing N N 56  
ASP N   H2   sing N N 57  
ASP CA  C    sing N N 58  
ASP CA  CB   sing N N 59  
ASP CA  HA   sing N N 60  
ASP C   O    doub N N 61  
ASP C   OXT  sing N N 62  
ASP CB  CG   sing N N 63  
ASP CB  HB2  sing N N 64  
ASP CB  HB3  sing N N 65  
ASP CG  OD1  doub N N 66  
ASP CG  OD2  sing N N 67  
ASP OD2 HD2  sing N N 68  
ASP OXT HXT  sing N N 69  
CYS N   CA   sing N N 70  
CYS N   H    sing N N 71  
CYS N   H2   sing N N 72  
CYS CA  C    sing N N 73  
CYS CA  CB   sing N N 74  
CYS CA  HA   sing N N 75  
CYS C   O    doub N N 76  
CYS C   OXT  sing N N 77  
CYS CB  SG   sing N N 78  
CYS CB  HB2  sing N N 79  
CYS CB  HB3  sing N N 80  
CYS SG  HG   sing N N 81  
CYS OXT HXT  sing N N 82  
GLN N   CA   sing N N 83  
GLN N   H    sing N N 84  
GLN N   H2   sing N N 85  
GLN CA  C    sing N N 86  
GLN CA  CB   sing N N 87  
GLN CA  HA   sing N N 88  
GLN C   O    doub N N 89  
GLN C   OXT  sing N N 90  
GLN CB  CG   sing N N 91  
GLN CB  HB2  sing N N 92  
GLN CB  HB3  sing N N 93  
GLN CG  CD   sing N N 94  
GLN CG  HG2  sing N N 95  
GLN CG  HG3  sing N N 96  
GLN CD  OE1  doub N N 97  
GLN CD  NE2  sing N N 98  
GLN NE2 HE21 sing N N 99  
GLN NE2 HE22 sing N N 100 
GLN OXT HXT  sing N N 101 
GLU N   CA   sing N N 102 
GLU N   H    sing N N 103 
GLU N   H2   sing N N 104 
GLU CA  C    sing N N 105 
GLU CA  CB   sing N N 106 
GLU CA  HA   sing N N 107 
GLU C   O    doub N N 108 
GLU C   OXT  sing N N 109 
GLU CB  CG   sing N N 110 
GLU CB  HB2  sing N N 111 
GLU CB  HB3  sing N N 112 
GLU CG  CD   sing N N 113 
GLU CG  HG2  sing N N 114 
GLU CG  HG3  sing N N 115 
GLU CD  OE1  doub N N 116 
GLU CD  OE2  sing N N 117 
GLU OE2 HE2  sing N N 118 
GLU OXT HXT  sing N N 119 
GLY N   CA   sing N N 120 
GLY N   H    sing N N 121 
GLY N   H2   sing N N 122 
GLY CA  C    sing N N 123 
GLY CA  HA2  sing N N 124 
GLY CA  HA3  sing N N 125 
GLY C   O    doub N N 126 
GLY C   OXT  sing N N 127 
GLY OXT HXT  sing N N 128 
HIS N   CA   sing N N 129 
HIS N   H    sing N N 130 
HIS N   H2   sing N N 131 
HIS CA  C    sing N N 132 
HIS CA  CB   sing N N 133 
HIS CA  HA   sing N N 134 
HIS C   O    doub N N 135 
HIS C   OXT  sing N N 136 
HIS CB  CG   sing N N 137 
HIS CB  HB2  sing N N 138 
HIS CB  HB3  sing N N 139 
HIS CG  ND1  sing Y N 140 
HIS CG  CD2  doub Y N 141 
HIS ND1 CE1  doub Y N 142 
HIS ND1 HD1  sing N N 143 
HIS CD2 NE2  sing Y N 144 
HIS CD2 HD2  sing N N 145 
HIS CE1 NE2  sing Y N 146 
HIS CE1 HE1  sing N N 147 
HIS NE2 HE2  sing N N 148 
HIS OXT HXT  sing N N 149 
HOH O   H1   sing N N 150 
HOH O   H2   sing N N 151 
ILE N   CA   sing N N 152 
ILE N   H    sing N N 153 
ILE N   H2   sing N N 154 
ILE CA  C    sing N N 155 
ILE CA  CB   sing N N 156 
ILE CA  HA   sing N N 157 
ILE C   O    doub N N 158 
ILE C   OXT  sing N N 159 
ILE CB  CG1  sing N N 160 
ILE CB  CG2  sing N N 161 
ILE CB  HB   sing N N 162 
ILE CG1 CD1  sing N N 163 
ILE CG1 HG12 sing N N 164 
ILE CG1 HG13 sing N N 165 
ILE CG2 HG21 sing N N 166 
ILE CG2 HG22 sing N N 167 
ILE CG2 HG23 sing N N 168 
ILE CD1 HD11 sing N N 169 
ILE CD1 HD12 sing N N 170 
ILE CD1 HD13 sing N N 171 
ILE OXT HXT  sing N N 172 
LEU N   CA   sing N N 173 
LEU N   H    sing N N 174 
LEU N   H2   sing N N 175 
LEU CA  C    sing N N 176 
LEU CA  CB   sing N N 177 
LEU CA  HA   sing N N 178 
LEU C   O    doub N N 179 
LEU C   OXT  sing N N 180 
LEU CB  CG   sing N N 181 
LEU CB  HB2  sing N N 182 
LEU CB  HB3  sing N N 183 
LEU CG  CD1  sing N N 184 
LEU CG  CD2  sing N N 185 
LEU CG  HG   sing N N 186 
LEU CD1 HD11 sing N N 187 
LEU CD1 HD12 sing N N 188 
LEU CD1 HD13 sing N N 189 
LEU CD2 HD21 sing N N 190 
LEU CD2 HD22 sing N N 191 
LEU CD2 HD23 sing N N 192 
LEU OXT HXT  sing N N 193 
LYS N   CA   sing N N 194 
LYS N   H    sing N N 195 
LYS N   H2   sing N N 196 
LYS CA  C    sing N N 197 
LYS CA  CB   sing N N 198 
LYS CA  HA   sing N N 199 
LYS C   O    doub N N 200 
LYS C   OXT  sing N N 201 
LYS CB  CG   sing N N 202 
LYS CB  HB2  sing N N 203 
LYS CB  HB3  sing N N 204 
LYS CG  CD   sing N N 205 
LYS CG  HG2  sing N N 206 
LYS CG  HG3  sing N N 207 
LYS CD  CE   sing N N 208 
LYS CD  HD2  sing N N 209 
LYS CD  HD3  sing N N 210 
LYS CE  NZ   sing N N 211 
LYS CE  HE2  sing N N 212 
LYS CE  HE3  sing N N 213 
LYS NZ  HZ1  sing N N 214 
LYS NZ  HZ2  sing N N 215 
LYS NZ  HZ3  sing N N 216 
LYS OXT HXT  sing N N 217 
MET N   CA   sing N N 218 
MET N   H    sing N N 219 
MET N   H2   sing N N 220 
MET CA  C    sing N N 221 
MET CA  CB   sing N N 222 
MET CA  HA   sing N N 223 
MET C   O    doub N N 224 
MET C   OXT  sing N N 225 
MET CB  CG   sing N N 226 
MET CB  HB2  sing N N 227 
MET CB  HB3  sing N N 228 
MET CG  SD   sing N N 229 
MET CG  HG2  sing N N 230 
MET CG  HG3  sing N N 231 
MET SD  CE   sing N N 232 
MET CE  HE1  sing N N 233 
MET CE  HE2  sing N N 234 
MET CE  HE3  sing N N 235 
MET OXT HXT  sing N N 236 
PHE N   CA   sing N N 237 
PHE N   H    sing N N 238 
PHE N   H2   sing N N 239 
PHE CA  C    sing N N 240 
PHE CA  CB   sing N N 241 
PHE CA  HA   sing N N 242 
PHE C   O    doub N N 243 
PHE C   OXT  sing N N 244 
PHE CB  CG   sing N N 245 
PHE CB  HB2  sing N N 246 
PHE CB  HB3  sing N N 247 
PHE CG  CD1  doub Y N 248 
PHE CG  CD2  sing Y N 249 
PHE CD1 CE1  sing Y N 250 
PHE CD1 HD1  sing N N 251 
PHE CD2 CE2  doub Y N 252 
PHE CD2 HD2  sing N N 253 
PHE CE1 CZ   doub Y N 254 
PHE CE1 HE1  sing N N 255 
PHE CE2 CZ   sing Y N 256 
PHE CE2 HE2  sing N N 257 
PHE CZ  HZ   sing N N 258 
PHE OXT HXT  sing N N 259 
PRO N   CA   sing N N 260 
PRO N   CD   sing N N 261 
PRO N   H    sing N N 262 
PRO CA  C    sing N N 263 
PRO CA  CB   sing N N 264 
PRO CA  HA   sing N N 265 
PRO C   O    doub N N 266 
PRO C   OXT  sing N N 267 
PRO CB  CG   sing N N 268 
PRO CB  HB2  sing N N 269 
PRO CB  HB3  sing N N 270 
PRO CG  CD   sing N N 271 
PRO CG  HG2  sing N N 272 
PRO CG  HG3  sing N N 273 
PRO CD  HD2  sing N N 274 
PRO CD  HD3  sing N N 275 
PRO OXT HXT  sing N N 276 
SER N   CA   sing N N 277 
SER N   H    sing N N 278 
SER N   H2   sing N N 279 
SER CA  C    sing N N 280 
SER CA  CB   sing N N 281 
SER CA  HA   sing N N 282 
SER C   O    doub N N 283 
SER C   OXT  sing N N 284 
SER CB  OG   sing N N 285 
SER CB  HB2  sing N N 286 
SER CB  HB3  sing N N 287 
SER OG  HG   sing N N 288 
SER OXT HXT  sing N N 289 
SO4 S   O1   doub N N 290 
SO4 S   O2   doub N N 291 
SO4 S   O3   sing N N 292 
SO4 S   O4   sing N N 293 
THR N   CA   sing N N 294 
THR N   H    sing N N 295 
THR N   H2   sing N N 296 
THR CA  C    sing N N 297 
THR CA  CB   sing N N 298 
THR CA  HA   sing N N 299 
THR C   O    doub N N 300 
THR C   OXT  sing N N 301 
THR CB  OG1  sing N N 302 
THR CB  CG2  sing N N 303 
THR CB  HB   sing N N 304 
THR OG1 HG1  sing N N 305 
THR CG2 HG21 sing N N 306 
THR CG2 HG22 sing N N 307 
THR CG2 HG23 sing N N 308 
THR OXT HXT  sing N N 309 
TRP N   CA   sing N N 310 
TRP N   H    sing N N 311 
TRP N   H2   sing N N 312 
TRP CA  C    sing N N 313 
TRP CA  CB   sing N N 314 
TRP CA  HA   sing N N 315 
TRP C   O    doub N N 316 
TRP C   OXT  sing N N 317 
TRP CB  CG   sing N N 318 
TRP CB  HB2  sing N N 319 
TRP CB  HB3  sing N N 320 
TRP CG  CD1  doub Y N 321 
TRP CG  CD2  sing Y N 322 
TRP CD1 NE1  sing Y N 323 
TRP CD1 HD1  sing N N 324 
TRP CD2 CE2  doub Y N 325 
TRP CD2 CE3  sing Y N 326 
TRP NE1 CE2  sing Y N 327 
TRP NE1 HE1  sing N N 328 
TRP CE2 CZ2  sing Y N 329 
TRP CE3 CZ3  doub Y N 330 
TRP CE3 HE3  sing N N 331 
TRP CZ2 CH2  doub Y N 332 
TRP CZ2 HZ2  sing N N 333 
TRP CZ3 CH2  sing Y N 334 
TRP CZ3 HZ3  sing N N 335 
TRP CH2 HH2  sing N N 336 
TRP OXT HXT  sing N N 337 
TYR N   CA   sing N N 338 
TYR N   H    sing N N 339 
TYR N   H2   sing N N 340 
TYR CA  C    sing N N 341 
TYR CA  CB   sing N N 342 
TYR CA  HA   sing N N 343 
TYR C   O    doub N N 344 
TYR C   OXT  sing N N 345 
TYR CB  CG   sing N N 346 
TYR CB  HB2  sing N N 347 
TYR CB  HB3  sing N N 348 
TYR CG  CD1  doub Y N 349 
TYR CG  CD2  sing Y N 350 
TYR CD1 CE1  sing Y N 351 
TYR CD1 HD1  sing N N 352 
TYR CD2 CE2  doub Y N 353 
TYR CD2 HD2  sing N N 354 
TYR CE1 CZ   doub Y N 355 
TYR CE1 HE1  sing N N 356 
TYR CE2 CZ   sing Y N 357 
TYR CE2 HE2  sing N N 358 
TYR CZ  OH   sing N N 359 
TYR OH  HH   sing N N 360 
TYR OXT HXT  sing N N 361 
VAL N   CA   sing N N 362 
VAL N   H    sing N N 363 
VAL N   H2   sing N N 364 
VAL CA  C    sing N N 365 
VAL CA  CB   sing N N 366 
VAL CA  HA   sing N N 367 
VAL C   O    doub N N 368 
VAL C   OXT  sing N N 369 
VAL CB  CG1  sing N N 370 
VAL CB  CG2  sing N N 371 
VAL CB  HB   sing N N 372 
VAL CG1 HG11 sing N N 373 
VAL CG1 HG12 sing N N 374 
VAL CG1 HG13 sing N N 375 
VAL CG2 HG21 sing N N 376 
VAL CG2 HG22 sing N N 377 
VAL CG2 HG23 sing N N 378 
VAL OXT HXT  sing N N 379 
# 
loop_
_pdbx_audit_support.funding_organization 
_pdbx_audit_support.country 
_pdbx_audit_support.grant_number 
_pdbx_audit_support.ordinal 
'Canadian Institutes of Health Research (CIHR)'                     Canada ? 1 
'Natural Sciences and Engineering Research Council (NSERC, Canada)' Canada ? 2 
# 
_pdbx_initial_refinement_model.id               1 
_pdbx_initial_refinement_model.entity_id_list   ? 
_pdbx_initial_refinement_model.type             'experimental model' 
_pdbx_initial_refinement_model.source_name      PDB 
_pdbx_initial_refinement_model.accession_code   6XFJ 
_pdbx_initial_refinement_model.details          ? 
# 
_atom_sites.entry_id                    6XFK 
_atom_sites.Cartn_transf_matrix[1][1]   ? 
_atom_sites.Cartn_transf_matrix[1][2]   ? 
_atom_sites.Cartn_transf_matrix[1][3]   ? 
_atom_sites.Cartn_transf_matrix[2][1]   ? 
_atom_sites.Cartn_transf_matrix[2][2]   ? 
_atom_sites.Cartn_transf_matrix[2][3]   ? 
_atom_sites.Cartn_transf_matrix[3][1]   ? 
_atom_sites.Cartn_transf_matrix[3][2]   ? 
_atom_sites.Cartn_transf_matrix[3][3]   ? 
_atom_sites.Cartn_transf_vector[1]      ? 
_atom_sites.Cartn_transf_vector[2]      ? 
_atom_sites.Cartn_transf_vector[3]      ? 
_atom_sites.fract_transf_matrix[1][1]   0.00459996 
_atom_sites.fract_transf_matrix[1][2]   0.02025392 
_atom_sites.fract_transf_matrix[1][3]   0.02407777 
_atom_sites.fract_transf_matrix[2][1]   -0.02486474 
_atom_sites.fract_transf_matrix[2][2]   0.01102709 
_atom_sites.fract_transf_matrix[2][3]   0.01647193 
_atom_sites.fract_transf_matrix[3][1]   0.00035104 
_atom_sites.fract_transf_matrix[3][2]   -0.00347595 
_atom_sites.fract_transf_matrix[3][3]   0.00285687 
_atom_sites.fract_transf_vector[1]      0.274687 
_atom_sites.fract_transf_vector[2]      0.412042 
_atom_sites.fract_transf_vector[3]      0.033344 
_atom_sites.solution_primary            ? 
_atom_sites.solution_secondary          ? 
_atom_sites.solution_hydrogens          ? 
_atom_sites.special_details             ? 
# 
loop_
_atom_type.symbol 
C 
N 
O 
S 
# 
loop_
_atom_site.group_PDB 
_atom_site.id 
_atom_site.type_symbol 
_atom_site.label_atom_id 
_atom_site.label_alt_id 
_atom_site.label_comp_id 
_atom_site.label_asym_id 
_atom_site.label_entity_id 
_atom_site.label_seq_id 
_atom_site.pdbx_PDB_ins_code 
_atom_site.Cartn_x 
_atom_site.Cartn_y 
_atom_site.Cartn_z 
_atom_site.occupancy 
_atom_site.B_iso_or_equiv 
_atom_site.pdbx_formal_charge 
_atom_site.auth_seq_id 
_atom_site.auth_comp_id 
_atom_site.auth_asym_id 
_atom_site.auth_atom_id 
_atom_site.pdbx_PDB_model_num 
ATOM   1   N N   . PHE A 1 5  ? -16.020 -3.886  10.396  1.00 71.70  ? 84  PHE A N   1 
ATOM   2   C CA  . PHE A 1 5  ? -14.581 -4.152  10.053  1.00 69.02  ? 84  PHE A CA  1 
ATOM   3   C C   . PHE A 1 5  ? -14.431 -5.058  8.825   1.00 67.07  ? 84  PHE A C   1 
ATOM   4   O O   . PHE A 1 5  ? -13.438 -4.920  8.031   1.00 57.37  ? 84  PHE A O   1 
ATOM   5   C CB  . PHE A 1 5  ? -13.856 -4.857  11.196  1.00 70.44  ? 84  PHE A CB  1 
ATOM   6   C CG  . PHE A 1 5  ? -12.381 -5.048  10.958  1.00 68.49  ? 84  PHE A CG  1 
ATOM   7   C CD1 . PHE A 1 5  ? -11.490 -4.021  11.199  1.00 65.74  ? 84  PHE A CD1 1 
ATOM   8   C CD2 . PHE A 1 5  ? -11.895 -6.248  10.460  1.00 68.50  ? 84  PHE A CD2 1 
ATOM   9   C CE1 . PHE A 1 5  ? -10.139 -4.188  10.944  1.00 65.41  ? 84  PHE A CE1 1 
ATOM   10  C CE2 . PHE A 1 5  ? -10.541 -6.419  10.224  1.00 66.05  ? 84  PHE A CE2 1 
ATOM   11  C CZ  . PHE A 1 5  ? -9.665  -5.399  10.489  1.00 62.86  ? 84  PHE A CZ  1 
ATOM   12  N N   . CYS A 1 6  ? -15.289 -6.072  8.728   1.00 71.07  ? 85  CYS A N   1 
ATOM   13  C CA  . CYS A 1 6  ? -15.208 -7.053  7.626   1.00 71.88  ? 85  CYS A CA  1 
ATOM   14  C C   . CYS A 1 6  ? -15.468 -6.320  6.292   1.00 70.60  ? 85  CYS A C   1 
ATOM   15  O O   . CYS A 1 6  ? -14.651 -6.541  5.288   1.00 61.43  ? 85  CYS A O   1 
ATOM   16  C CB  . CYS A 1 6  ? -16.118 -8.229  7.937   1.00 81.63  ? 85  CYS A CB  1 
ATOM   17  S SG  . CYS A 1 6  ? -15.282 -9.424  9.026   1.00 80.04  ? 85  CYS A SG  1 
ATOM   18  N N   . GLU A 1 7  ? -16.441 -5.399  6.254   1.00 70.23  ? 86  GLU A N   1 
ATOM   19  C CA  . GLU A 1 7  ? -16.721 -4.653  4.997   1.00 71.09  ? 86  GLU A CA  1 
ATOM   20  C C   . GLU A 1 7  ? -15.563 -3.686  4.714   1.00 66.79  ? 86  GLU A C   1 
ATOM   21  O O   . GLU A 1 7  ? -15.168 -3.501  3.486   1.00 60.69  ? 86  GLU A O   1 
ATOM   22  C CB  . GLU A 1 7  ? -18.037 -3.888  5.063   1.00 77.02  ? 86  GLU A CB  1 
ATOM   23  C CG  . GLU A 1 7  ? -18.454 -3.346  3.697   1.00 81.20  ? 86  GLU A CG  1 
ATOM   24  C CD  . GLU A 1 7  ? -18.550 -4.354  2.552   1.00 84.38  ? 86  GLU A CD  1 
ATOM   25  O OE1 . GLU A 1 7  ? -19.462 -5.219  2.587   1.00 97.44  ? 86  GLU A OE1 1 
ATOM   26  O OE2 . GLU A 1 7  ? -17.722 -4.274  1.618   1.00 87.60  ? 86  GLU A OE2 1 
ATOM   27  N N   . LYS A 1 8  ? -15.056 -3.030  5.763   1.00 61.86  ? 87  LYS A N   1 
ATOM   28  C CA  . LYS A 1 8  ? -13.919 -2.059  5.648   1.00 61.82  ? 87  LYS A CA  1 
ATOM   29  C C   . LYS A 1 8  ? -12.720 -2.775  5.004   1.00 55.15  ? 87  LYS A C   1 
ATOM   30  O O   . LYS A 1 8  ? -12.035 -2.214  4.103   1.00 53.03  ? 87  LYS A O   1 
ATOM   31  C CB  . LYS A 1 8  ? -13.549 -1.537  7.040   1.00 66.61  ? 87  LYS A CB  1 
ATOM   32  C CG  . LYS A 1 8  ? -12.892 -0.165  7.079   1.00 69.30  ? 87  LYS A CG  1 
ATOM   33  C CD  . LYS A 1 8  ? -12.652 0.300   8.521   1.00 76.57  ? 87  LYS A CD  1 
ATOM   34  C CE  . LYS A 1 8  ? -13.023 1.750   8.787   1.00 78.24  ? 87  LYS A CE  1 
ATOM   35  N NZ  . LYS A 1 8  ? -12.345 2.669   7.838   1.00 77.50  ? 87  LYS A NZ  1 
ATOM   36  N N   . TYR A 1 9  ? -12.443 -3.981  5.479   1.00 51.18  ? 88  TYR A N   1 
ATOM   37  C CA  . TYR A 1 9  ? -11.403 -4.850  4.905   1.00 52.65  ? 88  TYR A CA  1 
ATOM   38  C C   . TYR A 1 9  ? -11.632 -5.100  3.396   1.00 51.08  ? 88  TYR A C   1 
ATOM   39  O O   . TYR A 1 9  ? -10.663 -4.959  2.655   1.00 44.86  ? 88  TYR A O   1 
ATOM   40  C CB  . TYR A 1 9  ? -11.417 -6.159  5.643   1.00 52.99  ? 88  TYR A CB  1 
ATOM   41  C CG  . TYR A 1 9  ? -10.613 -7.215  4.964   1.00 55.25  ? 88  TYR A CG  1 
ATOM   42  C CD1 . TYR A 1 9  ? -9.243  -7.227  5.096   1.00 53.77  ? 88  TYR A CD1 1 
ATOM   43  C CD2 . TYR A 1 9  ? -11.226 -8.187  4.187   1.00 55.16  ? 88  TYR A CD2 1 
ATOM   44  C CE1 . TYR A 1 9  ? -8.488  -8.187  4.449   1.00 57.99  ? 88  TYR A CE1 1 
ATOM   45  C CE2 . TYR A 1 9  ? -10.479 -9.157  3.539   1.00 58.84  ? 88  TYR A CE2 1 
ATOM   46  C CZ  . TYR A 1 9  ? -9.102  -9.152  3.674   1.00 59.00  ? 88  TYR A CZ  1 
ATOM   47  O OH  . TYR A 1 9  ? -8.339  -10.118 3.095   1.00 66.11  ? 88  TYR A OH  1 
ATOM   48  N N   . LYS A 1 10 ? -12.816 -5.604  2.998   1.00 53.55  ? 89  LYS A N   1 
ATOM   49  C CA  . LYS A 1 10 ? -13.095 -5.955  1.567   1.00 53.20  ? 89  LYS A CA  1 
ATOM   50  C C   . LYS A 1 10 ? -12.862 -4.702  0.734   1.00 51.67  ? 89  LYS A C   1 
ATOM   51  O O   . LYS A 1 10 ? -12.269 -4.790  -0.367  1.00 51.69  ? 89  LYS A O   1 
ATOM   52  C CB  . LYS A 1 10 ? -14.515 -6.515  1.392   1.00 58.13  ? 89  LYS A CB  1 
ATOM   53  N N   . GLN A 1 11 ? -13.283 -3.542  1.216   1.00 50.56  ? 90  GLN A N   1 
ATOM   54  C CA  . GLN A 1 11 ? -13.107 -2.258  0.478   1.00 52.46  ? 90  GLN A CA  1 
ATOM   55  C C   . GLN A 1 11 ? -11.640 -1.783  0.386   1.00 47.55  ? 90  GLN A C   1 
ATOM   56  O O   . GLN A 1 11 ? -11.244 -1.158  -0.663  1.00 39.41  ? 90  GLN A O   1 
ATOM   57  C CB  . GLN A 1 11 ? -13.982 -1.230  1.160   1.00 56.48  ? 90  GLN A CB  1 
ATOM   58  C CG  . GLN A 1 11 ? -15.446 -1.511  0.906   1.00 63.47  ? 90  GLN A CG  1 
ATOM   59  C CD  . GLN A 1 11 ? -16.294 -0.425  1.504   1.00 68.74  ? 90  GLN A CD  1 
ATOM   60  O OE1 . GLN A 1 11 ? -15.782 0.450   2.208   1.00 70.53  ? 90  GLN A OE1 1 
ATOM   61  N NE2 . GLN A 1 11 ? -17.579 -0.474  1.202   1.00 74.26  ? 90  GLN A NE2 1 
ATOM   62  N N   . THR A 1 12 ? -10.843 -1.987  1.446   1.00 42.16  ? 91  THR A N   1 
ATOM   63  C CA  . THR A 1 12 ? -9.393  -1.721  1.452   1.00 39.41  ? 91  THR A CA  1 
ATOM   64  C C   . THR A 1 12 ? -8.727  -2.658  0.437   1.00 38.90  ? 91  THR A C   1 
ATOM   65  O O   . THR A 1 12 ? -7.812  -2.188  -0.349  1.00 34.54  ? 91  THR A O   1 
ATOM   66  C CB  . THR A 1 12 ? -8.815  -1.966  2.852   1.00 40.11  ? 91  THR A CB  1 
ATOM   67  O OG1 . THR A 1 12 ? -9.508  -1.123  3.759   1.00 45.06  ? 91  THR A OG1 1 
ATOM   68  C CG2 . THR A 1 12 ? -7.354  -1.702  2.972   1.00 37.20  ? 91  THR A CG2 1 
ATOM   69  N N   . LYS A 1 13 ? -9.138  -3.931  0.400   1.00 36.61  ? 92  LYS A N   1 
ATOM   70  C CA  . LYS A 1 13 ? -8.545  -4.875  -0.590  1.00 37.72  ? 92  LYS A CA  1 
ATOM   71  C C   . LYS A 1 13 ? -8.881  -4.363  -1.991  1.00 37.68  ? 92  LYS A C   1 
ATOM   72  O O   . LYS A 1 13 ? -8.039  -4.504  -2.905  1.00 40.45  ? 92  LYS A O   1 
ATOM   73  C CB  . LYS A 1 13 ? -9.071  -6.325  -0.434  1.00 38.93  ? 92  LYS A CB  1 
ATOM   74  N N   . GLU A 1 14 ? -10.122 -3.899  -2.223  1.00 38.99  ? 93  GLU A N   1 
ATOM   75  C CA  . GLU A 1 14 ? -10.525 -3.466  -3.588  1.00 41.48  ? 93  GLU A CA  1 
ATOM   76  C C   . GLU A 1 14 ? -9.647  -2.287  -4.035  1.00 38.14  ? 93  GLU A C   1 
ATOM   77  O O   . GLU A 1 14 ? -9.203  -2.215  -5.248  1.00 38.02  ? 93  GLU A O   1 
ATOM   78  C CB  . GLU A 1 14 ? -11.988 -3.026  -3.614  1.00 42.46  ? 93  GLU A CB  1 
ATOM   79  C CG  . GLU A 1 14 ? -12.972 -4.132  -3.487  1.00 45.62  ? 93  GLU A CG  1 
ATOM   80  C CD  . GLU A 1 14 ? -14.382 -3.720  -3.094  1.00 46.80  ? 93  GLU A CD  1 
ATOM   81  O OE1 . GLU A 1 14 ? -14.669 -2.522  -2.887  1.00 47.29  ? 93  GLU A OE1 1 
ATOM   82  O OE2 . GLU A 1 14 ? -15.205 -4.615  -2.991  1.00 52.98  ? 93  GLU A OE2 1 
ATOM   83  N N   . GLN A 1 15 ? -9.429  -1.333  -3.135  1.00 37.77  ? 94  GLN A N   1 
ATOM   84  C CA  . GLN A 1 15 ? -8.613  -0.137  -3.418  1.00 40.08  ? 94  GLN A CA  1 
ATOM   85  C C   . GLN A 1 15 ? -7.198  -0.541  -3.747  1.00 37.73  ? 94  GLN A C   1 
ATOM   86  O O   . GLN A 1 15 ? -6.617  0.020   -4.723  1.00 37.91  ? 94  GLN A O   1 
ATOM   87  C CB  . GLN A 1 15 ? -8.468  0.763   -2.210  1.00 42.42  ? 94  GLN A CB  1 
ATOM   88  C CG  . GLN A 1 15 ? -9.394  1.960   -2.183  1.00 49.03  ? 94  GLN A CG  1 
ATOM   89  C CD  . GLN A 1 15 ? -9.044  2.701   -0.906  1.00 53.96  ? 94  GLN A CD  1 
ATOM   90  O OE1 . GLN A 1 15 ? -8.065  3.488   -0.839  1.00 40.62  ? 94  GLN A OE1 1 
ATOM   91  N NE2 . GLN A 1 15 ? -9.696  2.225   0.152   1.00 47.66  ? 94  GLN A NE2 1 
ATOM   92  N N   . ALA A 1 16 ? -6.660  -1.486  -2.987  1.00 34.75  ? 95  ALA A N   1 
ATOM   93  C CA  . ALA A 1 16 ? -5.287  -1.972  -3.226  1.00 34.22  ? 95  ALA A CA  1 
ATOM   94  C C   . ALA A 1 16 ? -5.247  -2.592  -4.627  1.00 36.21  ? 95  ALA A C   1 
ATOM   95  O O   . ALA A 1 16 ? -4.270  -2.303  -5.417  1.00 35.31  ? 95  ALA A O   1 
ATOM   96  C CB  . ALA A 1 16 ? -4.784  -2.874  -2.151  1.00 35.66  ? 95  ALA A CB  1 
ATOM   97  N N   . LEU A 1 17 ? -6.285  -3.327  -5.004  1.00 34.78  ? 96  LEU A N   1 
ATOM   98  C CA  . LEU A 1 17 ? -6.295  -4.032  -6.293  1.00 37.83  ? 96  LEU A CA  1 
ATOM   99  C C   . LEU A 1 17 ? -6.174  -3.012  -7.416  1.00 36.40  ? 96  LEU A C   1 
ATOM   100 O O   . LEU A 1 17 ? -5.348  -3.249  -8.330  1.00 33.43  ? 96  LEU A O   1 
ATOM   101 C CB  . LEU A 1 17 ? -7.559  -4.894  -6.480  1.00 40.53  ? 96  LEU A CB  1 
ATOM   102 C CG  . LEU A 1 17 ? -7.605  -5.657  -7.804  1.00 41.97  ? 96  LEU A CG  1 
ATOM   103 C CD1 . LEU A 1 17 ? -6.322  -6.464  -7.955  1.00 46.00  ? 96  LEU A CD1 1 
ATOM   104 C CD2 . LEU A 1 17 ? -8.825  -6.578  -7.902  1.00 46.07  ? 96  LEU A CD2 1 
ATOM   105 N N   . THR A 1 18 ? -7.008  -1.968  -7.384  1.00 34.31  ? 97  THR A N   1 
ATOM   106 C CA  . THR A 1 18 ? -6.999  -0.915  -8.420  1.00 34.83  ? 97  THR A CA  1 
ATOM   107 C C   . THR A 1 18 ? -5.603  -0.295  -8.526  1.00 34.25  ? 97  THR A C   1 
ATOM   108 O O   . THR A 1 18 ? -5.110  -0.051  -9.666  1.00 31.57  ? 97  THR A O   1 
ATOM   109 C CB  . THR A 1 18 ? -8.039  0.164   -8.117  1.00 36.66  ? 97  THR A CB  1 
ATOM   110 O OG1 . THR A 1 18 ? -9.315  -0.460  -8.054  1.00 34.85  ? 97  THR A OG1 1 
ATOM   111 C CG2 . THR A 1 18 ? -8.042  1.215   -9.204  1.00 36.98  ? 97  THR A CG2 1 
ATOM   112 N N   . PHE A 1 19 ? -4.930  0.023   -7.415  1.00 32.29  ? 98  PHE A N   1 
ATOM   113 C CA  . PHE A 1 19 ? -3.574  0.600   -7.459  1.00 32.28  ? 98  PHE A CA  1 
ATOM   114 C C   . PHE A 1 19 ? -2.626  -0.394  -8.183  1.00 35.02  ? 98  PHE A C   1 
ATOM   115 O O   . PHE A 1 19 ? -1.789  -0.015  -9.041  1.00 36.16  ? 98  PHE A O   1 
ATOM   116 C CB  . PHE A 1 19 ? -3.052  0.879   -6.026  1.00 32.92  ? 98  PHE A CB  1 
ATOM   117 C CG  . PHE A 1 19 ? -1.632  1.337   -6.064  1.00 32.54  ? 98  PHE A CG  1 
ATOM   118 C CD1 . PHE A 1 19 ? -1.352  2.691   -6.145  1.00 34.56  ? 98  PHE A CD1 1 
ATOM   119 C CD2 . PHE A 1 19 ? -0.572  0.444   -6.012  1.00 33.89  ? 98  PHE A CD2 1 
ATOM   120 C CE1 . PHE A 1 19 ? -0.041  3.117   -6.229  1.00 33.76  ? 98  PHE A CE1 1 
ATOM   121 C CE2 . PHE A 1 19 ? 0.729   0.883   -6.082  1.00 33.26  ? 98  PHE A CE2 1 
ATOM   122 C CZ  . PHE A 1 19 ? 0.983   2.215   -6.192  1.00 34.06  ? 98  PHE A CZ  1 
ATOM   123 N N   . PHE A 1 20 ? -2.704  -1.689  -7.863  1.00 34.34  ? 99  PHE A N   1 
ATOM   124 C CA  . PHE A 1 20 ? -1.810  -2.684  -8.514  1.00 36.15  ? 99  PHE A CA  1 
ATOM   125 C C   . PHE A 1 20 ? -2.174  -2.937  -9.981  1.00 39.42  ? 99  PHE A C   1 
ATOM   126 O O   . PHE A 1 20 ? -1.243  -3.319  -10.724 1.00 39.00  ? 99  PHE A O   1 
ATOM   127 C CB  . PHE A 1 20 ? -1.700  -3.963  -7.690  1.00 38.19  ? 99  PHE A CB  1 
ATOM   128 C CG  . PHE A 1 20 ? -0.922  -3.732  -6.421  1.00 37.10  ? 99  PHE A CG  1 
ATOM   129 C CD1 . PHE A 1 20 ? 0.368   -3.228  -6.483  1.00 38.15  ? 99  PHE A CD1 1 
ATOM   130 C CD2 . PHE A 1 20 ? -1.472  -3.924  -5.176  1.00 38.13  ? 99  PHE A CD2 1 
ATOM   131 C CE1 . PHE A 1 20 ? 1.132   -3.092  -5.338  1.00 36.95  ? 99  PHE A CE1 1 
ATOM   132 C CE2 . PHE A 1 20 ? -0.741  -3.659  -4.028  1.00 35.04  ? 99  PHE A CE2 1 
ATOM   133 C CZ  . PHE A 1 20 ? 0.555   -3.218  -4.102  1.00 36.30  ? 99  PHE A CZ  1 
ATOM   134 N N   . GLN A 1 21 ? -3.412  -2.680  -10.404 1.00 38.32  ? 100 GLN A N   1 
ATOM   135 C CA  . GLN A 1 21 ? -3.769  -2.738  -11.840 1.00 37.38  ? 100 GLN A CA  1 
ATOM   136 C C   . GLN A 1 21 ? -3.175  -1.515  -12.554 1.00 38.65  ? 100 GLN A C   1 
ATOM   137 O O   . GLN A 1 21 ? -2.830  -1.650  -13.721 1.00 39.21  ? 100 GLN A O   1 
ATOM   138 C CB  . GLN A 1 21 ? -5.287  -2.810  -12.035 1.00 38.61  ? 100 GLN A CB  1 
ATOM   139 C CG  . GLN A 1 21 ? -5.908  -4.099  -11.546 1.00 39.69  ? 100 GLN A CG  1 
ATOM   140 C CD  . GLN A 1 21 ? -7.400  -3.960  -11.341 1.00 40.81  ? 100 GLN A CD  1 
ATOM   141 O OE1 . GLN A 1 21 ? -7.962  -2.872  -11.318 1.00 39.89  ? 100 GLN A OE1 1 
ATOM   142 N NE2 . GLN A 1 21 ? -8.087  -5.070  -11.291 1.00 39.32  ? 100 GLN A NE2 1 
ATOM   143 N N   . GLU A 1 22 ? -3.104  -0.361  -11.878 1.00 35.46  ? 101 GLU A N   1 
ATOM   144 C CA  . GLU A 1 22 ? -2.520  0.894   -12.378 1.00 35.82  ? 101 GLU A CA  1 
ATOM   145 C C   . GLU A 1 22 ? -0.994  0.793   -12.449 1.00 37.67  ? 101 GLU A C   1 
ATOM   146 O O   . GLU A 1 22 ? -0.422  1.460   -13.351 1.00 39.31  ? 101 GLU A O   1 
ATOM   147 C CB  . GLU A 1 22 ? -2.946  2.062   -11.517 1.00 35.96  ? 101 GLU A CB  1 
ATOM   148 C CG  . GLU A 1 22 ? -4.415  2.405   -11.729 1.00 35.85  ? 101 GLU A CG  1 
ATOM   149 C CD  . GLU A 1 22 ? -4.942  3.424   -10.774 1.00 36.74  ? 101 GLU A CD  1 
ATOM   150 O OE1 . GLU A 1 22 ? -4.315  3.552   -9.715  1.00 37.38  ? 101 GLU A OE1 1 
ATOM   151 O OE2 . GLU A 1 22 ? -5.997  4.061   -11.083 1.00 38.58  ? 101 GLU A OE2 1 
ATOM   152 N N   . HIS A 1 23 ? -0.388  -0.060  -11.638 1.00 34.28  ? 102 HIS A N   1 
ATOM   153 C CA  . HIS A 1 23 ? 1.059   -0.212  -11.481 1.00 36.44  ? 102 HIS A CA  1 
ATOM   154 C C   . HIS A 1 23 ? 1.421   -1.679  -11.545 1.00 37.78  ? 102 HIS A C   1 
ATOM   155 O O   . HIS A 1 23 ? 1.825   -2.233  -10.536 1.00 36.89  ? 102 HIS A O   1 
ATOM   156 C CB  . HIS A 1 23 ? 1.486   0.441   -10.174 1.00 36.01  ? 102 HIS A CB  1 
ATOM   157 C CG  . HIS A 1 23 ? 1.202   1.890   -10.177 1.00 38.98  ? 102 HIS A CG  1 
ATOM   158 N ND1 . HIS A 1 23 ? 0.043   2.436   -9.639  1.00 36.61  ? 102 HIS A ND1 1 
ATOM   159 C CD2 . HIS A 1 23 ? 1.878   2.918   -10.753 1.00 40.37  ? 102 HIS A CD2 1 
ATOM   160 C CE1 . HIS A 1 23 ? 0.079   3.772   -9.798  1.00 37.50  ? 102 HIS A CE1 1 
ATOM   161 N NE2 . HIS A 1 23 ? 1.155   4.067   -10.506 1.00 45.14  ? 102 HIS A NE2 1 
ATOM   162 N N   . PRO A 1 24 ? 1.270   -2.369  -12.700 1.00 43.47  ? 103 PRO A N   1 
ATOM   163 C CA  . PRO A 1 24 ? 1.349   -3.831  -12.690 1.00 46.16  ? 103 PRO A CA  1 
ATOM   164 C C   . PRO A 1 24 ? 2.756   -4.374  -12.389 1.00 47.69  ? 103 PRO A C   1 
ATOM   165 O O   . PRO A 1 24 ? 2.848   -5.503  -12.043 1.00 50.12  ? 103 PRO A O   1 
ATOM   166 C CB  . PRO A 1 24 ? 0.858   -4.247  -14.083 1.00 48.23  ? 103 PRO A CB  1 
ATOM   167 C CG  . PRO A 1 24 ? 0.879   -2.995  -14.942 1.00 50.29  ? 103 PRO A CG  1 
ATOM   168 C CD  . PRO A 1 24 ? 0.795   -1.833  -13.978 1.00 46.66  ? 103 PRO A CD  1 
ATOM   169 N N   . GLN A 1 25 ? 3.807   -3.555  -12.550 1.00 47.55  ? 104 GLN A N   1 
ATOM   170 C CA  . GLN A 1 25 ? 5.203   -3.985  -12.283 1.00 50.36  ? 104 GLN A CA  1 
ATOM   171 C C   . GLN A 1 25 ? 5.303   -4.645  -10.907 1.00 49.78  ? 104 GLN A C   1 
ATOM   172 O O   . GLN A 1 25 ? 6.079   -5.600  -10.784 1.00 54.87  ? 104 GLN A O   1 
ATOM   173 C CB  . GLN A 1 25 ? 6.196   -2.827  -12.443 1.00 50.73  ? 104 GLN A CB  1 
ATOM   174 C CG  . GLN A 1 25 ? 5.988   -1.678  -11.465 1.00 48.64  ? 104 GLN A CG  1 
ATOM   175 C CD  . GLN A 1 25 ? 5.160   -0.548  -12.021 1.00 52.17  ? 104 GLN A CD  1 
ATOM   176 O OE1 . GLN A 1 25 ? 4.140   -0.762  -12.701 1.00 50.07  ? 104 GLN A OE1 1 
ATOM   177 N NE2 . GLN A 1 25 ? 5.632   0.679   -11.792 1.00 53.69  ? 104 GLN A NE2 1 
ATOM   178 N N   . TYR A 1 26 ? 4.566   -4.170  -9.896  1.00 48.03  ? 105 TYR A N   1 
ATOM   179 C CA  . TYR A 1 26 ? 4.788   -4.592  -8.497  1.00 49.03  ? 105 TYR A CA  1 
ATOM   180 C C   . TYR A 1 26 ? 4.356   -6.055  -8.306  1.00 52.91  ? 105 TYR A C   1 
ATOM   181 O O   . TYR A 1 26 ? 4.977   -6.718  -7.493  1.00 62.41  ? 105 TYR A O   1 
ATOM   182 C CB  . TYR A 1 26 ? 4.112   -3.627  -7.530  1.00 44.41  ? 105 TYR A CB  1 
ATOM   183 C CG  . TYR A 1 26 ? 4.758   -2.276  -7.501  1.00 42.69  ? 105 TYR A CG  1 
ATOM   184 C CD1 . TYR A 1 26 ? 6.085   -2.123  -7.092  1.00 43.74  ? 105 TYR A CD1 1 
ATOM   185 C CD2 . TYR A 1 26 ? 4.062   -1.150  -7.910  1.00 42.48  ? 105 TYR A CD2 1 
ATOM   186 C CE1 . TYR A 1 26 ? 6.714   -0.891  -7.096  1.00 42.90  ? 105 TYR A CE1 1 
ATOM   187 C CE2 . TYR A 1 26 ? 4.674   0.089   -7.897  1.00 41.80  ? 105 TYR A CE2 1 
ATOM   188 C CZ  . TYR A 1 26 ? 5.998   0.218   -7.512  1.00 43.51  ? 105 TYR A CZ  1 
ATOM   189 O OH  . TYR A 1 26 ? 6.576   1.450   -7.461  1.00 46.19  ? 105 TYR A OH  1 
ATOM   190 N N   . MET A 1 27 ? 3.353   -6.545  -9.032  1.00 53.15  ? 106 MET A N   1 
ATOM   191 C CA  . MET A 1 27 ? 2.822   -7.928  -8.840  1.00 56.68  ? 106 MET A CA  1 
ATOM   192 C C   . MET A 1 27 ? 3.555   -8.862  -9.809  1.00 58.55  ? 106 MET A C   1 
ATOM   193 O O   . MET A 1 27 ? 3.328   -10.093 -9.780  1.00 61.52  ? 106 MET A O   1 
ATOM   194 C CB  . MET A 1 27 ? 1.313   -7.964  -9.098  1.00 56.74  ? 106 MET A CB  1 
ATOM   195 C CG  . MET A 1 27 ? 0.507   -7.247  -8.018  1.00 58.04  ? 106 MET A CG  1 
ATOM   196 S SD  . MET A 1 27 ? 0.468   -8.114  -6.436  1.00 62.42  ? 106 MET A SD  1 
ATOM   197 C CE  . MET A 1 27 ? 1.636   -7.198  -5.435  1.00 61.38  ? 106 MET A CE  1 
ATOM   198 N N   . ARG A 1 28 ? 4.449   -8.304  -10.616 1.00 59.81  ? 107 ARG A N   1 
ATOM   199 C CA  . ARG A 1 28 ? 5.292   -9.085  -11.552 1.00 62.43  ? 107 ARG A CA  1 
ATOM   200 C C   . ARG A 1 28 ? 6.709   -9.261  -11.002 1.00 64.25  ? 107 ARG A C   1 
ATOM   201 O O   . ARG A 1 28 ? 7.409   -10.161 -11.511 1.00 67.47  ? 107 ARG A O   1 
ATOM   202 C CB  . ARG A 1 28 ? 5.382   -8.370  -12.901 1.00 64.71  ? 107 ARG A CB  1 
ATOM   203 C CG  . ARG A 1 28 ? 4.071   -8.285  -13.665 1.00 64.83  ? 107 ARG A CG  1 
ATOM   204 C CD  . ARG A 1 28 ? 4.245   -7.641  -15.033 1.00 68.78  ? 107 ARG A CD  1 
ATOM   205 N NE  . ARG A 1 28 ? 5.457   -6.815  -15.132 1.00 71.80  ? 107 ARG A NE  1 
ATOM   206 C CZ  . ARG A 1 28 ? 5.506   -5.525  -15.483 1.00 72.70  ? 107 ARG A CZ  1 
ATOM   207 N NH1 . ARG A 1 28 ? 6.675   -4.887  -15.508 1.00 74.97  ? 107 ARG A NH1 1 
ATOM   208 N NH2 . ARG A 1 28 ? 4.397   -4.882  -15.814 1.00 68.53  ? 107 ARG A NH2 1 
ATOM   209 N N   . SER A 1 29 ? 7.163   -8.405  -10.087 1.00 59.08  ? 108 SER A N   1 
ATOM   210 C CA  . SER A 1 29 ? 8.593   -8.294  -9.703  1.00 61.41  ? 108 SER A CA  1 
ATOM   211 C C   . SER A 1 29 ? 8.763   -8.312  -8.194  1.00 59.82  ? 108 SER A C   1 
ATOM   212 O O   . SER A 1 29 ? 8.347   -7.343  -7.575  1.00 54.92  ? 108 SER A O   1 
ATOM   213 C CB  . SER A 1 29 ? 9.224   -7.045  -10.238 1.00 60.96  ? 108 SER A CB  1 
ATOM   214 O OG  . SER A 1 29 ? 10.512  -6.864  -9.644  1.00 61.76  ? 108 SER A OG  1 
ATOM   215 N N   . LYS A 1 30 ? 9.453   -9.326  -7.679  1.00 62.96  ? 109 LYS A N   1 
ATOM   216 C CA  . LYS A 1 30 ? 9.759   -9.513  -6.235  1.00 63.30  ? 109 LYS A CA  1 
ATOM   217 C C   . LYS A 1 30 ? 10.566  -8.314  -5.710  1.00 62.29  ? 109 LYS A C   1 
ATOM   218 O O   . LYS A 1 30 ? 10.154  -7.753  -4.675  1.00 58.33  ? 109 LYS A O   1 
ATOM   219 C CB  . LYS A 1 30 ? 10.480  -10.850 -6.021  1.00 66.05  ? 109 LYS A CB  1 
ATOM   220 N N   . GLU A 1 31 ? 11.632  -7.900  -6.411  1.00 63.46  ? 110 GLU A N   1 
ATOM   221 C CA  . GLU A 1 31 ? 12.513  -6.772  -5.992  1.00 64.67  ? 110 GLU A CA  1 
ATOM   222 C C   . GLU A 1 31 ? 11.662  -5.489  -5.880  1.00 59.27  ? 110 GLU A C   1 
ATOM   223 O O   . GLU A 1 31 ? 11.823  -4.763  -4.898  1.00 58.30  ? 110 GLU A O   1 
ATOM   224 C CB  . GLU A 1 31 ? 13.684  -6.604  -6.981  1.00 70.66  ? 110 GLU A CB  1 
ATOM   225 C CG  . GLU A 1 31 ? 14.963  -5.965  -6.411  1.00 76.29  ? 110 GLU A CG  1 
ATOM   226 C CD  . GLU A 1 31 ? 14.873  -4.489  -6.012  1.00 79.13  ? 110 GLU A CD  1 
ATOM   227 O OE1 . GLU A 1 31 ? 14.096  -3.723  -6.651  1.00 81.66  ? 110 GLU A OE1 1 
ATOM   228 O OE2 . GLU A 1 31 ? 15.541  -4.096  -5.025  1.00 82.52  ? 110 GLU A OE2 1 
ATOM   229 N N   . ASP A 1 32 ? 10.780  -5.213  -6.845  1.00 55.02  ? 111 ASP A N   1 
ATOM   230 C CA  . ASP A 1 32 ? 9.994   -3.953  -6.874  1.00 53.18  ? 111 ASP A CA  1 
ATOM   231 C C   . ASP A 1 32 ? 8.997   -3.947  -5.696  1.00 49.00  ? 111 ASP A C   1 
ATOM   232 O O   . ASP A 1 32 ? 8.827   -2.904  -5.030  1.00 47.75  ? 111 ASP A O   1 
ATOM   233 C CB  . ASP A 1 32 ? 9.246   -3.811  -8.202  1.00 52.29  ? 111 ASP A CB  1 
ATOM   234 C CG  . ASP A 1 32 ? 10.145  -3.537  -9.404  1.00 58.30  ? 111 ASP A CG  1 
ATOM   235 O OD1 . ASP A 1 32 ? 11.379  -3.576  -9.252  1.00 60.71  ? 111 ASP A OD1 1 
ATOM   236 O OD2 . ASP A 1 32 ? 9.597   -3.342  -10.496 1.00 62.73  ? 111 ASP A OD2 1 
ATOM   237 N N   . GLU A 1 33 ? 8.304   -5.063  -5.529  1.00 51.02  ? 112 GLU A N   1 
ATOM   238 C CA  . GLU A 1 33 ? 7.324   -5.313  -4.425  1.00 50.95  ? 112 GLU A CA  1 
ATOM   239 C C   . GLU A 1 33 ? 8.041   -5.057  -3.092  1.00 48.74  ? 112 GLU A C   1 
ATOM   240 O O   . GLU A 1 33 ? 7.450   -4.435  -2.235  1.00 46.87  ? 112 GLU A O   1 
ATOM   241 C CB  . GLU A 1 33 ? 6.747   -6.727  -4.636  1.00 55.65  ? 112 GLU A CB  1 
ATOM   242 C CG  . GLU A 1 33 ? 6.006   -7.325  -3.454  1.00 59.39  ? 112 GLU A CG  1 
ATOM   243 C CD  . GLU A 1 33 ? 4.869   -8.307  -3.755  1.00 65.02  ? 112 GLU A CD  1 
ATOM   244 O OE1 . GLU A 1 33 ? 5.132   -9.393  -4.351  1.00 66.21  ? 112 GLU A OE1 1 
ATOM   245 O OE2 . GLU A 1 33 ? 3.686   -7.998  -3.362  1.00 71.44  ? 112 GLU A OE2 1 
ATOM   246 N N   . GLU A 1 34 ? 9.282   -5.491  -2.953  1.00 52.33  ? 113 GLU A N   1 
ATOM   247 C CA  . GLU A 1 34 ? 10.115  -5.346  -1.730  1.00 55.34  ? 113 GLU A CA  1 
ATOM   248 C C   . GLU A 1 34 ? 10.413  -3.863  -1.486  1.00 53.30  ? 113 GLU A C   1 
ATOM   249 O O   . GLU A 1 34 ? 10.228  -3.386  -0.359  1.00 49.77  ? 113 GLU A O   1 
ATOM   250 C CB  . GLU A 1 34 ? 11.422  -6.112  -1.929  1.00 63.14  ? 113 GLU A CB  1 
ATOM   251 C CG  . GLU A 1 34 ? 11.987  -6.696  -0.661  1.00 68.76  ? 113 GLU A CG  1 
ATOM   252 C CD  . GLU A 1 34 ? 13.162  -7.628  -0.910  1.00 77.65  ? 113 GLU A CD  1 
ATOM   253 O OE1 . GLU A 1 34 ? 14.235  -7.414  -0.265  1.00 83.31  ? 113 GLU A OE1 1 
ATOM   254 O OE2 . GLU A 1 34 ? 13.018  -8.565  -1.761  1.00 81.07  ? 113 GLU A OE2 1 
ATOM   255 N N   . GLN A 1 35 ? 10.898  -3.164  -2.511  1.00 51.09  ? 114 GLN A N   1 
ATOM   256 C CA  . GLN A 1 35 ? 11.244  -1.725  -2.394  1.00 50.64  ? 114 GLN A CA  1 
ATOM   257 C C   . GLN A 1 35 ? 9.979   -0.951  -1.976  1.00 46.06  ? 114 GLN A C   1 
ATOM   258 O O   . GLN A 1 35 ? 10.084  -0.092  -1.105  1.00 46.83  ? 114 GLN A O   1 
ATOM   259 C CB  . GLN A 1 35 ? 11.821  -1.207  -3.710  1.00 51.16  ? 114 GLN A CB  1 
ATOM   260 N N   . LEU A 1 36 ? 8.845   -1.237  -2.622  1.00 43.78  ? 115 LEU A N   1 
ATOM   261 C CA  . LEU A 1 36 ? 7.544   -0.583  -2.356  1.00 40.92  ? 115 LEU A CA  1 
ATOM   262 C C   . LEU A 1 36 ? 7.113   -0.850  -0.914  1.00 41.35  ? 115 LEU A C   1 
ATOM   263 O O   . LEU A 1 36 ? 6.737   0.119   -0.221  1.00 38.82  ? 115 LEU A O   1 
ATOM   264 C CB  . LEU A 1 36 ? 6.464   -1.064  -3.338  1.00 38.59  ? 115 LEU A CB  1 
ATOM   265 C CG  . LEU A 1 36 ? 5.135   -0.323  -3.177  1.00 35.70  ? 115 LEU A CG  1 
ATOM   266 C CD1 . LEU A 1 36 ? 5.311   1.148   -3.550  1.00 36.04  ? 115 LEU A CD1 1 
ATOM   267 C CD2 . LEU A 1 36 ? 4.021   -0.931  -3.985  1.00 34.71  ? 115 LEU A CD2 1 
ATOM   268 N N   . MET A 1 37 ? 7.153   -2.104  -0.479  1.00 40.85  ? 116 MET A N   1 
ATOM   269 C CA  . MET A 1 37 ? 6.801   -2.469  0.935   1.00 41.43  ? 116 MET A CA  1 
ATOM   270 C C   . MET A 1 37 ? 7.724   -1.672  1.867   1.00 41.88  ? 116 MET A C   1 
ATOM   271 O O   . MET A 1 37 ? 7.219   -1.150  2.835   1.00 39.72  ? 116 MET A O   1 
ATOM   272 C CB  . MET A 1 37 ? 6.871   -3.992  1.186   1.00 41.16  ? 116 MET A CB  1 
ATOM   273 C CG  . MET A 1 37 ? 6.527   -4.415  2.602   1.00 44.75  ? 116 MET A CG  1 
ATOM   274 S SD  . MET A 1 37 ? 4.849   -3.807  3.029   1.00 40.94  ? 116 MET A SD  1 
ATOM   275 C CE  . MET A 1 37 ? 3.881   -5.114  2.297   1.00 40.50  ? 116 MET A CE  1 
ATOM   276 N N   . THR A 1 38 ? 9.021   -1.509  1.580   1.00 45.64  ? 117 THR A N   1 
ATOM   277 C CA  . THR A 1 38 ? 9.924   -0.740  2.476   1.00 46.81  ? 117 THR A CA  1 
ATOM   278 C C   . THR A 1 38 ? 9.415   0.709   2.607   1.00 46.34  ? 117 THR A C   1 
ATOM   279 O O   . THR A 1 38 ? 9.302   1.228   3.769   1.00 44.88  ? 117 THR A O   1 
ATOM   280 C CB  . THR A 1 38 ? 11.392  -0.825  2.025   1.00 50.67  ? 117 THR A CB  1 
ATOM   281 O OG1 . THR A 1 38 ? 11.885  -2.159  2.198   1.00 50.82  ? 117 THR A OG1 1 
ATOM   282 C CG2 . THR A 1 38 ? 12.294  0.115   2.792   1.00 51.56  ? 117 THR A CG2 1 
ATOM   283 N N   . GLU A 1 39 ? 9.089   1.361   1.493   1.00 44.37  ? 118 GLU A N   1 
ATOM   284 C CA  . GLU A 1 39 ? 8.588   2.767   1.515   1.00 45.20  ? 118 GLU A CA  1 
ATOM   285 C C   . GLU A 1 39 ? 7.188   2.828   2.115   1.00 40.55  ? 118 GLU A C   1 
ATOM   286 O O   . GLU A 1 39 ? 6.887   3.784   2.781   1.00 41.13  ? 118 GLU A O   1 
ATOM   287 C CB  . GLU A 1 39 ? 8.503   3.372   0.116   1.00 45.23  ? 118 GLU A CB  1 
ATOM   288 C CG  . GLU A 1 39 ? 9.843   3.510   -0.514  1.00 53.46  ? 118 GLU A CG  1 
ATOM   289 C CD  . GLU A 1 39 ? 10.843  4.344   0.292   1.00 56.53  ? 118 GLU A CD  1 
ATOM   290 O OE1 . GLU A 1 39 ? 10.434  5.319   0.973   1.00 56.19  ? 118 GLU A OE1 1 
ATOM   291 O OE2 . GLU A 1 39 ? 12.012  3.992   0.249   1.00 65.57  ? 118 GLU A OE2 1 
ATOM   292 N N   . PHE A 1 40 ? 6.355   1.839   1.835   1.00 38.28  ? 119 PHE A N   1 
ATOM   293 C CA  . PHE A 1 40 ? 4.987   1.746   2.394   1.00 36.32  ? 119 PHE A CA  1 
ATOM   294 C C   . PHE A 1 40 ? 5.039   1.773   3.930   1.00 37.54  ? 119 PHE A C   1 
ATOM   295 O O   . PHE A 1 40 ? 4.346   2.570   4.524   1.00 35.34  ? 119 PHE A O   1 
ATOM   296 C CB  . PHE A 1 40 ? 4.330   0.494   1.828   1.00 35.60  ? 119 PHE A CB  1 
ATOM   297 C CG  . PHE A 1 40 ? 2.874   0.318   2.162   1.00 34.22  ? 119 PHE A CG  1 
ATOM   298 C CD1 . PHE A 1 40 ? 1.911   1.034   1.473   1.00 34.49  ? 119 PHE A CD1 1 
ATOM   299 C CD2 . PHE A 1 40 ? 2.460   -0.727  2.979   1.00 35.45  ? 119 PHE A CD2 1 
ATOM   300 C CE1 . PHE A 1 40 ? 0.564   0.795   1.662   1.00 32.52  ? 119 PHE A CE1 1 
ATOM   301 C CE2 . PHE A 1 40 ? 1.107   -0.961  3.184   1.00 33.87  ? 119 PHE A CE2 1 
ATOM   302 C CZ  . PHE A 1 40 ? 0.174   -0.197  2.523   1.00 33.75  ? 119 PHE A CZ  1 
ATOM   303 N N   . LYS A 1 41 ? 5.917   0.986   4.558   1.00 39.16  ? 120 LYS A N   1 
ATOM   304 C CA  . LYS A 1 41 ? 6.054   0.971   6.041   1.00 41.92  ? 120 LYS A CA  1 
ATOM   305 C C   . LYS A 1 41 ? 6.545   2.340   6.506   1.00 41.78  ? 120 LYS A C   1 
ATOM   306 O O   . LYS A 1 41 ? 6.052   2.798   7.534   1.00 42.78  ? 120 LYS A O   1 
ATOM   307 C CB  . LYS A 1 41 ? 6.946   -0.182  6.502   1.00 45.53  ? 120 LYS A CB  1 
ATOM   308 C CG  . LYS A 1 41 ? 6.374   -1.565  6.165   1.00 46.99  ? 120 LYS A CG  1 
ATOM   309 C CD  . LYS A 1 41 ? 7.332   -2.705  6.497   1.00 52.00  ? 120 LYS A CD  1 
ATOM   310 C CE  . LYS A 1 41 ? 6.704   -4.086  6.411   1.00 53.89  ? 120 LYS A CE  1 
ATOM   311 N NZ  . LYS A 1 41 ? 7.649   -5.164  6.805   1.00 55.96  ? 120 LYS A NZ  1 
ATOM   312 N N   . LYS A 1 42 ? 7.429   2.975   5.747   1.00 43.44  ? 121 LYS A N   1 
ATOM   313 C CA  . LYS A 1 42 ? 8.020   4.270   6.129   1.00 46.30  ? 121 LYS A CA  1 
ATOM   314 C C   . LYS A 1 42 ? 6.918   5.316   6.077   1.00 42.78  ? 121 LYS A C   1 
ATOM   315 O O   . LYS A 1 42 ? 6.888   6.173   6.949   1.00 43.26  ? 121 LYS A O   1 
ATOM   316 C CB  . LYS A 1 42 ? 9.149   4.686   5.193   1.00 50.00  ? 121 LYS A CB  1 
ATOM   317 C CG  . LYS A 1 42 ? 10.431  3.894   5.351   1.00 57.64  ? 121 LYS A CG  1 
ATOM   318 C CD  . LYS A 1 42 ? 11.593  4.467   4.584   1.00 62.52  ? 121 LYS A CD  1 
ATOM   319 C CE  . LYS A 1 42 ? 12.118  5.752   5.186   1.00 68.79  ? 121 LYS A CE  1 
ATOM   320 N NZ  . LYS A 1 42 ? 13.507  6.052   4.748   1.00 75.08  ? 121 LYS A NZ  1 
ATOM   321 N N   . VAL A 1 43 ? 6.091   5.310   5.030   1.00 39.27  ? 122 VAL A N   1 
ATOM   322 C CA  . VAL A 1 43 ? 4.941   6.249   4.996   1.00 36.87  ? 122 VAL A CA  1 
ATOM   323 C C   . VAL A 1 43 ? 4.085   6.008   6.237   1.00 36.53  ? 122 VAL A C   1 
ATOM   324 O O   . VAL A 1 43 ? 3.561   6.986   6.854   1.00 36.37  ? 122 VAL A O   1 
ATOM   325 C CB  . VAL A 1 43 ? 4.144   6.120   3.676   1.00 35.52  ? 122 VAL A CB  1 
ATOM   326 C CG1 . VAL A 1 43 ? 2.903   6.982   3.718   1.00 34.55  ? 122 VAL A CG1 1 
ATOM   327 C CG2 . VAL A 1 43 ? 5.020   6.522   2.478   1.00 39.75  ? 122 VAL A CG2 1 
ATOM   328 N N   . LEU A 1 44 ? 3.806   4.730   6.539   1.00 34.46  ? 123 LEU A N   1 
ATOM   329 C CA  . LEU A 1 44 ? 2.839   4.412   7.617   1.00 35.98  ? 123 LEU A CA  1 
ATOM   330 C C   . LEU A 1 44 ? 3.440   4.855   8.969   1.00 37.67  ? 123 LEU A C   1 
ATOM   331 O O   . LEU A 1 44 ? 2.666   5.025   9.869   1.00 40.73  ? 123 LEU A O   1 
ATOM   332 C CB  . LEU A 1 44 ? 2.483   2.923   7.585   1.00 35.02  ? 123 LEU A CB  1 
ATOM   333 C CG  . LEU A 1 44 ? 1.642   2.566   6.367   1.00 36.96  ? 123 LEU A CG  1 
ATOM   334 C CD1 . LEU A 1 44 ? 1.498   1.074   6.204   1.00 38.67  ? 123 LEU A CD1 1 
ATOM   335 C CD2 . LEU A 1 44 ? 0.301   3.249   6.473   1.00 38.58  ? 123 LEU A CD2 1 
ATOM   336 N N   . LEU A 1 45 ? 4.760   4.969   9.084   1.00 42.14  ? 124 LEU A N   1 
ATOM   337 C CA  . LEU A 1 45 ? 5.439   5.436   10.332  1.00 45.15  ? 124 LEU A CA  1 
ATOM   338 C C   . LEU A 1 45 ? 5.258   6.949   10.481  1.00 43.87  ? 124 LEU A C   1 
ATOM   339 O O   . LEU A 1 45 ? 5.455   7.450   11.569  1.00 43.12  ? 124 LEU A O   1 
ATOM   340 C CB  . LEU A 1 45 ? 6.925   5.118   10.229  1.00 50.00  ? 124 LEU A CB  1 
ATOM   341 C CG  . LEU A 1 45 ? 7.307   3.692   10.593  1.00 54.21  ? 124 LEU A CG  1 
ATOM   342 C CD1 . LEU A 1 45 ? 8.805   3.526   10.459  1.00 57.67  ? 124 LEU A CD1 1 
ATOM   343 C CD2 . LEU A 1 45 ? 6.822   3.352   12.001  1.00 56.24  ? 124 LEU A CD2 1 
ATOM   344 N N   . GLU A 1 46 ? 4.850   7.662   9.429   1.00 40.79  ? 125 GLU A N   1 
ATOM   345 C CA  . GLU A 1 46 ? 4.628   9.137   9.493   1.00 40.61  ? 125 GLU A CA  1 
ATOM   346 C C   . GLU A 1 46 ? 3.463   9.453   10.436  1.00 38.51  ? 125 GLU A C   1 
ATOM   347 O O   . GLU A 1 46 ? 2.414   8.820   10.368  1.00 37.53  ? 125 GLU A O   1 
ATOM   348 C CB  . GLU A 1 46 ? 4.404   9.730   8.115   1.00 39.79  ? 125 GLU A CB  1 
ATOM   349 C CG  . GLU A 1 46 ? 5.660   9.632   7.271   1.00 40.37  ? 125 GLU A CG  1 
ATOM   350 C CD  . GLU A 1 46 ? 5.515   10.065  5.854   1.00 40.73  ? 125 GLU A CD  1 
ATOM   351 O OE1 . GLU A 1 46 ? 4.400   10.425  5.414   1.00 37.88  ? 125 GLU A OE1 1 
ATOM   352 O OE2 . GLU A 1 46 ? 6.559   10.094  5.205   1.00 44.52  ? 125 GLU A OE2 1 
ATOM   353 N N   . PRO A 1 47 ? 3.592   10.485  11.293  1.00 40.12  ? 126 PRO A N   1 
ATOM   354 C CA  . PRO A 1 47 ? 2.453   11.047  12.025  1.00 40.16  ? 126 PRO A CA  1 
ATOM   355 C C   . PRO A 1 47 ? 1.232   11.426  11.192  1.00 40.53  ? 126 PRO A C   1 
ATOM   356 O O   . PRO A 1 47 ? 1.365   12.103  10.100  1.00 38.10  ? 126 PRO A O   1 
ATOM   357 C CB  . PRO A 1 47 ? 3.036   12.350  12.570  1.00 43.96  ? 126 PRO A CB  1 
ATOM   358 C CG  . PRO A 1 47 ? 4.480   12.020  12.821  1.00 45.09  ? 126 PRO A CG  1 
ATOM   359 C CD  . PRO A 1 47 ? 4.843   11.209  11.594  1.00 43.16  ? 126 PRO A CD  1 
ATOM   360 N N   . GLY A 1 48 ? 0.059   10.921  11.575  1.00 36.08  ? 127 GLY A N   1 
ATOM   361 C CA  . GLY A 1 48 ? -1.148  11.198  10.757  1.00 35.87  ? 127 GLY A CA  1 
ATOM   362 C C   . GLY A 1 48 ? -1.372  10.229  9.631   1.00 32.44  ? 127 GLY A C   1 
ATOM   363 O O   . GLY A 1 48 ? -2.308  10.411  8.844   1.00 31.70  ? 127 GLY A O   1 
ATOM   364 N N   . SER A 1 49 ? -0.569  9.179   9.510   1.00 34.90  ? 128 SER A N   1 
ATOM   365 C CA  . SER A 1 49 ? -0.750  8.151   8.456   1.00 35.47  ? 128 SER A CA  1 
ATOM   366 C C   . SER A 1 49 ? -2.094  7.419   8.612   1.00 35.98  ? 128 SER A C   1 
ATOM   367 O O   . SER A 1 49 ? -2.669  7.056   7.582   1.00 35.88  ? 128 SER A O   1 
ATOM   368 C CB  . SER A 1 49 ? 0.389   7.187   8.434   1.00 37.27  ? 128 SER A CB  1 
ATOM   369 O OG  . SER A 1 49 ? 0.309   6.321   9.559   1.00 36.89  ? 128 SER A OG  1 
ATOM   370 N N   . LYS A 1 50 ? -2.680  7.446   9.795   1.00 37.14  ? 129 LYS A N   1 
ATOM   371 C CA  . LYS A 1 50 ? -4.057  6.910   10.046  1.00 39.70  ? 129 LYS A CA  1 
ATOM   372 C C   . LYS A 1 50 ? -5.059  7.579   9.093   1.00 35.82  ? 129 LYS A C   1 
ATOM   373 O O   . LYS A 1 50 ? -6.045  6.968   8.745   1.00 36.70  ? 129 LYS A O   1 
ATOM   374 C CB  . LYS A 1 50 ? -4.477  7.201   11.483  1.00 44.06  ? 129 LYS A CB  1 
ATOM   375 C CG  . LYS A 1 50 ? -3.910  6.243   12.539  1.00 52.16  ? 129 LYS A CG  1 
ATOM   376 C CD  . LYS A 1 50 ? -4.618  6.349   13.895  1.00 57.84  ? 129 LYS A CD  1 
ATOM   377 C CE  . LYS A 1 50 ? -4.769  7.785   14.340  1.00 61.45  ? 129 LYS A CE  1 
ATOM   378 N NZ  . LYS A 1 50 ? -5.540  7.901   15.601  1.00 67.39  ? 129 LYS A NZ  1 
ATOM   379 N N   . ASN A 1 51 ? -4.818  8.828   8.685   1.00 34.47  ? 130 ASN A N   1 
ATOM   380 C CA  . ASN A 1 51 ? -5.755  9.656   7.900   1.00 34.15  ? 130 ASN A CA  1 
ATOM   381 C C   . ASN A 1 51 ? -5.684  9.285   6.419   1.00 34.51  ? 130 ASN A C   1 
ATOM   382 O O   . ASN A 1 51 ? -6.589  9.623   5.688   1.00 32.87  ? 130 ASN A O   1 
ATOM   383 C CB  . ASN A 1 51 ? -5.407  11.131  8.099   1.00 37.36  ? 130 ASN A CB  1 
ATOM   384 C CG  . ASN A 1 51 ? -5.678  11.527  9.532   1.00 41.93  ? 130 ASN A CG  1 
ATOM   385 O OD1 . ASN A 1 51 ? -6.809  11.295  10.004  1.00 45.89  ? 130 ASN A OD1 1 
ATOM   386 N ND2 . ASN A 1 51 ? -4.676  12.048  10.246  1.00 39.60  ? 130 ASN A ND2 1 
ATOM   387 N N   . LEU A 1 52 ? -4.659  8.551   5.992   1.00 34.20  ? 131 LEU A N   1 
ATOM   388 C CA  . LEU A 1 52 ? -4.508  8.195   4.561   1.00 32.77  ? 131 LEU A CA  1 
ATOM   389 C C   . LEU A 1 52 ? -5.405  6.998   4.254   1.00 33.74  ? 131 LEU A C   1 
ATOM   390 O O   . LEU A 1 52 ? -5.467  6.119   5.091   1.00 32.37  ? 131 LEU A O   1 
ATOM   391 C CB  . LEU A 1 52 ? -3.057  7.787   4.309   1.00 33.46  ? 131 LEU A CB  1 
ATOM   392 C CG  . LEU A 1 52 ? -2.063  8.952   4.523   1.00 36.15  ? 131 LEU A CG  1 
ATOM   393 C CD1 . LEU A 1 52 ? -0.653  8.534   4.193   1.00 36.93  ? 131 LEU A CD1 1 
ATOM   394 C CD2 . LEU A 1 52 ? -2.485  10.142  3.741   1.00 36.73  ? 131 LEU A CD2 1 
ATOM   395 N N   . SER A 1 53 ? -6.034  6.994   3.096   1.00 31.54  ? 132 SER A N   1 
ATOM   396 C CA  . SER A 1 53 ? -6.603  5.760   2.470   1.00 31.13  ? 132 SER A CA  1 
ATOM   397 C C   . SER A 1 53 ? -5.439  4.817   2.096   1.00 28.92  ? 132 SER A C   1 
ATOM   398 O O   . SER A 1 53 ? -4.249  5.260   1.903   1.00 27.52  ? 132 SER A O   1 
ATOM   399 C CB  . SER A 1 53 ? -7.440  6.084   1.262   1.00 31.75  ? 132 SER A CB  1 
ATOM   400 O OG  . SER A 1 53 ? -6.604  6.574   0.168   1.00 29.79  ? 132 SER A OG  1 
ATOM   401 N N   . ILE A 1 54 ? -5.740  3.556   1.782   1.00 28.45  ? 133 ILE A N   1 
ATOM   402 C CA  . ILE A 1 54 ? -4.627  2.678   1.356   1.00 27.73  ? 133 ILE A CA  1 
ATOM   403 C C   . ILE A 1 54 ? -4.121  3.113   -0.014  1.00 27.56  ? 133 ILE A C   1 
ATOM   404 O O   . ILE A 1 54 ? -2.903  2.981   -0.290  1.00 27.67  ? 133 ILE A O   1 
ATOM   405 C CB  . ILE A 1 54 ? -5.020  1.193   1.385   1.00 28.81  ? 133 ILE A CB  1 
ATOM   406 C CG1 . ILE A 1 54 ? -3.768  0.335   1.310   1.00 28.52  ? 133 ILE A CG1 1 
ATOM   407 C CG2 . ILE A 1 54 ? -6.028  0.845   0.351   1.00 29.72  ? 133 ILE A CG2 1 
ATOM   408 C CD1 . ILE A 1 54 ? -3.962  -1.121  1.561   1.00 30.15  ? 133 ILE A CD1 1 
ATOM   409 N N   . TYR A 1 55 ? -5.013  3.575   -0.869  1.00 28.14  ? 134 TYR A N   1 
ATOM   410 C CA  . TYR A 1 55 ? -4.610  4.118   -2.186  1.00 30.68  ? 134 TYR A CA  1 
ATOM   411 C C   . TYR A 1 55 ? -3.593  5.276   -2.009  1.00 28.46  ? 134 TYR A C   1 
ATOM   412 O O   . TYR A 1 55 ? -2.526  5.299   -2.667  1.00 28.75  ? 134 TYR A O   1 
ATOM   413 C CB  . TYR A 1 55 ? -5.808  4.654   -2.983  1.00 32.01  ? 134 TYR A CB  1 
ATOM   414 C CG  . TYR A 1 55 ? -5.312  5.278   -4.266  1.00 36.56  ? 134 TYR A CG  1 
ATOM   415 C CD1 . TYR A 1 55 ? -4.864  4.552   -5.357  1.00 46.91  ? 134 TYR A CD1 1 
ATOM   416 C CD2 . TYR A 1 55 ? -5.197  6.653   -4.357  1.00 39.83  ? 134 TYR A CD2 1 
ATOM   417 C CE1 . TYR A 1 55 ? -4.358  5.183   -6.498  1.00 40.86  ? 134 TYR A CE1 1 
ATOM   418 C CE2 . TYR A 1 55 ? -4.685  7.283   -5.476  1.00 45.18  ? 134 TYR A CE2 1 
ATOM   419 C CZ  . TYR A 1 55 ? -4.319  6.553   -6.571  1.00 43.31  ? 134 TYR A CZ  1 
ATOM   420 O OH  . TYR A 1 55 ? -3.791  7.282   -7.630  1.00 48.71  ? 134 TYR A OH  1 
ATOM   421 N N   . GLN A 1 56 ? -3.941  6.233   -1.138  1.00 29.88  ? 135 GLN A N   1 
ATOM   422 C CA  . GLN A 1 56 ? -3.055  7.392   -0.853  1.00 30.15  ? 135 GLN A CA  1 
ATOM   423 C C   . GLN A 1 56 ? -1.718  6.894   -0.327  1.00 29.15  ? 135 GLN A C   1 
ATOM   424 O O   . GLN A 1 56 ? -0.684  7.548   -0.680  1.00 30.22  ? 135 GLN A O   1 
ATOM   425 C CB  . GLN A 1 56 ? -3.685  8.451   0.056   1.00 30.13  ? 135 GLN A CB  1 
ATOM   426 C CG  . GLN A 1 56 ? -4.808  9.205   -0.586  1.00 32.00  ? 135 GLN A CG  1 
ATOM   427 C CD  . GLN A 1 56 ? -5.683  9.864   0.447   1.00 34.09  ? 135 GLN A CD  1 
ATOM   428 O OE1 . GLN A 1 56 ? -5.670  9.537   1.631   1.00 32.67  ? 135 GLN A OE1 1 
ATOM   429 N NE2 . GLN A 1 56 ? -6.365  10.899  -0.005  1.00 37.22  ? 135 GLN A NE2 1 
ATOM   430 N N   . THR A 1 57 ? -1.678  5.857   0.514   1.00 27.73  ? 136 THR A N   1 
ATOM   431 C CA  . THR A 1 57 ? -0.457  5.308   1.122   1.00 28.54  ? 136 THR A CA  1 
ATOM   432 C C   . THR A 1 57 ? 0.382   4.650   0.018   1.00 30.88  ? 136 THR A C   1 
ATOM   433 O O   . THR A 1 57 ? 1.602   4.922   -0.074  1.00 30.96  ? 136 THR A O   1 
ATOM   434 C CB  . THR A 1 57 ? -0.719  4.362   2.291   1.00 31.31  ? 136 THR A CB  1 
ATOM   435 O OG1 . THR A 1 57 ? -1.636  5.022   3.184   1.00 30.14  ? 136 THR A OG1 1 
ATOM   436 C CG2 . THR A 1 57 ? 0.560   4.012   3.033   1.00 33.17  ? 136 THR A CG2 1 
ATOM   437 N N   . LEU A 1 58 ? -0.252  3.816   -0.790  1.00 29.18  ? 137 LEU A N   1 
ATOM   438 C CA  . LEU A 1 58 ? 0.460   3.151   -1.898  1.00 31.08  ? 137 LEU A CA  1 
ATOM   439 C C   . LEU A 1 58 ? 1.024   4.185   -2.862  1.00 30.95  ? 137 LEU A C   1 
ATOM   440 O O   . LEU A 1 58 ? 2.177   4.013   -3.330  1.00 33.09  ? 137 LEU A O   1 
ATOM   441 C CB  . LEU A 1 58 ? -0.485  2.164   -2.572  1.00 31.82  ? 137 LEU A CB  1 
ATOM   442 C CG  . LEU A 1 58 ? -0.787  0.906   -1.801  1.00 31.68  ? 137 LEU A CG  1 
ATOM   443 C CD1 . LEU A 1 58 ? -2.037  0.273   -2.396  1.00 32.08  ? 137 LEU A CD1 1 
ATOM   444 C CD2 . LEU A 1 58 ? 0.376   -0.091  -1.788  1.00 34.89  ? 137 LEU A CD2 1 
ATOM   445 N N   . LEU A 1 59 ? 0.251   5.196   -3.223  1.00 30.83  ? 138 LEU A N   1 
ATOM   446 C CA  . LEU A 1 59 ? 0.736   6.197   -4.196  1.00 32.51  ? 138 LEU A CA  1 
ATOM   447 C C   . LEU A 1 59 ? 1.931   6.977   -3.598  1.00 33.41  ? 138 LEU A C   1 
ATOM   448 O O   . LEU A 1 59 ? 2.980   7.194   -4.328  1.00 32.74  ? 138 LEU A O   1 
ATOM   449 C CB  . LEU A 1 59 ? -0.429  7.095   -4.596  1.00 32.85  ? 138 LEU A CB  1 
ATOM   450 C CG  . LEU A 1 59 ? -0.050  8.070   -5.724  1.00 35.23  ? 138 LEU A CG  1 
ATOM   451 C CD1 . LEU A 1 59 ? 0.259   7.330   -7.001  1.00 36.57  ? 138 LEU A CD1 1 
ATOM   452 C CD2 . LEU A 1 59 ? -1.137  9.102   -5.948  1.00 37.52  ? 138 LEU A CD2 1 
ATOM   453 N N   . ALA A 1 60 ? 1.844   7.385   -2.339  1.00 31.99  ? 139 ALA A N   1 
ATOM   454 C CA  . ALA A 1 60 ? 2.947   8.076   -1.612  1.00 35.56  ? 139 ALA A CA  1 
ATOM   455 C C   . ALA A 1 60 ? 4.212   7.219   -1.636  1.00 35.65  ? 139 ALA A C   1 
ATOM   456 O O   . ALA A 1 60 ? 5.358   7.717   -1.923  1.00 38.50  ? 139 ALA A O   1 
ATOM   457 C CB  . ALA A 1 60 ? 2.592   8.307   -0.157  1.00 37.03  ? 139 ALA A CB  1 
ATOM   458 N N   . ALA A 1 61 ? 4.065   5.940   -1.357  1.00 34.13  ? 140 ALA A N   1 
ATOM   459 C CA  . ALA A 1 61 ? 5.212   5.015   -1.315  1.00 36.15  ? 140 ALA A CA  1 
ATOM   460 C C   . ALA A 1 61 ? 5.862   4.886   -2.706  1.00 39.45  ? 140 ALA A C   1 
ATOM   461 O O   . ALA A 1 61 ? 7.139   4.897   -2.790  1.00 42.54  ? 140 ALA A O   1 
ATOM   462 C CB  . ALA A 1 61 ? 4.758   3.688   -0.832  1.00 37.25  ? 140 ALA A CB  1 
ATOM   463 N N   . HIS A 1 62 ? 5.038   4.710   -3.747  1.00 37.83  ? 141 HIS A N   1 
ATOM   464 C CA  . HIS A 1 62 ? 5.494   4.634   -5.168  1.00 37.31  ? 141 HIS A CA  1 
ATOM   465 C C   . HIS A 1 62 ? 6.184   5.963   -5.566  1.00 38.85  ? 141 HIS A C   1 
ATOM   466 O O   . HIS A 1 62 ? 7.301   5.937   -6.150  1.00 41.32  ? 141 HIS A O   1 
ATOM   467 C CB  . HIS A 1 62 ? 4.296   4.291   -6.038  1.00 35.76  ? 141 HIS A CB  1 
ATOM   468 C CG  . HIS A 1 62 ? 4.509   4.442   -7.517  1.00 38.17  ? 141 HIS A CG  1 
ATOM   469 N ND1 . HIS A 1 62 ? 5.285   3.572   -8.221  1.00 41.07  ? 141 HIS A ND1 1 
ATOM   470 C CD2 . HIS A 1 62 ? 4.017   5.319   -8.415  1.00 40.67  ? 141 HIS A CD2 1 
ATOM   471 C CE1 . HIS A 1 62 ? 5.329   3.932   -9.506  1.00 41.73  ? 141 HIS A CE1 1 
ATOM   472 N NE2 . HIS A 1 62 ? 4.569   5.021   -9.653  1.00 43.11  ? 141 HIS A NE2 1 
ATOM   473 N N   . GLU A 1 63 ? 5.584   7.104   -5.250  1.00 39.79  ? 142 GLU A N   1 
ATOM   474 C CA  . GLU A 1 63 ? 6.221   8.433   -5.476  1.00 44.24  ? 142 GLU A CA  1 
ATOM   475 C C   . GLU A 1 63 ? 7.568   8.546   -4.758  1.00 47.57  ? 142 GLU A C   1 
ATOM   476 O O   . GLU A 1 63 ? 8.510   9.085   -5.388  1.00 48.95  ? 142 GLU A O   1 
ATOM   477 C CB  . GLU A 1 63 ? 5.264   9.535   -5.050  1.00 46.06  ? 142 GLU A CB  1 
ATOM   478 C CG  . GLU A 1 63 ? 4.140   9.669   -6.032  1.00 43.92  ? 142 GLU A CG  1 
ATOM   479 C CD  . GLU A 1 63 ? 3.016   10.560  -5.569  1.00 43.72  ? 142 GLU A CD  1 
ATOM   480 O OE1 . GLU A 1 63 ? 2.920   10.915  -4.360  1.00 42.12  ? 142 GLU A OE1 1 
ATOM   481 O OE2 . GLU A 1 63 ? 2.235   10.878  -6.428  1.00 43.77  ? 142 GLU A OE2 1 
ATOM   482 N N   . ARG A 1 64 ? 7.721   7.991   -3.554  1.00 45.49  ? 143 ARG A N   1 
ATOM   483 C CA  . ARG A 1 64 ? 9.029   7.996   -2.841  1.00 52.67  ? 143 ARG A CA  1 
ATOM   484 C C   . ARG A 1 64 ? 10.070  7.193   -3.628  1.00 56.14  ? 143 ARG A C   1 
ATOM   485 O O   . ARG A 1 64 ? 11.228  7.636   -3.591  1.00 58.75  ? 143 ARG A O   1 
ATOM   486 C CB  . ARG A 1 64 ? 8.892   7.515   -1.394  1.00 55.68  ? 143 ARG A CB  1 
ATOM   487 C CG  . ARG A 1 64 ? 8.154   8.515   -0.515  1.00 59.04  ? 143 ARG A CG  1 
ATOM   488 C CD  . ARG A 1 64 ? 7.761   7.931   0.820   1.00 64.85  ? 143 ARG A CD  1 
ATOM   489 N NE  . ARG A 1 64 ? 8.963   7.483   1.508   1.00 71.90  ? 143 ARG A NE  1 
ATOM   490 C CZ  . ARG A 1 64 ? 9.692   8.225   2.342   1.00 78.29  ? 143 ARG A CZ  1 
ATOM   491 N NH1 . ARG A 1 64 ? 9.337   9.463   2.660   1.00 77.04  ? 143 ARG A NH1 1 
ATOM   492 N NH2 . ARG A 1 64 ? 10.783  7.702   2.875   1.00 81.21  ? 143 ARG A NH2 1 
ATOM   493 N N   . LEU A 1 65 ? 9.705   6.110   -4.337  1.00 56.38  ? 144 LEU A N   1 
ATOM   494 C CA  . LEU A 1 65 ? 10.629  5.363   -5.245  1.00 63.60  ? 144 LEU A CA  1 
ATOM   495 C C   . LEU A 1 65 ? 10.906  6.175   -6.524  1.00 66.63  ? 144 LEU A C   1 
ATOM   496 O O   . LEU A 1 65 ? 11.964  6.006   -7.098  1.00 75.91  ? 144 LEU A O   1 
ATOM   497 C CB  . LEU A 1 65 ? 10.046  3.987   -5.596  1.00 62.81  ? 144 LEU A CB  1 
ATOM   498 C CG  . LEU A 1 65 ? 9.962   2.991   -4.438  1.00 61.16  ? 144 LEU A CG  1 
ATOM   499 C CD1 . LEU A 1 65 ? 9.335   1.676   -4.893  1.00 60.09  ? 144 LEU A CD1 1 
ATOM   500 C CD2 . LEU A 1 65 ? 11.335  2.733   -3.842  1.00 65.48  ? 144 LEU A CD2 1 
ATOM   501 N N   . GLN A 1 66 ? 9.954   6.969   -7.015  1.00 67.36  ? 145 GLN A N   1 
ATOM   502 C CA  . GLN A 1 66 ? 10.122  7.778   -8.250  1.00 66.75  ? 145 GLN A CA  1 
ATOM   503 C C   . GLN A 1 66 ? 11.000  8.986   -7.907  1.00 71.20  ? 145 GLN A C   1 
ATOM   504 O O   . GLN A 1 66 ? 11.454  9.662   -8.842  1.00 73.68  ? 145 GLN A O   1 
ATOM   505 C CB  . GLN A 1 66 ? 8.771   8.194   -8.844  1.00 61.73  ? 145 GLN A CB  1 
ATOM   506 C CG  . GLN A 1 66 ? 8.186   7.152   -9.784  1.00 61.93  ? 145 GLN A CG  1 
ATOM   507 C CD  . GLN A 1 66 ? 6.814   7.523   -10.285 1.00 62.72  ? 145 GLN A CD  1 
ATOM   508 O OE1 . GLN A 1 66 ? 6.059   8.219   -9.594  1.00 61.12  ? 145 GLN A OE1 1 
ATOM   509 N NE2 . GLN A 1 66 ? 6.475   7.041   -11.480 1.00 60.25  ? 145 GLN A NE2 1 
ATOM   510 N N   . ALA A 1 67 ? 11.218  9.240   -6.617  1.00 73.33  ? 146 ALA A N   1 
ATOM   511 C CA  . ALA A 1 67 ? 12.175  10.235  -6.094  1.00 78.05  ? 146 ALA A CA  1 
ATOM   512 C C   . ALA A 1 67 ? 13.544  9.565   -5.955  1.00 81.22  ? 146 ALA A C   1 
ATOM   513 O O   . ALA A 1 67 ? 14.301  9.657   -6.919  1.00 89.07  ? 146 ALA A O   1 
ATOM   514 C CB  . ALA A 1 67 ? 11.682  10.793  -4.783  1.00 73.68  ? 146 ALA A CB  1 
ATOM   515 N N   . LEU B 2 4  ? -1.971  -9.603  -2.133  1.00 43.22  ? 546 LEU B N   1 
ATOM   516 C CA  . LEU B 2 4  ? -2.754  -8.349  -1.593  1.00 42.60  ? 546 LEU B CA  1 
ATOM   517 C C   . LEU B 2 4  ? -2.822  -8.344  -0.073  1.00 44.36  ? 546 LEU B C   1 
ATOM   518 O O   . LEU B 2 4  ? -2.951  -7.226  0.541   1.00 41.44  ? 546 LEU B O   1 
ATOM   519 C CB  . LEU B 2 4  ? -4.219  -8.279  -2.052  1.00 45.08  ? 546 LEU B CB  1 
ATOM   520 C CG  . LEU B 2 4  ? -4.575  -7.806  -3.460  1.00 48.67  ? 546 LEU B CG  1 
ATOM   521 C CD1 . LEU B 2 4  ? -6.098  -7.789  -3.613  1.00 52.78  ? 546 LEU B CD1 1 
ATOM   522 C CD2 . LEU B 2 4  ? -4.031  -6.429  -3.781  1.00 46.24  ? 546 LEU B CD2 1 
ATOM   523 N N   . GLN B 2 5  ? -2.988  -9.522  0.522   1.00 46.92  ? 547 GLN B N   1 
ATOM   524 C CA  . GLN B 2 5  ? -3.305  -9.597  1.971   1.00 48.07  ? 547 GLN B CA  1 
ATOM   525 C C   . GLN B 2 5  ? -2.198  -8.931  2.780   1.00 42.44  ? 547 GLN B C   1 
ATOM   526 O O   . GLN B 2 5  ? -2.569  -8.282  3.770   1.00 43.79  ? 547 GLN B O   1 
ATOM   527 C CB  . GLN B 2 5  ? -3.535  -11.032 2.475   1.00 55.52  ? 547 GLN B CB  1 
ATOM   528 C CG  . GLN B 2 5  ? -5.009  -11.424 2.580   1.00 63.57  ? 547 GLN B CG  1 
ATOM   529 C CD  . GLN B 2 5  ? -5.341  -12.375 3.721   1.00 73.00  ? 547 GLN B CD  1 
ATOM   530 O OE1 . GLN B 2 5  ? -4.634  -12.458 4.733   1.00 79.21  ? 547 GLN B OE1 1 
ATOM   531 N NE2 . GLN B 2 5  ? -6.458  -13.078 3.602   1.00 72.55  ? 547 GLN B NE2 1 
ATOM   532 N N   . LYS B 2 6  ? -0.916  -9.117  2.447   1.00 43.36  ? 548 LYS B N   1 
ATOM   533 C CA  . LYS B 2 6  ? 0.215   -8.495  3.196   1.00 44.63  ? 548 LYS B CA  1 
ATOM   534 C C   . LYS B 2 6  ? 0.076   -6.970  3.213   1.00 40.76  ? 548 LYS B C   1 
ATOM   535 O O   . LYS B 2 6  ? 0.338   -6.361  4.290   1.00 37.44  ? 548 LYS B O   1 
ATOM   536 C CB  . LYS B 2 6  ? 1.588   -8.945  2.684   1.00 50.58  ? 548 LYS B CB  1 
ATOM   537 C CG  . LYS B 2 6  ? 2.005   -8.383  1.332   1.00 53.74  ? 548 LYS B CG  1 
ATOM   538 C CD  . LYS B 2 6  ? 3.390   -8.856  0.890   1.00 60.61  ? 548 LYS B CD  1 
ATOM   539 C CE  . LYS B 2 6  ? 3.499   -8.937  -0.614  1.00 61.51  ? 548 LYS B CE  1 
ATOM   540 N NZ  . LYS B 2 6  ? 2.544   -9.934  -1.161  1.00 62.61  ? 548 LYS B NZ  1 
ATOM   541 N N   . TRP B 2 7  ? -0.401  -6.355  2.119   1.00 35.87  ? 549 TRP B N   1 
ATOM   542 C CA  . TRP B 2 7  ? -0.551  -4.877  2.013   1.00 33.51  ? 549 TRP B CA  1 
ATOM   543 C C   . TRP B 2 7  ? -1.682  -4.422  2.939   1.00 31.67  ? 549 TRP B C   1 
ATOM   544 O O   . TRP B 2 7  ? -1.497  -3.453  3.662   1.00 30.24  ? 549 TRP B O   1 
ATOM   545 C CB  . TRP B 2 7  ? -0.832  -4.473  0.557   1.00 34.54  ? 549 TRP B CB  1 
ATOM   546 C CG  . TRP B 2 7  ? 0.292   -4.886  -0.341  1.00 36.27  ? 549 TRP B CG  1 
ATOM   547 C CD1 . TRP B 2 7  ? 0.375   -6.007  -1.136  1.00 39.98  ? 549 TRP B CD1 1 
ATOM   548 C CD2 . TRP B 2 7  ? 1.519   -4.168  -0.525  1.00 35.81  ? 549 TRP B CD2 1 
ATOM   549 N NE1 . TRP B 2 7  ? 1.598   -6.058  -1.745  1.00 40.34  ? 549 TRP B NE1 1 
ATOM   550 C CE2 . TRP B 2 7  ? 2.316   -4.945  -1.390  1.00 40.09  ? 549 TRP B CE2 1 
ATOM   551 C CE3 . TRP B 2 7  ? 2.029   -2.990  0.014   1.00 36.24  ? 549 TRP B CE3 1 
ATOM   552 C CZ2 . TRP B 2 7  ? 3.592   -4.532  -1.770  1.00 42.32  ? 549 TRP B CZ2 1 
ATOM   553 C CZ3 . TRP B 2 7  ? 3.281   -2.572  -0.378  1.00 38.37  ? 549 TRP B CZ3 1 
ATOM   554 C CH2 . TRP B 2 7  ? 4.057   -3.345  -1.250  1.00 40.42  ? 549 TRP B CH2 1 
ATOM   555 N N   . VAL B 2 8  ? -2.808  -5.119  2.894   1.00 32.12  ? 550 VAL B N   1 
ATOM   556 C CA  . VAL B 2 8  ? -3.991  -4.794  3.731   1.00 32.59  ? 550 VAL B CA  1 
ATOM   557 C C   . VAL B 2 8  ? -3.623  -4.951  5.219   1.00 34.75  ? 550 VAL B C   1 
ATOM   558 O O   . VAL B 2 8  ? -3.958  -4.021  5.978   1.00 32.68  ? 550 VAL B O   1 
ATOM   559 C CB  . VAL B 2 8  ? -5.224  -5.617  3.337   1.00 35.71  ? 550 VAL B CB  1 
ATOM   560 C CG1 . VAL B 2 8  ? -6.380  -5.323  4.267   1.00 37.96  ? 550 VAL B CG1 1 
ATOM   561 C CG2 . VAL B 2 8  ? -5.622  -5.332  1.899   1.00 39.28  ? 550 VAL B CG2 1 
ATOM   562 N N   A ARG B 2 9  ? -2.951  -6.057  5.612   0.50 33.04  ? 551 ARG B N   1 
ATOM   563 N N   B ARG B 2 9  ? -3.011  -6.092  5.601   0.50 35.49  ? 551 ARG B N   1 
ATOM   564 C CA  A ARG B 2 9  ? -2.626  -6.374  7.035   0.50 33.33  ? 551 ARG B CA  1 
ATOM   565 C CA  B ARG B 2 9  ? -2.574  -6.396  6.991   0.50 37.10  ? 551 ARG B CA  1 
ATOM   566 C C   A ARG B 2 9  ? -1.608  -5.351  7.575   0.50 32.37  ? 551 ARG B C   1 
ATOM   567 C C   B ARG B 2 9  ? -1.725  -5.216  7.491   0.50 34.23  ? 551 ARG B C   1 
ATOM   568 O O   A ARG B 2 9  ? -1.669  -5.050  8.774   0.50 30.98  ? 551 ARG B O   1 
ATOM   569 O O   B ARG B 2 9  ? -2.077  -4.614  8.507   0.50 31.69  ? 551 ARG B O   1 
ATOM   570 C CB  A ARG B 2 9  ? -2.117  -7.813  7.201   0.50 35.12  ? 551 ARG B CB  1 
ATOM   571 C CB  B ARG B 2 9  ? -1.793  -7.717  7.055   0.50 42.03  ? 551 ARG B CB  1 
ATOM   572 C CG  A ARG B 2 9  ? -3.186  -8.893  7.145   0.50 37.00  ? 551 ARG B CG  1 
ATOM   573 C CG  B ARG B 2 9  ? -2.633  -8.978  6.923   0.50 46.85  ? 551 ARG B CG  1 
ATOM   574 C CD  A ARG B 2 9  ? -2.521  -10.235 6.894   0.50 38.21  ? 551 ARG B CD  1 
ATOM   575 C CD  B ARG B 2 9  ? -1.789  -10.225 7.116   0.50 51.72  ? 551 ARG B CD  1 
ATOM   576 N NE  A ARG B 2 9  ? -3.395  -11.397 6.812   0.50 40.97  ? 551 ARG B NE  1 
ATOM   577 N NE  B ARG B 2 9  ? -1.646  -11.095 5.962   0.50 55.16  ? 551 ARG B NE  1 
ATOM   578 C CZ  A ARG B 2 9  ? -3.568  -12.328 7.728   0.50 41.95  ? 551 ARG B CZ  1 
ATOM   579 C CZ  B ARG B 2 9  ? -0.489  -11.433 5.405   0.50 56.90  ? 551 ARG B CZ  1 
ATOM   580 N NH1 A ARG B 2 9  ? -2.966  -12.273 8.906   0.50 41.65  ? 551 ARG B NH1 1 
ATOM   581 N NH1 B ARG B 2 9  ? 0.658   -10.976 5.883   0.50 55.88  ? 551 ARG B NH1 1 
ATOM   582 N NH2 A ARG B 2 9  ? -4.385  -13.330 7.461   0.50 44.77  ? 551 ARG B NH2 1 
ATOM   583 N NH2 B ARG B 2 9  ? -0.492  -12.236 4.367   0.50 61.40  ? 551 ARG B NH2 1 
ATOM   584 N N   . VAL B 2 10 ? -0.689  -4.849  6.743   1.00 31.48  ? 552 VAL B N   1 
ATOM   585 C CA  . VAL B 2 10 ? 0.277   -3.812  7.174   1.00 33.32  ? 552 VAL B CA  1 
ATOM   586 C C   . VAL B 2 10 ? -0.494  -2.493  7.329   1.00 32.67  ? 552 VAL B C   1 
ATOM   587 O O   . VAL B 2 10 ? -0.302  -1.765  8.382   1.00 33.42  ? 552 VAL B O   1 
ATOM   588 C CB  . VAL B 2 10 ? 1.445   -3.729  6.162   1.00 34.23  ? 552 VAL B CB  1 
ATOM   589 C CG1 . VAL B 2 10 ? 2.361   -2.511  6.378   1.00 36.35  ? 552 VAL B CG1 1 
ATOM   590 C CG2 . VAL B 2 10 ? 2.233   -5.015  6.225   1.00 37.76  ? 552 VAL B CG2 1 
ATOM   591 N N   . TYR B 2 11 ? -1.345  -2.185  6.357   1.00 30.31  ? 553 TYR B N   1 
ATOM   592 C CA  . TYR B 2 11 ? -2.101  -0.903  6.347   1.00 30.72  ? 553 TYR B CA  1 
ATOM   593 C C   . TYR B 2 11 ? -2.971  -0.826  7.619   1.00 32.16  ? 553 TYR B C   1 
ATOM   594 O O   . TYR B 2 11 ? -2.992  0.215   8.271   1.00 31.70  ? 553 TYR B O   1 
ATOM   595 C CB  . TYR B 2 11 ? -2.918  -0.731  5.075   1.00 29.74  ? 553 TYR B CB  1 
ATOM   596 C CG  . TYR B 2 11 ? -3.875  0.433   5.066   1.00 28.88  ? 553 TYR B CG  1 
ATOM   597 C CD1 . TYR B 2 11 ? -3.415  1.735   4.884   1.00 27.51  ? 553 TYR B CD1 1 
ATOM   598 C CD2 . TYR B 2 11 ? -5.209  0.255   5.333   1.00 27.98  ? 553 TYR B CD2 1 
ATOM   599 C CE1 . TYR B 2 11 ? -4.273  2.822   4.878   1.00 28.28  ? 553 TYR B CE1 1 
ATOM   600 C CE2 . TYR B 2 11 ? -6.097  1.312   5.288   1.00 30.28  ? 553 TYR B CE2 1 
ATOM   601 C CZ  . TYR B 2 11 ? -5.612  2.612   5.171   1.00 27.80  ? 553 TYR B CZ  1 
ATOM   602 O OH  . TYR B 2 11 ? -6.543  3.589   5.166   1.00 29.58  ? 553 TYR B OH  1 
ATOM   603 N N   . LEU B 2 12 ? -3.719  -1.882  7.934   1.00 31.21  ? 554 LEU B N   1 
ATOM   604 C CA  . LEU B 2 12 ? -4.672  -1.880  9.068   1.00 36.62  ? 554 LEU B CA  1 
ATOM   605 C C   . LEU B 2 12 ? -3.927  -1.795  10.411  1.00 36.32  ? 554 LEU B C   1 
ATOM   606 O O   . LEU B 2 12 ? -4.567  -1.436  11.382  1.00 38.46  ? 554 LEU B O   1 
ATOM   607 C CB  . LEU B 2 12 ? -5.528  -3.138  9.025   1.00 40.42  ? 554 LEU B CB  1 
ATOM   608 C CG  . LEU B 2 12 ? -6.462  -3.215  7.826   1.00 43.99  ? 554 LEU B CG  1 
ATOM   609 C CD1 . LEU B 2 12 ? -7.332  -4.467  7.883   1.00 50.54  ? 554 LEU B CD1 1 
ATOM   610 C CD2 . LEU B 2 12 ? -7.323  -1.968  7.742   1.00 45.29  ? 554 LEU B CD2 1 
ATOM   611 N N   . ASP B 2 13 ? -2.633  -2.118  10.455  1.00 35.54  ? 555 ASP B N   1 
ATOM   612 C CA  . ASP B 2 13 ? -1.823  -2.028  11.695  1.00 38.12  ? 555 ASP B CA  1 
ATOM   613 C C   . ASP B 2 13 ? -1.072  -0.679  11.825  1.00 38.92  ? 555 ASP B C   1 
ATOM   614 O O   . ASP B 2 13 ? -0.457  -0.463  12.858  1.00 44.42  ? 555 ASP B O   1 
ATOM   615 C CB  . ASP B 2 13 ? -0.832  -3.180  11.719  1.00 40.13  ? 555 ASP B CB  1 
ATOM   616 C CG  . ASP B 2 13 ? -0.186  -3.367  13.084  1.00 46.19  ? 555 ASP B CG  1 
ATOM   617 O OD1 . ASP B 2 13 ? -0.753  -2.920  14.078  1.00 48.90  ? 555 ASP B OD1 1 
ATOM   618 O OD2 . ASP B 2 13 ? 0.851   -3.999  13.120  1.00 52.47  ? 555 ASP B OD2 1 
ATOM   619 N N   . ARG B 2 14 ? -1.097  0.224   10.854  1.00 39.76  ? 556 ARG B N   1 
ATOM   620 C CA  . ARG B 2 14 ? -0.460  1.592   10.934  1.00 41.45  ? 556 ARG B CA  1 
ATOM   621 C C   . ARG B 2 14 ? -0.824  2.352   12.222  1.00 49.92  ? 556 ARG B C   1 
ATOM   622 O O   . ARG B 2 14 ? -2.040  2.401   12.569  1.00 49.41  ? 556 ARG B O   1 
ATOM   623 C CB  . ARG B 2 14 ? -0.862  2.425   9.720   1.00 47.11  ? 556 ARG B CB  1 
ATOM   624 C CG  . ARG B 2 14 ? -2.332  2.831   9.620   1.00 47.92  ? 556 ARG B CG  1 
ATOM   625 C CD  . ARG B 2 14 ? -2.761  3.188   8.175   1.00 40.84  ? 556 ARG B CD  1 
ATOM   626 N NE  . ARG B 2 14 ? -4.000  3.932   8.183   1.00 44.07  ? 556 ARG B NE  1 
ATOM   627 C CZ  . ARG B 2 14 ? -5.201  3.394   8.414   1.00 45.74  ? 556 ARG B CZ  1 
ATOM   628 N NH1 . ARG B 2 14 ? -5.308  2.091   8.652   1.00 44.83  ? 556 ARG B NH1 1 
ATOM   629 N NH2 . ARG B 2 14 ? -6.270  4.160   8.444   1.00 45.14  ? 556 ARG B NH2 1 
HETATM 630 S S   . SO4 C 3 .  ? -8.944  1.388   9.185   0.79 55.28  ? 201 SO4 A S   1 
HETATM 631 O O1  . SO4 C 3 .  ? -9.399  0.849   7.937   0.79 57.83  ? 201 SO4 A O1  1 
HETATM 632 O O2  . SO4 C 3 .  ? -9.033  2.828   9.163   0.79 59.12  ? 201 SO4 A O2  1 
HETATM 633 O O3  . SO4 C 3 .  ? -7.571  0.998   9.411   0.79 52.62  ? 201 SO4 A O3  1 
HETATM 634 O O4  . SO4 C 3 .  ? -9.784  0.866   10.236  0.79 57.12  ? 201 SO4 A O4  1 
HETATM 635 S S   . SO4 D 3 .  ? 11.431  11.417  6.060   0.70 62.07  ? 202 SO4 A S   1 
HETATM 636 O O1  . SO4 D 3 .  ? 10.676  12.314  5.251   0.70 57.67  ? 202 SO4 A O1  1 
HETATM 637 O O2  . SO4 D 3 .  ? 12.380  10.710  5.244   0.70 64.80  ? 202 SO4 A O2  1 
HETATM 638 O O3  . SO4 D 3 .  ? 12.130  12.154  7.107   0.70 58.35  ? 202 SO4 A O3  1 
HETATM 639 O O4  . SO4 D 3 .  ? 10.527  10.468  6.655   0.70 72.72  ? 202 SO4 A O4  1 
HETATM 640 O O   . HOH E 4 .  ? 11.335  13.351  3.351   1.00 35.36  ? 301 HOH A O   1 
HETATM 641 O O   . HOH E 4 .  ? 2.302   10.369  -8.734  1.00 52.18  ? 302 HOH A O   1 
HETATM 642 O O   . HOH E 4 .  ? 5.440   1.130   9.293   1.00 50.05  ? 303 HOH A O   1 
HETATM 643 O O   . HOH E 4 .  ? 0.901   11.105  -2.890  1.00 70.76  ? 304 HOH A O   1 
HETATM 644 O O   . HOH E 4 .  ? 8.681   7.269   8.333   1.00 60.44  ? 305 HOH A O   1 
HETATM 645 O O   . HOH E 4 .  ? -9.906  -1.261  6.280   1.00 65.38  ? 306 HOH A O   1 
HETATM 646 O O   . HOH E 4 .  ? -11.198 0.000   -6.362  1.00 46.05  ? 307 HOH A O   1 
HETATM 647 O O   . HOH E 4 .  ? -7.412  10.488  3.406   1.00 51.37  ? 308 HOH A O   1 
HETATM 648 O O   . HOH E 4 .  ? 13.418  5.983   2.153   1.00 74.74  ? 309 HOH A O   1 
HETATM 649 O O   . HOH E 4 .  ? -9.105  11.345  8.791   1.00 63.52  ? 310 HOH A O   1 
HETATM 650 O O   . HOH E 4 .  ? 10.563  0.638   5.969   1.00 48.16  ? 311 HOH A O   1 
HETATM 651 O O   . HOH E 4 .  ? 14.646  9.547   4.633   1.00 74.16  ? 312 HOH A O   1 
HETATM 652 O O   . HOH E 4 .  ? 13.709  -3.279  -3.296  1.00 103.75 ? 313 HOH A O   1 
HETATM 653 O O   . HOH E 4 .  ? 3.447   13.458  9.132   1.00 41.05  ? 314 HOH A O   1 
HETATM 654 O O   . HOH E 4 .  ? 11.772  9.743   -11.491 1.00 72.65  ? 315 HOH A O   1 
HETATM 655 O O   . HOH E 4 .  ? 12.631  1.467   -0.364  1.00 64.96  ? 316 HOH A O   1 
HETATM 656 O O   . HOH E 4 .  ? 5.722   -9.238  -7.005  1.00 71.77  ? 317 HOH A O   1 
HETATM 657 O O   . HOH E 4 .  ? -10.247 -1.672  -10.553 1.00 40.13  ? 318 HOH A O   1 
HETATM 658 O O   . HOH E 4 .  ? 1.290   -4.702  -9.603  1.00 73.11  ? 319 HOH A O   1 
HETATM 659 O O   . HOH E 4 .  ? -8.356  2.633   2.493   1.00 32.69  ? 320 HOH A O   1 
HETATM 660 O O   . HOH E 4 .  ? -16.611 -1.081  4.644   1.00 105.98 ? 321 HOH A O   1 
HETATM 661 O O   . HOH E 4 .  ? -3.096  -3.888  -15.314 1.00 45.40  ? 322 HOH A O   1 
HETATM 662 O O   . HOH E 4 .  ? -7.534  9.633   12.105  1.00 81.32  ? 323 HOH A O   1 
HETATM 663 O O   . HOH E 4 .  ? -9.805  1.540   4.528   1.00 63.56  ? 324 HOH A O   1 
HETATM 664 O O   . HOH E 4 .  ? 6.606   10.920  -9.120  1.00 56.39  ? 325 HOH A O   1 
HETATM 665 O O   . HOH E 4 .  ? 14.372  -4.677  -0.898  1.00 91.39  ? 326 HOH A O   1 
HETATM 666 O O   . HOH E 4 .  ? 0.961   12.837  -3.676  1.00 41.12  ? 327 HOH A O   1 
HETATM 667 O O   . HOH E 4 .  ? 13.992  -2.843  0.411   1.00 54.96  ? 328 HOH A O   1 
HETATM 668 O O   . HOH E 4 .  ? -1.349  -6.180  -11.079 1.00 51.22  ? 329 HOH A O   1 
HETATM 669 O O   . HOH E 4 .  ? -8.755  9.161   10.227  1.00 72.03  ? 330 HOH A O   1 
HETATM 670 O O   . HOH E 4 .  ? 3.019   3.076   11.987  1.00 51.66  ? 331 HOH A O   1 
HETATM 671 O O   . HOH E 4 .  ? 4.238   3.004   -12.845 1.00 48.86  ? 332 HOH A O   1 
HETATM 672 O O   . HOH E 4 .  ? 5.781   10.275  2.404   1.00 63.38  ? 333 HOH A O   1 
HETATM 673 O O   . HOH E 4 .  ? 3.140   8.441   -9.955  1.00 49.06  ? 334 HOH A O   1 
HETATM 674 O O   . HOH E 4 .  ? -17.136 -6.706  0.022   1.00 77.22  ? 335 HOH A O   1 
HETATM 675 O O   . HOH E 4 .  ? -3.933  10.262  -7.611  1.00 54.02  ? 336 HOH A O   1 
HETATM 676 O O   . HOH E 4 .  ? 3.978   -5.438  -4.911  1.00 139.60 ? 337 HOH A O   1 
HETATM 677 O O   . HOH E 4 .  ? 13.181  -10.028 -4.407  1.00 82.19  ? 338 HOH A O   1 
HETATM 678 O O   . HOH E 4 .  ? -1.896  8.721   12.427  1.00 45.90  ? 339 HOH A O   1 
HETATM 679 O O   . HOH E 4 .  ? 13.053  -6.499  -11.285 1.00 65.44  ? 340 HOH A O   1 
HETATM 680 O O   . HOH E 4 .  ? 1.376   7.089   12.662  1.00 51.23  ? 341 HOH A O   1 
HETATM 681 O O   . HOH E 4 .  ? -8.287  6.609   6.699   1.00 55.62  ? 342 HOH A O   1 
HETATM 682 O O   . HOH E 4 .  ? 5.905   10.569  -0.948  1.00 49.63  ? 343 HOH A O   1 
HETATM 683 O O   . HOH E 4 .  ? -11.055 -5.826  -11.146 1.00 50.92  ? 344 HOH A O   1 
HETATM 684 O O   . HOH E 4 .  ? 12.771  -0.954  -6.447  1.00 77.67  ? 345 HOH A O   1 
HETATM 685 O O   . HOH E 4 .  ? 10.103  -5.634  1.751   1.00 57.21  ? 346 HOH A O   1 
HETATM 686 O O   . HOH E 4 .  ? 11.826  -3.211  5.098   1.00 67.61  ? 347 HOH A O   1 
HETATM 687 O O   . HOH E 4 .  ? -10.795 -4.076  -10.066 1.00 58.26  ? 348 HOH A O   1 
HETATM 688 O O   . HOH E 4 .  ? -6.608  2.566   -6.651  1.00 124.33 ? 349 HOH A O   1 
HETATM 689 O O   . HOH E 4 .  ? 8.966   12.559  1.702   1.00 49.60  ? 350 HOH A O   1 
HETATM 690 O O   . HOH E 4 .  ? 10.005  -3.847  4.299   1.00 70.24  ? 351 HOH A O   1 
HETATM 691 O O   . HOH E 4 .  ? -0.643  7.580   12.465  1.00 52.36  ? 352 HOH A O   1 
HETATM 692 O O   . HOH E 4 .  ? 12.250  -9.853  -9.466  1.00 63.64  ? 353 HOH A O   1 
HETATM 693 O O   . HOH E 4 .  ? -1.317  10.977  14.666  1.00 70.16  ? 354 HOH A O   1 
HETATM 694 O O   . HOH E 4 .  ? 12.151  -0.604  -10.691 1.00 62.85  ? 355 HOH A O   1 
HETATM 695 O O   . HOH E 4 .  ? 2.709   6.151   -12.976 1.00 56.97  ? 356 HOH A O   1 
HETATM 696 O O   . HOH E 4 .  ? 6.407   -7.463  -0.495  1.00 77.10  ? 357 HOH A O   1 
HETATM 697 O O   . HOH E 4 .  ? -8.845  3.089   -5.479  1.00 82.08  ? 358 HOH A O   1 
HETATM 698 O O   . HOH E 4 .  ? -12.117 -8.712  8.390   0.50 126.25 ? 359 HOH A O   1 
HETATM 699 O O   . HOH E 4 .  ? -11.890 4.848   -2.027  1.00 56.50  ? 360 HOH A O   1 
HETATM 700 O O   . HOH E 4 .  ? -11.053 6.517   0.271   1.00 66.31  ? 361 HOH A O   1 
HETATM 701 O O   . HOH F 4 .  ? 1.749   -12.612 3.426   1.00 87.74  ? 601 HOH B O   1 
HETATM 702 O O   . HOH F 4 .  ? -4.325  1.330   12.651  1.00 58.24  ? 602 HOH B O   1 
HETATM 703 O O   . HOH F 4 .  ? 1.867   -1.146  9.895   1.00 49.27  ? 603 HOH B O   1 
HETATM 704 O O   . HOH F 4 .  ? -9.011  4.838   5.007   1.00 80.33  ? 604 HOH B O   1 
HETATM 705 O O   . HOH F 4 .  ? -3.606  -6.047  10.587  0.50 40.91  ? 605 HOH B O   1 
HETATM 706 O O   . HOH F 4 .  ? -5.874  -9.629  5.099   1.00 83.31  ? 606 HOH B O   1 
HETATM 707 O O   . HOH F 4 .  ? -4.659  -11.820 -1.295  1.00 56.03  ? 607 HOH B O   1 
HETATM 708 O O   . HOH F 4 .  ? 4.025   -11.782 3.935   1.00 59.09  ? 608 HOH B O   1 
# 
loop_
_atom_site_anisotrop.id 
_atom_site_anisotrop.type_symbol 
_atom_site_anisotrop.pdbx_label_atom_id 
_atom_site_anisotrop.pdbx_label_alt_id 
_atom_site_anisotrop.pdbx_label_comp_id 
_atom_site_anisotrop.pdbx_label_asym_id 
_atom_site_anisotrop.pdbx_label_seq_id 
_atom_site_anisotrop.pdbx_PDB_ins_code 
_atom_site_anisotrop.U[1][1] 
_atom_site_anisotrop.U[2][2] 
_atom_site_anisotrop.U[3][3] 
_atom_site_anisotrop.U[1][2] 
_atom_site_anisotrop.U[1][3] 
_atom_site_anisotrop.U[2][3] 
_atom_site_anisotrop.pdbx_auth_seq_id 
_atom_site_anisotrop.pdbx_auth_comp_id 
_atom_site_anisotrop.pdbx_auth_asym_id 
_atom_site_anisotrop.pdbx_auth_atom_id 
1   N N   . PHE A 5  ? 0.8702 1.2521 0.6016 -0.4098 0.1675  -0.0359 84  PHE A N   
2   C CA  . PHE A 5  ? 0.8793 1.1617 0.5811 -0.3865 0.1435  -0.0176 84  PHE A CA  
3   C C   . PHE A 5  ? 0.8695 1.1173 0.5615 -0.3960 0.1287  -0.0058 84  PHE A C   
4   O O   . PHE A 5  ? 0.7584 0.9608 0.4604 -0.3626 0.1108  0.0031  84  PHE A O   
5   C CB  . PHE A 5  ? 0.9506 1.1492 0.5764 -0.4077 0.1403  -0.0060 84  PHE A CB  
6   C CG  . PHE A 5  ? 0.9623 1.0733 0.5665 -0.3785 0.1156  0.0096  84  PHE A CG  
7   C CD1 . PHE A 5  ? 0.9208 1.0252 0.5517 -0.3372 0.1076  0.0077  84  PHE A CD1 
8   C CD2 . PHE A 5  ? 1.0023 1.0401 0.5601 -0.3924 0.1006  0.0245  84  PHE A CD2 
9   C CE1 . PHE A 5  ? 0.9425 0.9808 0.5620 -0.3117 0.0856  0.0203  84  PHE A CE1 
10  C CE2 . PHE A 5  ? 0.9989 0.9669 0.5438 -0.3614 0.0788  0.0360  84  PHE A CE2 
11  C CZ  . PHE A 5  ? 0.9456 0.9192 0.5238 -0.3223 0.0718  0.0338  84  PHE A CZ  
12  N N   . CYS A 6  ? 0.9271 1.1844 0.5888 -0.4449 0.1361  -0.0049 85  CYS A N   
13  C CA  . CYS A 6  ? 0.9592 1.1739 0.5979 -0.4607 0.1226  0.0056  85  CYS A CA  
14  C C   . CYS A 6  ? 0.8998 1.1738 0.6088 -0.4287 0.1157  -0.0007 85  CYS A C   
15  O O   . CYS A 6  ? 0.8035 1.0227 0.5076 -0.4065 0.0987  0.0088  85  CYS A O   
16  C CB  . CYS A 6  ? 1.1022 1.3124 0.6867 -0.5258 0.1326  0.0070  85  CYS A CB  
17  S SG  . CYS A 6  ? 1.1634 1.2416 0.6360 -0.5551 0.1257  0.0244  85  CYS A SG  
18  N N   . GLU A 7  ? 0.8396 1.2168 0.6117 -0.4195 0.1268  -0.0166 86  GLU A N   
19  C CA  . GLU A 7  ? 0.8126 1.2417 0.6468 -0.3870 0.1166  -0.0219 86  GLU A CA  
20  C C   . GLU A 7  ? 0.7649 1.1540 0.6189 -0.3324 0.1047  -0.0174 86  GLU A C   
21  O O   . GLU A 7  ? 0.6877 1.0597 0.5582 -0.3096 0.0899  -0.0118 86  GLU A O   
22  C CB  . GLU A 7  ? 0.8270 1.3758 0.7233 -0.3847 0.1282  -0.0409 86  GLU A CB  
23  C CG  . GLU A 7  ? 0.8463 1.4432 0.7954 -0.3585 0.1132  -0.0443 86  GLU A CG  
24  C CD  . GLU A 7  ? 0.9043 1.4728 0.8289 -0.3869 0.0997  -0.0342 86  GLU A CD  
25  O OE1 . GLU A 7  ? 1.0619 1.6674 0.9731 -0.4365 0.1061  -0.0375 86  GLU A OE1 
26  O OE2 . GLU A 7  ? 0.9676 1.4769 0.8837 -0.3619 0.0837  -0.0239 86  GLU A OE2 
27  N N   . LYS A 8  ? 0.7072 1.0839 0.5591 -0.3137 0.1111  -0.0204 87  LYS A N   
28  C CA  . LYS A 8  ? 0.7142 1.0531 0.5815 -0.2674 0.1006  -0.0168 87  LYS A CA  
29  C C   . LYS A 8  ? 0.6683 0.9243 0.5027 -0.2639 0.0856  -0.0008 87  LYS A C   
30  O O   . LYS A 8  ? 0.6393 0.8797 0.4958 -0.2333 0.0749  0.0030  87  LYS A O   
31  C CB  . LYS A 8  ? 0.7834 1.1108 0.6366 -0.2606 0.1094  -0.0215 87  LYS A CB  
32  C CG  . LYS A 8  ? 0.8088 1.1325 0.6915 -0.2160 0.1037  -0.0258 87  LYS A CG  
33  C CD  . LYS A 8  ? 0.9110 1.2245 0.7737 -0.2148 0.1130  -0.0323 87  LYS A CD  
34  C CE  . LYS A 8  ? 0.9057 1.2617 0.8050 -0.1817 0.1190  -0.0486 87  LYS A CE  
35  N NZ  . LYS A 8  ? 0.8946 1.2297 0.8200 -0.1450 0.1032  -0.0447 87  LYS A NZ  
36  N N   . TYR A 9  ? 0.6549 0.8558 0.4337 -0.2939 0.0852  0.0081  88  TYR A N   
37  C CA  . TYR A 9  ? 0.7119 0.8338 0.4544 -0.2906 0.0715  0.0211  88  TYR A CA  
38  C C   . TYR A 9  ? 0.6849 0.8134 0.4423 -0.2888 0.0651  0.0223  88  TYR A C   
39  O O   . TYR A 9  ? 0.6158 0.7094 0.3790 -0.2620 0.0558  0.0274  88  TYR A O   
40  C CB  . TYR A 9  ? 0.7582 0.8226 0.4326 -0.3273 0.0718  0.0285  88  TYR A CB  
41  C CG  . TYR A 9  ? 0.8273 0.8121 0.4595 -0.3261 0.0581  0.0393  88  TYR A CG  
42  C CD1 . TYR A 9  ? 0.8306 0.7594 0.4526 -0.2946 0.0459  0.0459  88  TYR A CD1 
43  C CD2 . TYR A 9  ? 0.8417 0.8093 0.4445 -0.3556 0.0571  0.0411  88  TYR A CD2 
44  C CE1 . TYR A 9  ? 0.9193 0.7785 0.5055 -0.2872 0.0341  0.0529  88  TYR A CE1 
45  C CE2 . TYR A 9  ? 0.9294 0.8173 0.4886 -0.3510 0.0450  0.0488  88  TYR A CE2 
46  C CZ  . TYR A 9  ? 0.9515 0.7861 0.5038 -0.3140 0.0341  0.0540  88  TYR A CZ  
47  O OH  . TYR A 9  ? 1.0813 0.8391 0.5914 -0.3042 0.0229  0.0593  88  TYR A OH  
48  N N   . LYS A 10 ? 0.7041 0.8707 0.4597 -0.3212 0.0696  0.0183  89  LYS A N   
49  C CA  . LYS A 10 ? 0.6977 0.8657 0.4579 -0.3253 0.0616  0.0196  89  LYS A CA  
50  C C   . LYS A 10 ? 0.6482 0.8518 0.4631 -0.2840 0.0560  0.0163  89  LYS A C   
51  O O   . LYS A 10 ? 0.6611 0.8310 0.4718 -0.2695 0.0473  0.0212  89  LYS A O   
52  C CB  . LYS A 10 ? 0.7434 0.9640 0.5013 -0.3688 0.0666  0.0138  89  LYS A CB  
53  N N   . GLN A 11 ? 0.5992 0.8631 0.4589 -0.2648 0.0610  0.0077  90  GLN A N   
54  C CA  . GLN A 11 ? 0.6001 0.8892 0.5038 -0.2255 0.0539  0.0049  90  GLN A CA  
55  C C   . GLN A 11 ? 0.5593 0.7905 0.4569 -0.1961 0.0491  0.0120  90  GLN A C   
56  O O   . GLN A 11 ? 0.4536 0.6774 0.3664 -0.1739 0.0412  0.0147  90  GLN A O   
57  C CB  . GLN A 11 ? 0.6134 0.9745 0.5581 -0.2126 0.0606  -0.0079 90  GLN A CB  
58  C CG  . GLN A 11 ? 0.6691 1.1066 0.6359 -0.2352 0.0630  -0.0171 90  GLN A CG  
59  C CD  . GLN A 11 ? 0.6946 1.2093 0.7078 -0.2141 0.0695  -0.0327 90  GLN A CD  
60  O OE1 . GLN A 11 ? 0.7202 1.2205 0.7392 -0.1867 0.0736  -0.0361 90  GLN A OE1 
61  N NE2 . GLN A 11 ? 0.7260 1.3234 0.7719 -0.2255 0.0698  -0.0432 90  GLN A NE2 
62  N N   . THR A 12 ? 0.5105 0.7046 0.3867 -0.1961 0.0530  0.0150  91  THR A N   
63  C CA  . THR A 12 ? 0.4940 0.6388 0.3645 -0.1735 0.0478  0.0214  91  THR A CA  
64  C C   . THR A 12 ? 0.5112 0.6091 0.3576 -0.1765 0.0424  0.0287  91  THR A C   
65  O O   . THR A 12 ? 0.4575 0.5388 0.3158 -0.1548 0.0387  0.0314  91  THR A O   
66  C CB  . THR A 12 ? 0.5195 0.6371 0.3672 -0.1778 0.0501  0.0230  91  THR A CB  
67  O OG1 . THR A 12 ? 0.5618 0.7226 0.4275 -0.1763 0.0576  0.0140  91  THR A OG1 
68  C CG2 . THR A 12 ? 0.4960 0.5745 0.3430 -0.1561 0.0430  0.0282  91  THR A CG2 
69  N N   . LYS A 13 ? 0.5025 0.5766 0.3117 -0.2035 0.0427  0.0312  92  LYS A N   
70  C CA  . LYS A 13 ? 0.5436 0.5663 0.3232 -0.2047 0.0378  0.0361  92  LYS A CA  
71  C C   . LYS A 13 ? 0.5273 0.5751 0.3293 -0.1974 0.0357  0.0341  92  LYS A C   
72  O O   . LYS A 13 ? 0.5757 0.5911 0.3699 -0.1835 0.0339  0.0363  92  LYS A O   
73  C CB  . LYS A 13 ? 0.5895 0.5737 0.3159 -0.2387 0.0371  0.0385  92  LYS A CB  
74  N N   . GLU A 14 ? 0.5175 0.6214 0.3424 -0.2083 0.0354  0.0295  93  GLU A N   
75  C CA  . GLU A 14 ? 0.5373 0.6615 0.3772 -0.2025 0.0291  0.0288  93  GLU A CA  
76  C C   . GLU A 14 ? 0.4886 0.6081 0.3521 -0.1695 0.0274  0.0305  93  GLU A C   
77  O O   . GLU A 14 ? 0.4976 0.5947 0.3522 -0.1624 0.0243  0.0333  93  GLU A O   
78  C CB  . GLU A 14 ? 0.5166 0.7115 0.3850 -0.2131 0.0259  0.0224  93  GLU A CB  
79  C CG  . GLU A 14 ? 0.5589 0.7684 0.4057 -0.2525 0.0271  0.0202  93  GLU A CG  
80  C CD  . GLU A 14 ? 0.5328 0.8287 0.4164 -0.2645 0.0279  0.0111  93  GLU A CD  
81  O OE1 . GLU A 14 ? 0.5080 0.8530 0.4355 -0.2367 0.0269  0.0053  93  GLU A OE1 
82  O OE2 . GLU A 14 ? 0.6106 0.9250 0.4774 -0.3023 0.0298  0.0088  93  GLU A OE2 
83  N N   . GLN A 15 ? 0.4693 0.6076 0.3579 -0.1526 0.0298  0.0283  94  GLN A N   
84  C CA  . GLN A 15 ? 0.4951 0.6260 0.4017 -0.1266 0.0282  0.0299  94  GLN A CA  
85  C C   . GLN A 15 ? 0.4863 0.5708 0.3763 -0.1211 0.0316  0.0346  94  GLN A C   
86  O O   . GLN A 15 ? 0.4920 0.5645 0.3838 -0.1107 0.0309  0.0369  94  GLN A O   
87  C CB  . GLN A 15 ? 0.5132 0.6593 0.4390 -0.1135 0.0306  0.0262  94  GLN A CB  
88  C CG  . GLN A 15 ? 0.5749 0.7613 0.5264 -0.0987 0.0261  0.0201  94  GLN A CG  
89  C CD  . GLN A 15 ? 0.6344 0.8214 0.5943 -0.0875 0.0304  0.0156  94  GLN A CD  
90  O OE1 . GLN A 15 ? 0.4750 0.6342 0.4341 -0.0742 0.0288  0.0181  94  GLN A OE1 
91  N NE2 . GLN A 15 ? 0.5461 0.7585 0.5060 -0.1001 0.0373  0.0097  94  GLN A NE2 
92  N N   . ALA A 16 ? 0.4627 0.5221 0.3353 -0.1277 0.0348  0.0354  95  ALA A N   
93  C CA  . ALA A 16 ? 0.4722 0.4943 0.3335 -0.1178 0.0371  0.0376  95  ALA A CA  
94  C C   . ALA A 16 ? 0.5113 0.5121 0.3521 -0.1220 0.0387  0.0378  95  ALA A C   
95  O O   . ALA A 16 ? 0.5023 0.4919 0.3471 -0.1095 0.0433  0.0376  95  ALA A O   
96  C CB  . ALA A 16 ? 0.5053 0.5011 0.3482 -0.1198 0.0359  0.0386  95  ALA A CB  
97  N N   . LEU A 17 ? 0.5014 0.4998 0.3203 -0.1414 0.0360  0.0374  96  LEU A N   
98  C CA  . LEU A 17 ? 0.5589 0.5295 0.3489 -0.1487 0.0366  0.0367  96  LEU A CA  
99  C C   . LEU A 17 ? 0.5309 0.5166 0.3356 -0.1390 0.0367  0.0376  96  LEU A C   
100 O O   . LEU A 17 ? 0.5078 0.4660 0.2963 -0.1328 0.0429  0.0364  96  LEU A O   
101 C CB  . LEU A 17 ? 0.6019 0.5722 0.3655 -0.1770 0.0313  0.0361  96  LEU A CB  
102 C CG  . LEU A 17 ? 0.6444 0.5796 0.3706 -0.1874 0.0306  0.0347  96  LEU A CG  
103 C CD1 . LEU A 17 ? 0.7236 0.6021 0.4220 -0.1729 0.0377  0.0324  96  LEU A CD1 
104 C CD2 . LEU A 17 ? 0.7073 0.6399 0.4032 -0.2213 0.0241  0.0339  96  LEU A CD2 
105 N N   . THR A 18 ? 0.4832 0.5078 0.3125 -0.1378 0.0299  0.0388  97  THR A N   
106 C CA  . THR A 18 ? 0.4859 0.5164 0.3207 -0.1289 0.0262  0.0412  97  THR A CA  
107 C C   . THR A 18 ? 0.4825 0.4953 0.3235 -0.1145 0.0352  0.0424  97  THR A C   
108 O O   . THR A 18 ? 0.4601 0.4545 0.2847 -0.1142 0.0389  0.0439  97  THR A O   
109 C CB  . THR A 18 ? 0.4868 0.5582 0.3476 -0.1223 0.0153  0.0412  97  THR A CB  
110 O OG1 . THR A 18 ? 0.4544 0.5546 0.3151 -0.1382 0.0082  0.0383  97  THR A OG1 
111 C CG2 . THR A 18 ? 0.4949 0.5594 0.3506 -0.1124 0.0076  0.0453  97  THR A CG2 
112 N N   . PHE A 19 ? 0.4483 0.4681 0.3104 -0.1050 0.0390  0.0416  98  PHE A N   
113 C CA  . PHE A 19 ? 0.4477 0.4593 0.3195 -0.0954 0.0471  0.0418  98  PHE A CA  
114 C C   . PHE A 19 ? 0.4956 0.4846 0.3502 -0.0955 0.0580  0.0385  98  PHE A C   
115 O O   . PHE A 19 ? 0.5130 0.4966 0.3642 -0.0942 0.0672  0.0377  98  PHE A O   
116 C CB  . PHE A 19 ? 0.4441 0.4677 0.3389 -0.0879 0.0467  0.0406  98  PHE A CB  
117 C CG  . PHE A 19 ? 0.4353 0.4580 0.3429 -0.0819 0.0539  0.0398  98  PHE A CG  
118 C CD1 . PHE A 19 ? 0.4563 0.4838 0.3728 -0.0820 0.0530  0.0422  98  PHE A CD1 
119 C CD2 . PHE A 19 ? 0.4533 0.4711 0.3632 -0.0762 0.0608  0.0361  98  PHE A CD2 
120 C CE1 . PHE A 19 ? 0.4409 0.4730 0.3688 -0.0830 0.0607  0.0410  98  PHE A CE1 
121 C CE2 . PHE A 19 ? 0.4348 0.4653 0.3633 -0.0719 0.0681  0.0336  98  PHE A CE2 
122 C CZ  . PHE A 19 ? 0.4386 0.4787 0.3766 -0.0784 0.0687  0.0363  98  PHE A CZ  
123 N N   . PHE A 20 ? 0.4976 0.4701 0.3370 -0.0970 0.0582  0.0355  99  PHE A N   
124 C CA  . PHE A 20 ? 0.5359 0.4817 0.3557 -0.0911 0.0680  0.0298  99  PHE A CA  
125 C C   . PHE A 20 ? 0.5946 0.5208 0.3824 -0.1010 0.0723  0.0284  99  PHE A C   
126 O O   . PHE A 20 ? 0.5978 0.5096 0.3743 -0.0937 0.0850  0.0221  99  PHE A O   
127 C CB  . PHE A 20 ? 0.5752 0.4960 0.3796 -0.0867 0.0645  0.0271  99  PHE A CB  
128 C CG  . PHE A 20 ? 0.5471 0.4830 0.3794 -0.0730 0.0613  0.0275  99  PHE A CG  
129 C CD1 . PHE A 20 ? 0.5442 0.5002 0.4048 -0.0577 0.0684  0.0239  99  PHE A CD1 
130 C CD2 . PHE A 20 ? 0.5610 0.4957 0.3920 -0.0782 0.0515  0.0313  99  PHE A CD2 
131 C CE1 . PHE A 20 ? 0.5157 0.4868 0.4011 -0.0458 0.0628  0.0238  99  PHE A CE1 
132 C CE2 . PHE A 20 ? 0.5110 0.4570 0.3631 -0.0667 0.0469  0.0319  99  PHE A CE2 
133 C CZ  . PHE A 20 ? 0.5113 0.4761 0.3918 -0.0503 0.0510  0.0285  99  PHE A CZ  
134 N N   . GLN A 21 ? 0.5835 0.5136 0.3589 -0.1156 0.0624  0.0329  100 GLN A N   
135 C CA  . GLN A 21 ? 0.5882 0.5006 0.3313 -0.1263 0.0631  0.0327  100 GLN A CA  
136 C C   . GLN A 21 ? 0.5992 0.5199 0.3494 -0.1228 0.0691  0.0358  100 GLN A C   
137 O O   . GLN A 21 ? 0.6230 0.5226 0.3439 -0.1281 0.0776  0.0334  100 GLN A O   
138 C CB  . GLN A 21 ? 0.6047 0.5261 0.3363 -0.1428 0.0469  0.0366  100 GLN A CB  
139 C CG  . GLN A 21 ? 0.6296 0.5366 0.3418 -0.1562 0.0428  0.0336  100 GLN A CG  
140 C CD  . GLN A 21 ? 0.6303 0.5700 0.3501 -0.1731 0.0273  0.0365  100 GLN A CD  
141 O OE1 . GLN A 21 ? 0.5969 0.5741 0.3445 -0.1677 0.0188  0.0400  100 GLN A OE1 
142 N NE2 . GLN A 21 ? 0.6256 0.5506 0.3176 -0.1947 0.0231  0.0343  100 GLN A NE2 
143 N N   . GLU A 22 ? 0.5404 0.4854 0.3215 -0.1165 0.0645  0.0406  101 GLU A N   
144 C CA  . GLU A 22 ? 0.5441 0.4898 0.3271 -0.1166 0.0686  0.0446  101 GLU A CA  
145 C C   . GLU A 22 ? 0.5635 0.5119 0.3558 -0.1131 0.0885  0.0387  101 GLU A C   
146 O O   . GLU A 22 ? 0.5920 0.5329 0.3687 -0.1217 0.0982  0.0400  101 GLU A O   
147 C CB  . GLU A 22 ? 0.5319 0.4949 0.3392 -0.1106 0.0565  0.0499  101 GLU A CB  
148 C CG  . GLU A 22 ? 0.5318 0.4991 0.3314 -0.1109 0.0372  0.0543  101 GLU A CG  
149 C CD  . GLU A 22 ? 0.5286 0.5143 0.3530 -0.0995 0.0258  0.0561  101 GLU A CD  
150 O OE1 . GLU A 22 ? 0.5257 0.5213 0.3731 -0.0943 0.0322  0.0534  101 GLU A OE1 
151 O OE2 . GLU A 22 ? 0.5519 0.5422 0.3714 -0.0939 0.0092  0.0592  101 GLU A OE2 
152 N N   . HIS A 23 ? 0.5106 0.4689 0.3230 -0.1022 0.0941  0.0321  102 HIS A N   
153 C CA  . HIS A 23 ? 0.5255 0.5001 0.3589 -0.0934 0.1099  0.0245  102 HIS A CA  
154 C C   . HIS A 23 ? 0.5508 0.5110 0.3736 -0.0808 0.1165  0.0148  102 HIS A C   
155 O O   . HIS A 23 ? 0.5302 0.4979 0.3734 -0.0664 0.1125  0.0116  102 HIS A O   
156 C CB  . HIS A 23 ? 0.4980 0.4996 0.3703 -0.0873 0.1035  0.0267  102 HIS A CB  
157 C CG  . HIS A 23 ? 0.5340 0.5388 0.4082 -0.0984 0.0975  0.0347  102 HIS A CG  
158 N ND1 . HIS A 23 ? 0.5068 0.5054 0.3786 -0.0985 0.0808  0.0413  102 HIS A ND1 
159 C CD2 . HIS A 23 ? 0.5516 0.5594 0.4226 -0.1105 0.1060  0.0366  102 HIS A CD2 
160 C CE1 . HIS A 23 ? 0.5211 0.5146 0.3890 -0.1055 0.0775  0.0467  102 HIS A CE1 
161 N NE2 . HIS A 23 ? 0.6192 0.6136 0.4822 -0.1157 0.0922  0.0451  102 HIS A NE2 
162 N N   . PRO A 24 ? 0.6446 0.5773 0.4296 -0.0850 0.1251  0.0097  103 PRO A N   
163 C CA  . PRO A 24 ? 0.6957 0.5992 0.4589 -0.0728 0.1269  0.0008  103 PRO A CA  
164 C C   . PRO A 24 ? 0.7019 0.6210 0.4889 -0.0481 0.1399  -0.0115 103 PRO A C   
165 O O   . PRO A 24 ? 0.7466 0.6386 0.5191 -0.0323 0.1361  -0.0177 103 PRO A O   
166 C CB  . PRO A 24 ? 0.7504 0.6190 0.4630 -0.0858 0.1330  -0.0023 103 PRO A CB  
167 C CG  . PRO A 24 ? 0.7718 0.6561 0.4827 -0.1017 0.1390  0.0035  103 PRO A CG  
168 C CD  . PRO A 24 ? 0.7013 0.6184 0.4530 -0.1028 0.1283  0.0135  103 PRO A CD  
169 N N   . GLN A 25 ? 0.6745 0.6367 0.4954 -0.0459 0.1537  -0.0153 104 GLN A N   
170 C CA  . GLN A 25 ? 0.6883 0.6824 0.5424 -0.0211 0.1659  -0.0289 104 GLN A CA  
171 C C   . GLN A 25 ? 0.6759 0.6663 0.5489 0.0004  0.1477  -0.0281 104 GLN A C   
172 O O   . GLN A 25 ? 0.7399 0.7274 0.6173 0.0285  0.1508  -0.0403 104 GLN A O   
173 C CB  . GLN A 25 ? 0.6606 0.7121 0.5548 -0.0306 0.1803  -0.0307 104 GLN A CB  
174 C CG  . GLN A 25 ? 0.6172 0.6908 0.5399 -0.0442 0.1653  -0.0177 104 GLN A CG  
175 C CD  . GLN A 25 ? 0.6759 0.7324 0.5737 -0.0726 0.1628  -0.0052 104 GLN A CD  
176 O OE1 . GLN A 25 ? 0.6762 0.6931 0.5328 -0.0811 0.1584  -0.0003 104 GLN A OE1 
177 N NE2 . GLN A 25 ? 0.6786 0.7631 0.5982 -0.0881 0.1645  -0.0004 104 GLN A NE2 
178 N N   . TYR A 26 ? 0.6518 0.6404 0.5327 -0.0100 0.1289  -0.0151 105 TYR A N   
179 C CA  . TYR A 26 ? 0.6579 0.6477 0.5571 0.0067  0.1120  -0.0132 105 TYR A CA  
180 C C   . TYR A 26 ? 0.7409 0.6723 0.5970 0.0200  0.1026  -0.0158 105 TYR A C   
181 O O   . TYR A 26 ? 0.8609 0.7859 0.7244 0.0438  0.0928  -0.0194 105 TYR A O   
182 C CB  . TYR A 26 ? 0.5903 0.5930 0.5041 -0.0105 0.0980  -0.0004 105 TYR A CB  
183 C CG  . TYR A 26 ? 0.5396 0.5904 0.4917 -0.0201 0.1040  0.0011  105 TYR A CG  
184 C CD1 . TYR A 26 ? 0.5249 0.6191 0.5180 -0.0067 0.1071  -0.0061 105 TYR A CD1 
185 C CD2 . TYR A 26 ? 0.5392 0.5907 0.4840 -0.0429 0.1053  0.0092  105 TYR A CD2 
186 C CE1 . TYR A 26 ? 0.4896 0.6266 0.5135 -0.0216 0.1131  -0.0052 105 TYR A CE1 
187 C CE2 . TYR A 26 ? 0.5117 0.5951 0.4812 -0.0545 0.1101  0.0108  105 TYR A CE2 
188 C CZ  . TYR A 26 ? 0.5067 0.6323 0.5141 -0.0470 0.1151  0.0037  105 TYR A CZ  
189 O OH  . TYR A 26 ? 0.5242 0.6789 0.5517 -0.0647 0.1191  0.0057  105 TYR A OH  
190 N N   . MET A 27 ? 0.7745 0.6616 0.5834 0.0043  0.1037  -0.0139 106 MET A N   
191 C CA  . MET A 27 ? 0.8582 0.6799 0.6155 0.0089  0.0936  -0.0152 106 MET A CA  
192 C C   . MET A 27 ? 0.9003 0.6926 0.6317 0.0310  0.1068  -0.0307 106 MET A C   
193 O O   . MET A 27 ? 0.9762 0.7037 0.6574 0.0396  0.0996  -0.0347 106 MET A O   
194 C CB  . MET A 27 ? 0.8806 0.6747 0.6004 -0.0241 0.0869  -0.0059 106 MET A CB  
195 C CG  . MET A 27 ? 0.8819 0.7009 0.6225 -0.0417 0.0740  0.0064  106 MET A CG  
196 S SD  . MET A 27 ? 0.9538 0.7398 0.6779 -0.0349 0.0566  0.0108  106 MET A SD  
197 C CE  . MET A 27 ? 0.9029 0.7421 0.6872 -0.0130 0.0538  0.0113  106 MET A CE  
198 N N   . ARG A 28 ? 0.8914 0.7278 0.6531 0.0401  0.1262  -0.0403 107 ARG A N   
199 C CA  . ARG A 28 ? 0.9351 0.7567 0.6800 0.0649  0.1435  -0.0588 107 ARG A CA  
200 C C   . ARG A 28 ? 0.9282 0.7920 0.7211 0.1041  0.1461  -0.0710 107 ARG A C   
201 O O   . ARG A 28 ? 0.9803 0.8253 0.7580 0.1352  0.1560  -0.0886 107 ARG A O   
202 C CB  . ARG A 28 ? 0.9555 0.8036 0.6997 0.0467  0.1671  -0.0636 107 ARG A CB  
203 C CG  . ARG A 28 ? 0.9876 0.7942 0.6810 0.0125  0.1637  -0.0543 107 ARG A CG  
204 C CD  . ARG A 28 ? 1.0354 0.8593 0.7184 -0.0037 0.1853  -0.0590 107 ARG A CD  
205 N NE  . ARG A 28 ? 1.0343 0.9248 0.7690 0.0045  0.2041  -0.0658 107 ARG A NE  
206 C CZ  . ARG A 28 ? 1.0262 0.9555 0.7804 -0.0198 0.2115  -0.0577 107 ARG A CZ  
207 N NH1 . ARG A 28 ? 1.0200 1.0094 0.8189 -0.0155 0.2292  -0.0650 107 ARG A NH1 
208 N NH2 . ARG A 28 ? 0.9896 0.8972 0.7168 -0.0486 0.2003  -0.0427 107 ARG A NH2 
209 N N   . SER A 29 ? 0.8245 0.7466 0.6736 0.1038  0.1385  -0.0642 108 SER A N   
210 C CA  . SER A 29 ? 0.8130 0.7992 0.7210 0.1352  0.1425  -0.0763 108 SER A CA  
211 C C   . SER A 29 ? 0.7826 0.7756 0.7146 0.1478  0.1157  -0.0673 108 SER A C   
212 O O   . SER A 29 ? 0.7062 0.7227 0.6576 0.1214  0.1077  -0.0534 108 SER A O   
213 C CB  . SER A 29 ? 0.7647 0.8296 0.7219 0.1167  0.1630  -0.0790 108 SER A CB  
214 O OG  . SER A 29 ? 0.7301 0.8660 0.7502 0.1409  0.1623  -0.0888 108 SER A OG  
215 N N   . LYS A 30 ? 0.8285 0.8040 0.7595 0.1893  0.1029  -0.0768 109 LYS A N   
216 C CA  . LYS A 30 ? 0.8276 0.8029 0.7746 0.2073  0.0742  -0.0696 109 LYS A CA  
217 C C   . LYS A 30 ? 0.7585 0.8282 0.7797 0.2002  0.0743  -0.0684 109 LYS A C   
218 O O   . LYS A 30 ? 0.7068 0.7765 0.7325 0.1812  0.0566  -0.0535 109 LYS A O   
219 C CB  . LYS A 30 ? 0.8811 0.8182 0.8101 0.2594  0.0612  -0.0828 109 LYS A CB  
220 N N   . GLU A 31 ? 0.7301 0.8769 0.8041 0.2104  0.0951  -0.0841 110 GLU A N   
221 C CA  . GLU A 31 ? 0.6901 0.9317 0.8351 0.1995  0.0966  -0.0850 110 GLU A CA  
222 C C   . GLU A 31 ? 0.6243 0.8655 0.7623 0.1485  0.0993  -0.0674 110 GLU A C   
223 O O   . GLU A 31 ? 0.5931 0.8633 0.7584 0.1365  0.0837  -0.0588 110 GLU A O   
224 C CB  . GLU A 31 ? 0.7225 1.0453 0.9168 0.2117  0.1247  -0.1064 110 GLU A CB  
225 C CG  . GLU A 31 ? 0.7323 1.1599 1.0062 0.2184  0.1207  -0.1144 110 GLU A CG  
226 C CD  . GLU A 31 ? 0.7461 1.2151 1.0453 0.1697  0.1203  -0.1007 110 GLU A CD  
227 O OE1 . GLU A 31 ? 0.7973 1.2396 1.0655 0.1290  0.1363  -0.0907 110 GLU A OE1 
228 O OE2 . GLU A 31 ? 0.7566 1.2778 1.1010 0.1726  0.1011  -0.0995 110 GLU A OE2 
229 N N   . ASP A 32 ? 0.5945 0.8014 0.6946 0.1211  0.1168  -0.0626 111 ASP A N   
230 C CA  . ASP A 32 ? 0.5738 0.7800 0.6667 0.0780  0.1193  -0.0478 111 ASP A CA  
231 C C   . ASP A 32 ? 0.5446 0.7045 0.6126 0.0699  0.0939  -0.0319 111 ASP A C   
232 O O   . ASP A 32 ? 0.5169 0.6962 0.6009 0.0486  0.0862  -0.0225 111 ASP A O   
233 C CB  . ASP A 32 ? 0.5863 0.7610 0.6394 0.0563  0.1394  -0.0468 111 ASP A CB  
234 C CG  . ASP A 32 ? 0.6405 0.8622 0.7122 0.0529  0.1685  -0.0609 111 ASP A CG  
235 O OD1 . ASP A 32 ? 0.6333 0.9188 0.7543 0.0704  0.1752  -0.0741 111 ASP A OD1 
236 O OD2 . ASP A 32 ? 0.7172 0.9129 0.7530 0.0330  0.1841  -0.0594 111 ASP A OD2 
237 N N   . GLU A 33 ? 0.6061 0.7027 0.6293 0.0832  0.0836  -0.0297 112 GLU A N   
238 C CA  . GLU A 33 ? 0.6323 0.6804 0.6232 0.0753  0.0618  -0.0163 112 GLU A CA  
239 C C   . GLU A 33 ? 0.5834 0.6613 0.6071 0.0867  0.0423  -0.0139 112 GLU A C   
240 O O   . GLU A 33 ? 0.5630 0.6357 0.5821 0.0674  0.0315  -0.0033 112 GLU A O   
241 C CB  . GLU A 33 ? 0.7347 0.7104 0.6693 0.0882  0.0566  -0.0178 112 GLU A CB  
242 C CG  . GLU A 33 ? 0.8126 0.7351 0.7088 0.0845  0.0343  -0.0069 112 GLU A CG  
243 C CD  . GLU A 33 ? 0.9308 0.7787 0.7607 0.0718  0.0325  -0.0030 112 GLU A CD  
244 O OE1 . GLU A 33 ? 0.9717 0.7754 0.7685 0.0917  0.0345  -0.0116 112 GLU A OE1 
245 O OE2 . GLU A 33 ? 1.0238 0.8575 0.8329 0.0410  0.0288  0.0078  112 GLU A OE2 
246 N N   . GLU A 34 ? 0.6066 0.7183 0.6632 0.1179  0.0379  -0.0249 113 GLU A N   
247 C CA  . GLU A 34 ? 0.6224 0.7675 0.7123 0.1327  0.0158  -0.0241 113 GLU A CA  
248 C C   . GLU A 34 ? 0.5619 0.7686 0.6946 0.1042  0.0202  -0.0208 113 GLU A C   
249 O O   . GLU A 34 ? 0.5187 0.7220 0.6503 0.0928  0.0023  -0.0118 113 GLU A O   
250 C CB  . GLU A 34 ? 0.6983 0.8791 0.8217 0.1756  0.0130  -0.0401 113 GLU A CB  
251 C CG  . GLU A 34 ? 0.7707 0.9440 0.8978 0.2049  -0.0194 -0.0382 113 GLU A CG  
252 C CD  . GLU A 34 ? 0.8654 1.0649 1.0196 0.2563  -0.0249 -0.0554 113 GLU A CD  
253 O OE1 . GLU A 34 ? 0.8975 1.1626 1.1050 0.2758  -0.0414 -0.0611 113 GLU A OE1 
254 O OE2 . GLU A 34 ? 0.9338 1.0901 1.0564 0.2780  -0.0134 -0.0644 113 GLU A OE2 
255 N N   . GLN A 35 ? 0.5067 0.7639 0.6707 0.0913  0.0437  -0.0286 114 GLN A N   
256 C CA  . GLN A 35 ? 0.4727 0.7813 0.6698 0.0601  0.0490  -0.0259 114 GLN A CA  
257 C C   . GLN A 35 ? 0.4429 0.7042 0.6028 0.0306  0.0440  -0.0111 114 GLN A C   
258 O O   . GLN A 35 ? 0.4439 0.7198 0.6153 0.0150  0.0324  -0.0060 114 GLN A O   
259 C CB  . GLN A 35 ? 0.4560 0.8113 0.6766 0.0465  0.0777  -0.0355 114 GLN A CB  
260 N N   . LEU A 36 ? 0.4453 0.6553 0.5627 0.0238  0.0528  -0.0062 115 LEU A N   
261 C CA  . LEU A 36 ? 0.4329 0.6041 0.5178 0.0006  0.0495  0.0053  115 LEU A CA  
262 C C   . LEU A 36 ? 0.4516 0.5977 0.5217 0.0049  0.0277  0.0119  115 LEU A C   
263 O O   . LEU A 36 ? 0.4196 0.5667 0.4886 -0.0125 0.0217  0.0174  115 LEU A O   
264 C CB  . LEU A 36 ? 0.4304 0.5593 0.4764 -0.0038 0.0603  0.0075  115 LEU A CB  
265 C CG  . LEU A 36 ? 0.4108 0.5137 0.4320 -0.0252 0.0574  0.0171  115 LEU A CG  
266 C CD1 . LEU A 36 ? 0.4028 0.5283 0.4382 -0.0447 0.0645  0.0191  115 LEU A CD1 
267 C CD2 . LEU A 36 ? 0.4225 0.4888 0.4073 -0.0292 0.0626  0.0192  115 LEU A CD2 
268 N N   . MET A 37 ? 0.4604 0.5787 0.5127 0.0266  0.0163  0.0111  116 MET A N   
269 C CA  . MET A 37 ? 0.4857 0.5736 0.5147 0.0290  -0.0051 0.0181  116 MET A CA  
270 C C   . MET A 37 ? 0.4659 0.5956 0.5295 0.0279  -0.0182 0.0174  116 MET A C   
271 O O   . MET A 37 ? 0.4483 0.5643 0.4966 0.0134  -0.0277 0.0235  116 MET A O   
272 C CB  . MET A 37 ? 0.5078 0.5508 0.5052 0.0534  -0.0174 0.0176  116 MET A CB  
273 C CG  . MET A 37 ? 0.5775 0.5817 0.5410 0.0525  -0.0393 0.0259  116 MET A CG  
274 S SD  . MET A 37 ? 0.5497 0.5279 0.4779 0.0156  -0.0319 0.0349  116 MET A SD  
275 C CE  . MET A 37 ? 0.5807 0.5006 0.4573 0.0130  -0.0251 0.0363  116 MET A CE  
276 N N   . THR A 38 ? 0.4803 0.6639 0.5897 0.0398  -0.0177 0.0091  117 THR A N   
277 C CA  . THR A 38 ? 0.4691 0.6972 0.6122 0.0344  -0.0322 0.0081  117 THR A CA  
278 C C   . THR A 38 ? 0.4634 0.6942 0.6029 0.0001  -0.0251 0.0127  117 THR A C   
279 O O   . THR A 38 ? 0.4514 0.6732 0.5804 -0.0105 -0.0409 0.0171  117 THR A O   
280 C CB  . THR A 38 ? 0.4759 0.7742 0.6750 0.0508  -0.0306 -0.0036 117 THR A CB  
281 O OG1 . THR A 38 ? 0.4805 0.7705 0.6798 0.0898  -0.0444 -0.0085 117 THR A OG1 
282 C CG2 . THR A 38 ? 0.4565 0.8092 0.6932 0.0365  -0.0437 -0.0053 117 THR A CG2 
283 N N   . GLU A 39 ? 0.4363 0.6721 0.5772 -0.0163 -0.0034 0.0117  118 GLU A N   
284 C CA  . GLU A 39 ? 0.4531 0.6809 0.5835 -0.0455 0.0023  0.0158  118 GLU A CA  
285 C C   . GLU A 39 ? 0.4255 0.6012 0.5139 -0.0495 -0.0024 0.0227  118 GLU A C   
286 O O   . GLU A 39 ? 0.4397 0.6054 0.5174 -0.0642 -0.0076 0.0248  118 GLU A O   
287 C CB  . GLU A 39 ? 0.4507 0.6853 0.5825 -0.0603 0.0243  0.0145  118 GLU A CB  
288 C CG  . GLU A 39 ? 0.5221 0.8144 0.6944 -0.0640 0.0339  0.0063  118 GLU A CG  
289 C CD  . GLU A 39 ? 0.5376 0.8714 0.7388 -0.0803 0.0226  0.0039  118 GLU A CD  
290 O OE1 . GLU A 39 ? 0.5490 0.8567 0.7291 -0.0998 0.0138  0.0093  118 GLU A OE1 
291 O OE2 . GLU A 39 ? 0.6184 1.0109 0.8621 -0.0723 0.0218  -0.0045 118 GLU A OE2 
292 N N   . PHE A 40 ? 0.4149 0.5602 0.4793 -0.0380 0.0009  0.0250  119 PHE A N   
293 C CA  . PHE A 40 ? 0.4154 0.5214 0.4433 -0.0433 -0.0015 0.0299  119 PHE A CA  
294 C C   . PHE A 40 ? 0.4381 0.5342 0.4539 -0.0443 -0.0187 0.0318  119 PHE A C   
295 O O   . PHE A 40 ? 0.4191 0.5038 0.4198 -0.0564 -0.0189 0.0326  119 PHE A O   
296 C CB  . PHE A 40 ? 0.4223 0.5023 0.4281 -0.0339 0.0033  0.0311  119 PHE A CB  
297 C CG  . PHE A 40 ? 0.4259 0.4763 0.3981 -0.0438 0.0046  0.0349  119 PHE A CG  
298 C CD1 . PHE A 40 ? 0.4297 0.4819 0.3987 -0.0544 0.0152  0.0351  119 PHE A CD1 
299 C CD2 . PHE A 40 ? 0.4613 0.4822 0.4033 -0.0420 -0.0043 0.0379  119 PHE A CD2 
300 C CE1 . PHE A 40 ? 0.4172 0.4552 0.3629 -0.0624 0.0172  0.0366  119 PHE A CE1 
301 C CE2 . PHE A 40 ? 0.4571 0.4594 0.3702 -0.0556 0.0000  0.0401  119 PHE A CE2 
302 C CZ  . PHE A 40 ? 0.4484 0.4655 0.3683 -0.0650 0.0112  0.0385  119 PHE A CZ  
303 N N   . LYS A 41 ? 0.4549 0.5559 0.4770 -0.0303 -0.0339 0.0316  120 LYS A N   
304 C CA  . LYS A 41 ? 0.5001 0.5878 0.5047 -0.0319 -0.0533 0.0343  120 LYS A CA  
305 C C   . LYS A 41 ? 0.4842 0.5965 0.5064 -0.0474 -0.0571 0.0317  120 LYS A C   
306 O O   . LYS A 41 ? 0.5127 0.6039 0.5085 -0.0582 -0.0636 0.0328  120 LYS A O   
307 C CB  . LYS A 41 ? 0.5465 0.6315 0.5520 -0.0098 -0.0726 0.0352  120 LYS A CB  
308 C CG  . LYS A 41 ? 0.5904 0.6326 0.5626 0.0033  -0.0710 0.0382  120 LYS A CG  
309 C CD  . LYS A 41 ? 0.6579 0.6897 0.6279 0.0317  -0.0919 0.0382  120 LYS A CD  
310 C CE  . LYS A 41 ? 0.7197 0.6891 0.6389 0.0412  -0.0947 0.0426  120 LYS A CE  
311 N NZ  . LYS A 41 ? 0.7558 0.7047 0.6657 0.0736  -0.1190 0.0425  120 LYS A NZ  
312 N N   . LYS A 42 ? 0.4797 0.6315 0.5393 -0.0515 -0.0512 0.0275  121 LYS A N   
313 C CA  . LYS A 42 ? 0.5047 0.6768 0.5775 -0.0712 -0.0557 0.0248  121 LYS A CA  
314 C C   . LYS A 42 ? 0.4810 0.6198 0.5246 -0.0870 -0.0445 0.0255  121 LYS A C   
315 O O   . LYS A 42 ? 0.4968 0.6224 0.5242 -0.1000 -0.0526 0.0241  121 LYS A O   
316 C CB  . LYS A 42 ? 0.5204 0.7429 0.6364 -0.0776 -0.0483 0.0200  121 LYS A CB  
317 C CG  . LYS A 42 ? 0.5876 0.8593 0.7431 -0.0606 -0.0613 0.0158  121 LYS A CG  
318 C CD  . LYS A 42 ? 0.6128 0.9473 0.8150 -0.0732 -0.0526 0.0088  121 LYS A CD  
319 C CE  . LYS A 42 ? 0.6855 1.0362 0.8919 -0.1047 -0.0611 0.0079  121 LYS A CE  
320 N NZ  . LYS A 42 ? 0.7218 1.1495 0.9812 -0.1171 -0.0592 -0.0001 121 LYS A NZ  
321 N N   . VAL A 43 ? 0.4430 0.5690 0.4800 -0.0850 -0.0275 0.0266  122 VAL A N   
322 C CA  . VAL A 43 ? 0.4319 0.5269 0.4417 -0.0932 -0.0197 0.0264  122 VAL A CA  
323 C C   . VAL A 43 ? 0.4455 0.5162 0.4262 -0.0898 -0.0263 0.0257  122 VAL A C   
324 O O   . VAL A 43 ? 0.4571 0.5080 0.4167 -0.0968 -0.0268 0.0221  122 VAL A O   
325 C CB  . VAL A 43 ? 0.4180 0.5063 0.4252 -0.0887 -0.0043 0.0281  122 VAL A CB  
326 C CG1 . VAL A 43 ? 0.4230 0.4840 0.4055 -0.0901 -0.0001 0.0269  122 VAL A CG1 
327 C CG2 . VAL A 43 ? 0.4581 0.5662 0.4860 -0.0970 0.0043  0.0283  122 VAL A CG2 
328 N N   . LEU A 44 ? 0.4233 0.4899 0.3961 -0.0798 -0.0292 0.0287  123 LEU A N   
329 C CA  . LEU A 44 ? 0.4616 0.5044 0.4007 -0.0815 -0.0312 0.0284  123 LEU A CA  
330 C C   . LEU A 44 ? 0.4901 0.5257 0.4152 -0.0886 -0.0466 0.0266  123 LEU A C   
331 O O   . LEU A 44 ? 0.5455 0.5617 0.4403 -0.0939 -0.0453 0.0239  123 LEU A O   
332 C CB  . LEU A 44 ? 0.4579 0.4896 0.3830 -0.0747 -0.0318 0.0331  123 LEU A CB  
333 C CG  . LEU A 44 ? 0.4802 0.5142 0.4098 -0.0725 -0.0166 0.0336  123 LEU A CG  
334 C CD1 . LEU A 44 ? 0.5133 0.5300 0.4260 -0.0678 -0.0187 0.0381  123 LEU A CD1 
335 C CD2 . LEU A 44 ? 0.5052 0.5382 0.4225 -0.0794 -0.0056 0.0293  123 LEU A CD2 
336 N N   . LEU A 45 ? 0.5332 0.5877 0.4802 -0.0892 -0.0604 0.0274  124 LEU A N   
337 C CA  . LEU A 45 ? 0.5768 0.6272 0.5114 -0.0983 -0.0787 0.0258  124 LEU A CA  
338 C C   . LEU A 45 ? 0.5675 0.6072 0.4921 -0.1136 -0.0736 0.0195  124 LEU A C   
339 O O   . LEU A 45 ? 0.5710 0.5953 0.4721 -0.1236 -0.0852 0.0164  124 LEU A O   
340 C CB  . LEU A 45 ? 0.6143 0.7006 0.5846 -0.0940 -0.0954 0.0273  124 LEU A CB  
341 C CG  . LEU A 45 ? 0.6690 0.7539 0.6368 -0.0755 -0.1108 0.0324  124 LEU A CG  
342 C CD1 . LEU A 45 ? 0.6823 0.8143 0.6942 -0.0670 -0.1277 0.0309  124 LEU A CD1 
343 C CD2 . LEU A 45 ? 0.7251 0.7695 0.6424 -0.0797 -0.1243 0.0356  124 LEU A CD2 
344 N N   . GLU A 46 ? 0.5251 0.5648 0.4597 -0.1149 -0.0581 0.0175  125 GLU A N   
345 C CA  . GLU A 46 ? 0.5369 0.5529 0.4529 -0.1268 -0.0546 0.0115  125 GLU A CA  
346 C C   . GLU A 46 ? 0.5343 0.5179 0.4111 -0.1227 -0.0502 0.0051  125 GLU A C   
347 O O   . GLU A 46 ? 0.5237 0.5073 0.3946 -0.1113 -0.0395 0.0048  125 GLU A O   
348 C CB  . GLU A 46 ? 0.5228 0.5382 0.4507 -0.1266 -0.0413 0.0124  125 GLU A CB  
349 C CG  . GLU A 46 ? 0.5071 0.5566 0.4700 -0.1364 -0.0430 0.0163  125 GLU A CG  
350 C CD  . GLU A 46 ? 0.5100 0.5576 0.4797 -0.1392 -0.0293 0.0185  125 GLU A CD  
351 O OE1 . GLU A 46 ? 0.4905 0.5093 0.4394 -0.1302 -0.0208 0.0182  125 GLU A OE1 
352 O OE2 . GLU A 46 ? 0.5398 0.6168 0.5347 -0.1512 -0.0279 0.0200  125 GLU A OE2 
353 N N   . PRO A 47 ? 0.5735 0.5296 0.4211 -0.1333 -0.0568 -0.0019 126 PRO A N   
354 C CA  . PRO A 47 ? 0.5971 0.5218 0.4069 -0.1271 -0.0483 -0.0120 126 PRO A CA  
355 C C   . PRO A 47 ? 0.6030 0.5223 0.4145 -0.1100 -0.0313 -0.0165 126 PRO A C   
356 O O   . PRO A 47 ? 0.5711 0.4831 0.3934 -0.1086 -0.0293 -0.0144 126 PRO A O   
357 C CB  . PRO A 47 ? 0.6657 0.5566 0.4478 -0.1419 -0.0581 -0.0188 126 PRO A CB  
358 C CG  . PRO A 47 ? 0.6664 0.5801 0.4669 -0.1601 -0.0769 -0.0119 126 PRO A CG  
359 C CD  . PRO A 47 ? 0.6121 0.5671 0.4605 -0.1533 -0.0722 -0.0023 126 PRO A CD  
360 N N   . GLY A 48 ? 0.5469 0.4739 0.3498 -0.0984 -0.0196 -0.0217 127 GLY A N   
361 C CA  . GLY A 48 ? 0.5391 0.4730 0.3508 -0.0800 -0.0056 -0.0266 127 GLY A CA  
362 C C   . GLY A 48 ? 0.4743 0.4396 0.3186 -0.0758 -0.0008 -0.0171 127 GLY A C   
363 O O   . GLY A 48 ? 0.4581 0.4332 0.3127 -0.0619 0.0076  -0.0197 127 GLY A O   
364 N N   . SER A 49 ? 0.4952 0.4760 0.3547 -0.0856 -0.0068 -0.0066 128 SER A N   
365 C CA  . SER A 49 ? 0.4865 0.4907 0.3705 -0.0819 -0.0019 0.0016  128 SER A CA  
366 C C   . SER A 49 ? 0.4893 0.5097 0.3680 -0.0778 0.0096  -0.0019 128 SER A C   
367 O O   . SER A 49 ? 0.4772 0.5138 0.3723 -0.0724 0.0157  0.0007  128 SER A O   
368 C CB  . SER A 49 ? 0.5023 0.5149 0.3987 -0.0886 -0.0115 0.0106  128 SER A CB  
369 O OG  . SER A 49 ? 0.5061 0.5137 0.3818 -0.0933 -0.0162 0.0115  128 SER A OG  
370 N N   . LYS A 50 ? 0.5127 0.5302 0.3681 -0.0811 0.0139  -0.0096 129 LYS A N   
371 C CA  . LYS A 50 ? 0.5393 0.5801 0.3891 -0.0815 0.0281  -0.0160 129 LYS A CA  
372 C C   . LYS A 50 ? 0.4755 0.5382 0.3471 -0.0649 0.0362  -0.0229 129 LYS A C   
373 O O   . LYS A 50 ? 0.4728 0.5663 0.3551 -0.0658 0.0452  -0.0247 129 LYS A O   
374 C CB  . LYS A 50 ? 0.6070 0.6412 0.4258 -0.0870 0.0341  -0.0268 129 LYS A CB  
375 C CG  . LYS A 50 ? 0.7260 0.7417 0.5138 -0.1060 0.0272  -0.0199 129 LYS A CG  
376 C CD  . LYS A 50 ? 0.8111 0.8243 0.5621 -0.1158 0.0383  -0.0313 129 LYS A CD  
377 C CE  . LYS A 50 ? 0.8623 0.8663 0.6059 -0.1029 0.0423  -0.0465 129 LYS A CE  
378 N NZ  . LYS A 50 ? 0.9490 0.9549 0.6566 -0.1107 0.0571  -0.0606 129 LYS A NZ  
379 N N   . ASN A 51 ? 0.4636 0.5078 0.3382 -0.0508 0.0313  -0.0267 130 ASN A N   
380 C CA  . ASN A 51 ? 0.4521 0.5064 0.3391 -0.0295 0.0345  -0.0342 130 ASN A CA  
381 C C   . ASN A 51 ? 0.4466 0.5095 0.3552 -0.0283 0.0303  -0.0231 130 ASN A C   
382 O O   . ASN A 51 ? 0.4163 0.4956 0.3369 -0.0127 0.0311  -0.0271 130 ASN A O   
383 C CB  . ASN A 51 ? 0.5128 0.5262 0.3805 -0.0169 0.0279  -0.0411 130 ASN A CB  
384 C CG  . ASN A 51 ? 0.5818 0.5869 0.4243 -0.0157 0.0339  -0.0552 130 ASN A CG  
385 O OD1 . ASN A 51 ? 0.6190 0.6586 0.4659 -0.0074 0.0469  -0.0671 130 ASN A OD1 
386 N ND2 . ASN A 51 ? 0.5743 0.5395 0.3905 -0.0267 0.0258  -0.0549 130 ASN A ND2 
387 N N   . LEU A 52 ? 0.4440 0.4986 0.3569 -0.0430 0.0255  -0.0106 131 LEU A N   
388 C CA  . LEU A 52 ? 0.4194 0.4781 0.3473 -0.0430 0.0234  -0.0012 131 LEU A CA  
389 C C   . LEU A 52 ? 0.4177 0.5087 0.3554 -0.0479 0.0297  -0.0001 131 LEU A C   
390 O O   . LEU A 52 ? 0.4004 0.4991 0.3302 -0.0599 0.0337  -0.0004 131 LEU A O   
391 C CB  . LEU A 52 ? 0.4324 0.4763 0.3625 -0.0556 0.0186  0.0085  131 LEU A CB  
392 C CG  . LEU A 52 ? 0.4787 0.4950 0.3999 -0.0585 0.0118  0.0081  131 LEU A CG  
393 C CD1 . LEU A 52 ? 0.4844 0.5020 0.4165 -0.0710 0.0082  0.0158  131 LEU A CD1 
394 C CD2 . LEU A 52 ? 0.4961 0.4911 0.4082 -0.0483 0.0099  0.0062  131 LEU A CD2 
395 N N   . SER A 53 ? 0.3820 0.4858 0.3306 -0.0415 0.0290  0.0017  132 SER A N   
396 C CA  . SER A 53 ? 0.3670 0.4938 0.3218 -0.0521 0.0323  0.0057  132 SER A CA  
397 C C   . SER A 53 ? 0.3487 0.4531 0.2969 -0.0643 0.0310  0.0158  132 SER A C   
398 O O   . SER A 53 ? 0.3385 0.4204 0.2867 -0.0623 0.0274  0.0201  132 SER A O   
399 C CB  . SER A 53 ? 0.3661 0.5086 0.3316 -0.0422 0.0283  0.0055  132 SER A CB  
400 O OG  . SER A 53 ? 0.3536 0.4647 0.3135 -0.0385 0.0220  0.0137  132 SER A OG  
401 N N   . ILE A 54 ? 0.3426 0.4529 0.2851 -0.0765 0.0337  0.0193  133 ILE A N   
402 C CA  . ILE A 54 ? 0.3443 0.4301 0.2792 -0.0814 0.0321  0.0267  133 ILE A CA  
403 C C   . ILE A 54 ? 0.3421 0.4204 0.2846 -0.0751 0.0313  0.0303  133 ILE A C   
404 O O   . ILE A 54 ? 0.3475 0.4117 0.2921 -0.0736 0.0314  0.0334  133 ILE A O   
405 C CB  . ILE A 54 ? 0.3663 0.4460 0.2824 -0.0958 0.0339  0.0291  133 ILE A CB  
406 C CG1 . ILE A 54 ? 0.3765 0.4256 0.2816 -0.0936 0.0306  0.0342  133 ILE A CG1 
407 C CG2 . ILE A 54 ? 0.3731 0.4673 0.2887 -0.1027 0.0358  0.0287  133 ILE A CG2 
408 C CD1 . ILE A 54 ? 0.4152 0.4399 0.2902 -0.1056 0.0295  0.0370  133 ILE A CD1 
409 N N   . TYR A 55 ? 0.3445 0.4343 0.2902 -0.0718 0.0303  0.0293  134 TYR A N   
410 C CA  . TYR A 55 ? 0.3817 0.4580 0.3258 -0.0680 0.0288  0.0335  134 TYR A CA  
411 C C   . TYR A 55 ? 0.3584 0.4181 0.3049 -0.0630 0.0277  0.0344  134 TYR A C   
412 O O   . TYR A 55 ? 0.3667 0.4140 0.3117 -0.0678 0.0312  0.0381  134 TYR A O   
413 C CB  . TYR A 55 ? 0.3946 0.4832 0.3384 -0.0619 0.0228  0.0326  134 TYR A CB  
414 C CG  . TYR A 55 ? 0.4641 0.5287 0.3961 -0.0601 0.0202  0.0382  134 TYR A CG  
415 C CD1 . TYR A 55 ? 0.6036 0.6557 0.5229 -0.0696 0.0244  0.0425  134 TYR A CD1 
416 C CD2 . TYR A 55 ? 0.5136 0.5601 0.4397 -0.0501 0.0141  0.0389  134 TYR A CD2 
417 C CE1 . TYR A 55 ? 0.5403 0.5687 0.4432 -0.0713 0.0243  0.0475  134 TYR A CE1 
418 C CE2 . TYR A 55 ? 0.5976 0.6146 0.5042 -0.0531 0.0121  0.0453  134 TYR A CE2 
419 C CZ  . TYR A 55 ? 0.5799 0.5905 0.4751 -0.0645 0.0175  0.0497  134 TYR A CZ  
420 O OH  . TYR A 55 ? 0.6670 0.6462 0.5373 -0.0705 0.0171  0.0558  134 TYR A OH  
421 N N   . GLN A 56 ? 0.3755 0.4358 0.3237 -0.0555 0.0238  0.0298  135 GLN A N   
422 C CA  . GLN A 56 ? 0.3879 0.4260 0.3314 -0.0548 0.0211  0.0300  135 GLN A CA  
423 C C   . GLN A 56 ? 0.3723 0.4117 0.3233 -0.0649 0.0239  0.0317  135 GLN A C   
424 O O   . GLN A 56 ? 0.3899 0.4176 0.3403 -0.0722 0.0242  0.0341  135 GLN A O   
425 C CB  . GLN A 56 ? 0.3918 0.4234 0.3293 -0.0435 0.0162  0.0229  135 GLN A CB  
426 C CG  . GLN A 56 ? 0.4190 0.4468 0.3501 -0.0274 0.0101  0.0205  135 GLN A CG  
427 C CD  . GLN A 56 ? 0.4428 0.4781 0.3742 -0.0108 0.0081  0.0093  135 GLN A CD  
428 O OE1 . GLN A 56 ? 0.4187 0.4680 0.3545 -0.0147 0.0137  0.0033  135 GLN A OE1 
429 N NE2 . GLN A 56 ? 0.4914 0.5104 0.4123 0.0090  -0.0007 0.0060  135 GLN A NE2 
430 N N   . THR A 57 ? 0.3484 0.4005 0.3047 -0.0665 0.0248  0.0302  136 THR A N   
431 C CA  . THR A 57 ? 0.3552 0.4099 0.3191 -0.0707 0.0230  0.0313  136 THR A CA  
432 C C   . THR A 57 ? 0.3802 0.4397 0.3532 -0.0720 0.0281  0.0345  136 THR A C   
433 O O   . THR A 57 ? 0.3741 0.4417 0.3606 -0.0753 0.0285  0.0344  136 THR A O   
434 C CB  . THR A 57 ? 0.3920 0.4487 0.3488 -0.0709 0.0198  0.0301  136 THR A CB  
435 O OG1 . THR A 57 ? 0.3805 0.4369 0.3275 -0.0704 0.0192  0.0251  136 THR A OG1 
436 C CG2 . THR A 57 ? 0.4135 0.4703 0.3764 -0.0713 0.0123  0.0312  136 THR A CG2 
437 N N   . LEU A 58 ? 0.3619 0.4194 0.3274 -0.0705 0.0327  0.0358  137 LEU A N   
438 C CA  . LEU A 58 ? 0.3847 0.4428 0.3531 -0.0701 0.0397  0.0366  137 LEU A CA  
439 C C   . LEU A 58 ? 0.3817 0.4405 0.3534 -0.0764 0.0453  0.0378  137 LEU A C   
440 O O   . LEU A 58 ? 0.4008 0.4716 0.3847 -0.0784 0.0524  0.0360  137 LEU A O   
441 C CB  . LEU A 58 ? 0.4032 0.4514 0.3542 -0.0706 0.0422  0.0374  137 LEU A CB  
442 C CG  . LEU A 58 ? 0.4084 0.4476 0.3476 -0.0697 0.0384  0.0369  137 LEU A CG  
443 C CD1 . LEU A 58 ? 0.4226 0.4543 0.3416 -0.0780 0.0396  0.0377  137 LEU A CD1 
444 C CD2 . LEU A 58 ? 0.4517 0.4820 0.3917 -0.0604 0.0387  0.0353  137 LEU A CD2 
445 N N   . LEU A 59 ? 0.3888 0.4348 0.3476 -0.0793 0.0427  0.0401  138 LEU A N   
446 C CA  . LEU A 59 ? 0.4174 0.4514 0.3665 -0.0888 0.0468  0.0430  138 LEU A CA  
447 C C   . LEU A 59 ? 0.4226 0.4631 0.3835 -0.0986 0.0470  0.0416  138 LEU A C   
448 O O   . LEU A 59 ? 0.4101 0.4588 0.3747 -0.1117 0.0565  0.0417  138 LEU A O   
449 C CB  . LEU A 59 ? 0.4366 0.4475 0.3638 -0.0851 0.0389  0.0460  138 LEU A CB  
450 C CG  . LEU A 59 ? 0.4836 0.4680 0.3870 -0.0965 0.0409  0.0512  138 LEU A CG  
451 C CD1 . LEU A 59 ? 0.5024 0.4894 0.3976 -0.1040 0.0516  0.0529  138 LEU A CD1 
452 C CD2 . LEU A 59 ? 0.5310 0.4851 0.4095 -0.0876 0.0278  0.0543  138 LEU A CD2 
453 N N   . ALA A 60 ? 0.4034 0.4431 0.3689 -0.0957 0.0381  0.0394  139 ALA A N   
454 C CA  . ALA A 60 ? 0.4429 0.4897 0.4183 -0.1073 0.0351  0.0375  139 ALA A CA  
455 C C   . ALA A 60 ? 0.4215 0.5061 0.4267 -0.1097 0.0406  0.0348  139 ALA A C   
456 O O   . ALA A 60 ? 0.4472 0.5506 0.4650 -0.1258 0.0455  0.0334  139 ALA A O   
457 C CB  . ALA A 60 ? 0.4640 0.5053 0.4375 -0.1015 0.0244  0.0344  139 ALA A CB  
458 N N   . ALA A 61 ? 0.3944 0.4917 0.4105 -0.0944 0.0396  0.0331  140 ALA A N   
459 C CA  . ALA A 61 ? 0.3996 0.5301 0.4434 -0.0878 0.0417  0.0290  140 ALA A CA  
460 C C   . ALA A 61 ? 0.4331 0.5808 0.4850 -0.0930 0.0580  0.0265  140 ALA A C   
461 O O   . ALA A 61 ? 0.4490 0.6367 0.5303 -0.0973 0.0630  0.0211  140 ALA A O   
462 C CB  . ALA A 61 ? 0.4178 0.5406 0.4569 -0.0697 0.0361  0.0287  140 ALA A CB  
463 N N   . HIS A 62 ? 0.4285 0.5522 0.4564 -0.0929 0.0662  0.0292  141 HIS A N   
464 C CA  . HIS A 62 ? 0.4210 0.5519 0.4448 -0.1005 0.0833  0.0270  141 HIS A CA  
465 C C   . HIS A 62 ? 0.4387 0.5763 0.4609 -0.1260 0.0900  0.0286  141 HIS A C   
466 O O   . HIS A 62 ? 0.4522 0.6249 0.4928 -0.1362 0.1045  0.0228  141 HIS A O   
467 C CB  . HIS A 62 ? 0.4236 0.5203 0.4146 -0.0975 0.0852  0.0310  141 HIS A CB  
468 C CG  . HIS A 62 ? 0.4624 0.5529 0.4348 -0.1093 0.1007  0.0308  141 HIS A CG  
469 N ND1 . HIS A 62 ? 0.4895 0.6000 0.4707 -0.1043 0.1161  0.0227  141 HIS A ND1 
470 C CD2 . HIS A 62 ? 0.5143 0.5764 0.4545 -0.1245 0.1024  0.0372  141 HIS A CD2 
471 C CE1 . HIS A 62 ? 0.5105 0.6090 0.4660 -0.1197 0.1296  0.0237  141 HIS A CE1 
472 N NE2 . HIS A 62 ? 0.5478 0.6142 0.4758 -0.1334 0.1203  0.0337  141 HIS A NE2 
473 N N   . GLU A 63 ? 0.4691 0.5745 0.4683 -0.1370 0.0803  0.0350  142 GLU A N   
474 C CA  . GLU A 63 ? 0.5319 0.6299 0.5189 -0.1647 0.0833  0.0375  142 GLU A CA  
475 C C   . GLU A 63 ? 0.5458 0.6918 0.5698 -0.1763 0.0842  0.0312  142 GLU A C   
476 O O   . GLU A 63 ? 0.5554 0.7218 0.5823 -0.2024 0.0969  0.0294  142 GLU A O   
477 C CB  . GLU A 63 ? 0.5839 0.6301 0.5361 -0.1667 0.0687  0.0439  142 GLU A CB  
478 C CG  . GLU A 63 ? 0.5823 0.5879 0.4984 -0.1603 0.0677  0.0499  142 GLU A CG  
479 C CD  . GLU A 63 ? 0.6041 0.5648 0.4920 -0.1502 0.0512  0.0537  142 GLU A CD  
480 O OE1 . GLU A 63 ? 0.5817 0.5410 0.4775 -0.1442 0.0416  0.0504  142 GLU A OE1 
481 O OE2 . GLU A 63 ? 0.6260 0.5538 0.4831 -0.1467 0.0476  0.0589  142 GLU A OE2 
482 N N   . ARG A 64 ? 0.5027 0.6711 0.5545 -0.1598 0.0720  0.0276  143 ARG A N   
483 C CA  . ARG A 64 ? 0.5628 0.7841 0.6543 -0.1677 0.0688  0.0210  143 ARG A CA  
484 C C   . ARG A 64 ? 0.5751 0.8547 0.7031 -0.1640 0.0853  0.0125  143 ARG A C   
485 O O   . ARG A 64 ? 0.5823 0.9110 0.7388 -0.1841 0.0900  0.0070  143 ARG A O   
486 C CB  . ARG A 64 ? 0.5950 0.8202 0.7003 -0.1487 0.0491  0.0200  143 ARG A CB  
487 C CG  . ARG A 64 ? 0.6636 0.8425 0.7368 -0.1574 0.0355  0.0247  143 ARG A CG  
488 C CD  . ARG A 64 ? 0.7384 0.9119 0.8137 -0.1382 0.0191  0.0242  143 ARG A CD  
489 N NE  . ARG A 64 ? 0.7992 1.0215 0.9112 -0.1367 0.0097  0.0194  143 ARG A NE  
490 C CZ  . ARG A 64 ? 0.8728 1.1097 0.9921 -0.1547 -0.0023 0.0174  143 ARG A CZ  
491 N NH1 . ARG A 64 ? 0.8809 1.0785 0.9675 -0.1757 -0.0058 0.0194  143 ARG A NH1 
492 N NH2 . ARG A 64 ? 0.8794 1.1688 1.0372 -0.1500 -0.0128 0.0126  143 ARG A NH2 
493 N N   . LEU A 65 ? 0.5800 0.8560 0.7060 -0.1414 0.0946  0.0101  144 LEU A N   
494 C CA  . LEU A 65 ? 0.6457 0.9712 0.7997 -0.1349 0.1141  -0.0006 144 LEU A CA  
495 C C   . LEU A 65 ? 0.6905 1.0163 0.8248 -0.1671 0.1363  -0.0002 144 LEU A C   
496 O O   . LEU A 65 ? 0.7795 1.1618 0.9430 -0.1746 0.1544  -0.0106 144 LEU A O   
497 C CB  . LEU A 65 ? 0.6455 0.9508 0.7900 -0.1022 0.1159  -0.0034 144 LEU A CB  
498 C CG  . LEU A 65 ? 0.6198 0.9244 0.7793 -0.0713 0.0960  -0.0048 144 LEU A CG  
499 C CD1 . LEU A 65 ? 0.6246 0.8960 0.7621 -0.0453 0.0986  -0.0068 144 LEU A CD1 
500 C CD2 . LEU A 65 ? 0.6349 1.0060 0.8469 -0.0603 0.0911  -0.0148 144 LEU A CD2 
501 N N   . GLN A 66 ? 0.7371 1.0014 0.8207 -0.1839 0.1353  0.0108  145 GLN A N   
502 C CA  . GLN A 66 ? 0.7458 0.9942 0.7958 -0.2164 0.1535  0.0138  145 GLN A CA  
503 C C   . GLN A 66 ? 0.7939 1.0616 0.8495 -0.2539 0.1540  0.0146  145 GLN A C   
504 O O   . GLN A 66 ? 0.8341 1.0997 0.8657 -0.2881 0.1714  0.0156  145 GLN A O   
505 C CB  . GLN A 66 ? 0.7277 0.8990 0.7185 -0.2172 0.1465  0.0259  145 GLN A CB  
506 C CG  . GLN A 66 ? 0.7395 0.8980 0.7153 -0.1982 0.1556  0.0239  145 GLN A CG  
507 C CD  . GLN A 66 ? 0.7893 0.8806 0.7130 -0.1968 0.1439  0.0353  145 GLN A CD  
508 O OE1 . GLN A 66 ? 0.7847 0.8427 0.6948 -0.1938 0.1246  0.0430  145 GLN A OE1 
509 N NE2 . GLN A 66 ? 0.7737 0.8470 0.6684 -0.1969 0.1549  0.0353  145 GLN A NE2 
510 N N   . ALA A 67 ? 0.8082 1.0898 0.8880 -0.2506 0.1354  0.0143  146 ALA A N   
511 C CA  . ALA A 67 ? 0.8545 1.1640 0.9468 -0.2860 0.1329  0.0128  146 ALA A CA  
512 C C   . ALA A 67 ? 0.8385 1.2484 0.9990 -0.2841 0.1431  -0.0016 146 ALA A C   
513 O O   . ALA A 67 ? 0.9214 1.3722 1.0906 -0.3072 0.1672  -0.0080 146 ALA A O   
514 C CB  . ALA A 67 ? 0.8156 1.0878 0.8961 -0.2817 0.1069  0.0183  146 ALA A CB  
515 N N   . LEU B 4  ? 0.7786 0.4611 0.4024 -0.1132 0.0799  -0.0290 546 LEU B N   
516 C CA  . LEU B 4  ? 0.7160 0.4954 0.4069 -0.1197 0.0490  -0.0241 546 LEU B CA  
517 C C   . LEU B 4  ? 0.7181 0.5202 0.4470 -0.1129 0.0516  -0.0119 546 LEU B C   
518 O O   . LEU B 4  ? 0.6427 0.5093 0.4221 -0.1024 0.0368  -0.0030 546 LEU B O   
519 C CB  . LEU B 4  ? 0.7359 0.5492 0.4275 -0.1607 0.0246  -0.0400 546 LEU B CB  
520 C CG  . LEU B 4  ? 0.7857 0.6117 0.4514 -0.1712 0.0034  -0.0501 546 LEU B CG  
521 C CD1 . LEU B 4  ? 0.8126 0.6938 0.4988 -0.2114 -0.0266 -0.0617 546 LEU B CD1 
522 C CD2 . LEU B 4  ? 0.7311 0.6005 0.4253 -0.1371 -0.0051 -0.0358 546 LEU B CD2 
523 N N   . GLN B 5  ? 0.7796 0.5260 0.4770 -0.1251 0.0698  -0.0135 547 GLN B N   
524 C CA  . GLN B 5  ? 0.7828 0.5418 0.5015 -0.1255 0.0731  -0.0031 547 GLN B CA  
525 C C   . GLN B 5  ? 0.6938 0.4778 0.4406 -0.0846 0.0696  0.0170  547 GLN B C   
526 O O   . GLN B 5  ? 0.6878 0.5124 0.4634 -0.0853 0.0602  0.0229  547 GLN B O   
527 C CB  . GLN B 5  ? 0.9214 0.5991 0.5890 -0.1419 0.0990  -0.0049 547 GLN B CB  
528 C CG  . GLN B 5  ? 1.0207 0.7053 0.6892 -0.1937 0.0995  -0.0210 547 GLN B CG  
529 C CD  . GLN B 5  ? 1.1689 0.7965 0.8081 -0.2068 0.1261  -0.0150 547 GLN B CD  
530 O OE1 . GLN B 5  ? 1.2594 0.8628 0.8872 -0.1734 0.1363  0.0051  547 GLN B OE1 
531 N NE2 . GLN B 5  ? 1.1738 0.7822 0.8003 -0.2583 0.1366  -0.0317 547 GLN B NE2 
532 N N   . LYS B 6  ? 0.7157 0.4769 0.4546 -0.0522 0.0783  0.0271  548 LYS B N   
533 C CA  . LYS B 6  ? 0.7077 0.5054 0.4824 -0.0176 0.0700  0.0461  548 LYS B CA  
534 C C   . LYS B 6  ? 0.6185 0.4895 0.4408 -0.0216 0.0478  0.0436  548 LYS B C   
535 O O   . LYS B 6  ? 0.5588 0.4606 0.4028 -0.0137 0.0353  0.0529  548 LYS B O   
536 C CB  . LYS B 6  ? 0.7910 0.5662 0.5643 0.0175  0.0852  0.0578  548 LYS B CB  
537 C CG  . LYS B 6  ? 0.8221 0.6121 0.6075 0.0206  0.0902  0.0501  548 LYS B CG  
538 C CD  . LYS B 6  ? 0.9133 0.6844 0.7052 0.0582  0.1136  0.0638  548 LYS B CD  
539 C CE  . LYS B 6  ? 0.9471 0.6820 0.7080 0.0553  0.1352  0.0515  548 LYS B CE  
540 N NZ  . LYS B 6  ? 1.0128 0.6678 0.6981 0.0288  0.1474  0.0330  548 LYS B NZ  
541 N N   . TRP B 7  ? 0.5479 0.4381 0.3765 -0.0350 0.0429  0.0316  549 TRP B N   
542 C CA  . TRP B 7  ? 0.4872 0.4334 0.3524 -0.0352 0.0271  0.0309  549 TRP B CA  
543 C C   . TRP B 7  ? 0.4507 0.4236 0.3289 -0.0509 0.0180  0.0284  549 TRP B C   
544 O O   . TRP B 7  ? 0.4161 0.4168 0.3159 -0.0438 0.0108  0.0333  549 TRP B O   
545 C CB  . TRP B 7  ? 0.5029 0.4514 0.3580 -0.0412 0.0256  0.0221  549 TRP B CB  
546 C CG  . TRP B 7  ? 0.5419 0.4572 0.3787 -0.0246 0.0427  0.0246  549 TRP B CG  
547 C CD1 . TRP B 7  ? 0.6240 0.4816 0.4134 -0.0274 0.0595  0.0176  549 TRP B CD1 
548 C CD2 . TRP B 7  ? 0.5198 0.4548 0.3858 -0.0034 0.0500  0.0346  549 TRP B CD2 
549 N NE1 . TRP B 7  ? 0.6350 0.4746 0.4231 -0.0033 0.0802  0.0246  549 TRP B NE1 
550 C CE2 . TRP B 7  ? 0.5964 0.4895 0.4374 0.0105  0.0743  0.0356  549 TRP B CE2 
551 C CE3 . TRP B 7  ? 0.4955 0.4761 0.4050 0.0023  0.0414  0.0420  549 TRP B CE3 
552 C CZ2 . TRP B 7  ? 0.6100 0.5175 0.4803 0.0316  0.0912  0.0457  549 TRP B CZ2 
553 C CZ3 . TRP B 7  ? 0.5093 0.5030 0.4455 0.0167  0.0543  0.0497  549 TRP B CZ3 
554 C CH2 . TRP B 7  ? 0.5499 0.5132 0.4726 0.0324  0.0795  0.0527  549 TRP B CH2 
555 N N   . VAL B 8  ? 0.4644 0.4267 0.3290 -0.0737 0.0212  0.0199  550 VAL B N   
556 C CA  . VAL B 8  ? 0.4543 0.4458 0.3382 -0.0891 0.0200  0.0181  550 VAL B CA  
557 C C   . VAL B 8  ? 0.4918 0.4637 0.3646 -0.0806 0.0280  0.0277  550 VAL B C   
558 O O   . VAL B 8  ? 0.4514 0.4495 0.3404 -0.0774 0.0262  0.0300  550 VAL B O   
559 C CB  . VAL B 8  ? 0.4952 0.4861 0.3752 -0.1210 0.0231  0.0068  550 VAL B CB  
560 C CG1 . VAL B 8  ? 0.5016 0.5284 0.4119 -0.1347 0.0290  0.0074  550 VAL B CG1 
561 C CG2 . VAL B 8  ? 0.5306 0.5465 0.4153 -0.1298 0.0066  -0.0022 550 VAL B CG2 
562 N N   A ARG B 9  ? 0.4984 0.4198 0.3370 -0.0741 0.0374  0.0342  551 ARG B N   
563 N N   B ARG B 9  ? 0.5299 0.4506 0.3679 -0.0755 0.0380  0.0337  551 ARG B N   
564 C CA  A ARG B 9  ? 0.5196 0.4138 0.3330 -0.0645 0.0424  0.0463  551 ARG B CA  
565 C CA  B ARG B 9  ? 0.5676 0.4610 0.3808 -0.0637 0.0423  0.0464  551 ARG B CA  
566 C C   A ARG B 9  ? 0.4931 0.4156 0.3210 -0.0430 0.0244  0.0547  551 ARG B C   
567 C C   B ARG B 9  ? 0.5134 0.4413 0.3457 -0.0451 0.0242  0.0529  551 ARG B C   
568 O O   A ARG B 9  ? 0.4833 0.4003 0.2933 -0.0418 0.0219  0.0598  551 ARG B O   
569 O O   B ARG B 9  ? 0.4817 0.4157 0.3066 -0.0486 0.0228  0.0539  551 ARG B O   
570 C CB  A ARG B 9  ? 0.5786 0.4076 0.3481 -0.0564 0.0567  0.0549  551 ARG B CB  
571 C CB  B ARG B 9  ? 0.6630 0.4967 0.4371 -0.0494 0.0530  0.0565  551 ARG B CB  
572 C CG  A ARG B 9  ? 0.6275 0.4107 0.3676 -0.0860 0.0794  0.0465  551 ARG B CG  
573 C CG  B ARG B 9  ? 0.7554 0.5321 0.4925 -0.0731 0.0766  0.0500  551 ARG B CG  
574 C CD  A ARG B 9  ? 0.6842 0.3912 0.3762 -0.0741 0.0966  0.0532  551 ARG B CD  
575 C CD  B ARG B 9  ? 0.8578 0.5609 0.5463 -0.0513 0.0922  0.0637  551 ARG B CD  
576 N NE  A ARG B 9  ? 0.7539 0.3976 0.4052 -0.1061 0.1226  0.0442  551 ARG B NE  
577 N NE  B ARG B 9  ? 0.9247 0.5806 0.5901 -0.0558 0.1081  0.0551  551 ARG B NE  
578 C CZ  A ARG B 9  ? 0.8057 0.3808 0.4072 -0.1089 0.1458  0.0540  551 ARG B CZ  
579 C CZ  B ARG B 9  ? 0.9565 0.5904 0.6149 -0.0228 0.1130  0.0642  551 ARG B CZ  
580 N NH1 A ARG B 9  ? 0.8140 0.3745 0.3939 -0.0784 0.1434  0.0756  551 ARG B NH1 
581 N NH1 B ARG B 9  ? 0.9225 0.5920 0.6085 0.0158  0.0989  0.0834  551 ARG B NH1 
582 N NH2 A ARG B 9  ? 0.8722 0.3890 0.4395 -0.1461 0.1715  0.0418  551 ARG B NH2 
583 N NH2 B ARG B 9  ? 1.0438 0.6210 0.6680 -0.0305 0.1334  0.0534  551 ARG B NH2 
584 N N   . VAL B 10 ? 0.4646 0.4124 0.3190 -0.0298 0.0140  0.0552  552 VAL B N   
585 C CA  . VAL B 10 ? 0.4702 0.4505 0.3453 -0.0184 -0.0033 0.0603  552 VAL B CA  
586 C C   . VAL B 10 ? 0.4502 0.4542 0.3368 -0.0317 -0.0055 0.0505  552 VAL B C   
587 O O   . VAL B 10 ? 0.4630 0.4690 0.3379 -0.0335 -0.0140 0.0512  552 VAL B O   
588 C CB  . VAL B 10 ? 0.4653 0.4648 0.3703 -0.0035 -0.0057 0.0641  552 VAL B CB  
589 C CG1 . VAL B 10 ? 0.4674 0.5086 0.4049 -0.0021 -0.0214 0.0656  552 VAL B CG1 
590 C CG2 . VAL B 10 ? 0.5229 0.4958 0.4159 0.0176  0.0007  0.0774  552 VAL B CG2 
591 N N   . TYR B 11 ? 0.4107 0.4277 0.3131 -0.0396 0.0017  0.0420  553 TYR B N   
592 C CA  . TYR B 11 ? 0.4038 0.4429 0.3203 -0.0438 0.0029  0.0364  553 TYR B CA  
593 C C   . TYR B 11 ? 0.4314 0.4597 0.3306 -0.0505 0.0128  0.0357  553 TYR B C   
594 O O   . TYR B 11 ? 0.4287 0.4551 0.3204 -0.0486 0.0145  0.0339  553 TYR B O   
595 C CB  . TYR B 11 ? 0.3782 0.4379 0.3136 -0.0463 0.0047  0.0318  553 TYR B CB  
596 C CG  . TYR B 11 ? 0.3540 0.4373 0.3060 -0.0431 0.0083  0.0307  553 TYR B CG  
597 C CD1 . TYR B 11 ? 0.3361 0.4189 0.2901 -0.0323 0.0082  0.0321  553 TYR B CD1 
598 C CD2 . TYR B 11 ? 0.3309 0.4347 0.2976 -0.0498 0.0161  0.0295  553 TYR B CD2 
599 C CE1 . TYR B 11 ? 0.3393 0.4329 0.3024 -0.0226 0.0163  0.0338  553 TYR B CE1 
600 C CE2 . TYR B 11 ? 0.3436 0.4743 0.3326 -0.0391 0.0222  0.0321  553 TYR B CE2 
601 C CZ  . TYR B 11 ? 0.3185 0.4374 0.3003 -0.0228 0.0240  0.0349  553 TYR B CZ  
602 O OH  . TYR B 11 ? 0.3293 0.4661 0.3285 -0.0067 0.0348  0.0398  553 TYR B OH  
603 N N   . LEU B 12 ? 0.4275 0.4423 0.3160 -0.0604 0.0240  0.0362  554 LEU B N   
604 C CA  . LEU B 12 ? 0.5052 0.5082 0.3781 -0.0683 0.0420  0.0361  554 LEU B CA  
605 C C   . LEU B 12 ? 0.5301 0.4951 0.3547 -0.0627 0.0390  0.0414  554 LEU B C   
606 O O   . LEU B 12 ? 0.5706 0.5186 0.3717 -0.0662 0.0555  0.0403  554 LEU B O   
607 C CB  . LEU B 12 ? 0.5569 0.5500 0.4286 -0.0856 0.0573  0.0354  554 LEU B CB  
608 C CG  . LEU B 12 ? 0.5727 0.6094 0.4893 -0.0986 0.0559  0.0282  554 LEU B CG  
609 C CD1 . LEU B 12 ? 0.6601 0.6854 0.5748 -0.1259 0.0719  0.0244  554 LEU B CD1 
610 C CD2 . LEU B 12 ? 0.5593 0.6451 0.5163 -0.0911 0.0594  0.0274  554 LEU B CD2 
611 N N   . ASP B 13 ? 0.5286 0.4830 0.3387 -0.0534 0.0189  0.0476  555 ASP B N   
612 C CA  . ASP B 13 ? 0.5852 0.5134 0.3496 -0.0482 0.0054  0.0541  555 ASP B CA  
613 C C   . ASP B 13 ? 0.5875 0.5337 0.3576 -0.0494 -0.0130 0.0478  555 ASP B C   
614 O O   . ASP B 13 ? 0.6766 0.6050 0.4062 -0.0512 -0.0288 0.0500  555 ASP B O   
615 C CB  . ASP B 13 ? 0.6190 0.5343 0.3714 -0.0346 -0.0084 0.0678  555 ASP B CB  
616 C CG  . ASP B 13 ? 0.7237 0.6103 0.4206 -0.0271 -0.0248 0.0789  555 ASP B CG  
617 O OD1 . ASP B 13 ? 0.7825 0.6411 0.4341 -0.0369 -0.0169 0.0748  555 ASP B OD1 
618 O OD2 . ASP B 13 ? 0.8017 0.6930 0.4988 -0.0096 -0.0438 0.0929  555 ASP B OD2 
619 N N   . ARG B 14 ? 0.5748 0.5499 0.3858 -0.0508 -0.0117 0.0402  556 ARG B N   
620 C CA  . ARG B 14 ? 0.5941 0.5747 0.4058 -0.0575 -0.0221 0.0324  556 ARG B CA  
621 C C   . ARG B 14 ? 0.7337 0.6740 0.4888 -0.0670 -0.0156 0.0247  556 ARG B C   
622 O O   . ARG B 14 ? 0.7401 0.6589 0.4782 -0.0646 0.0116  0.0226  556 ARG B O   
623 C CB  . ARG B 14 ? 0.6468 0.6463 0.4966 -0.0547 -0.0098 0.0273  556 ARG B CB  
624 C CG  . ARG B 14 ? 0.6585 0.6523 0.5096 -0.0499 0.0154  0.0244  556 ARG B CG  
625 C CD  . ARG B 14 ? 0.5456 0.5679 0.4381 -0.0406 0.0202  0.0259  556 ARG B CD  
626 N NE  . ARG B 14 ? 0.5842 0.6080 0.4824 -0.0310 0.0405  0.0256  556 ARG B NE  
627 C CZ  . ARG B 14 ? 0.5948 0.6357 0.5074 -0.0291 0.0541  0.0281  556 ARG B CZ  
628 N NH1 . ARG B 14 ? 0.5816 0.6274 0.4942 -0.0404 0.0505  0.0292  556 ARG B NH1 
629 N NH2 . ARG B 14 ? 0.5785 0.6300 0.5065 -0.0155 0.0742  0.0305  556 ARG B NH2 
# 
